data_8G9X
#
_entry.id   8G9X
#
_cell.length_a   1.00
_cell.length_b   1.00
_cell.length_c   1.00
_cell.angle_alpha   90.00
_cell.angle_beta   90.00
_cell.angle_gamma   90.00
#
_symmetry.space_group_name_H-M   'P 1'
#
loop_
_entity.id
_entity.type
_entity.pdbx_description
1 polymer 'Envelope glycoprotein gp41'
2 polymer 'Envelope glycoprotein gp120'
3 polymer 'vFP49.02 heavy chain'
4 polymer 'vFP49.02 light chain'
5 branched 2-acetamido-2-deoxy-beta-D-glucopyranose-(1-4)-2-acetamido-2-deoxy-beta-D-glucopyranose
6 branched beta-D-mannopyranose-(1-4)-2-acetamido-2-deoxy-beta-D-glucopyranose-(1-4)-2-acetamido-2-deoxy-beta-D-glucopyranose
7 branched alpha-D-mannopyranose-(1-3)-beta-D-mannopyranose-(1-4)-2-acetamido-2-deoxy-beta-D-glucopyranose-(1-4)-2-acetamido-2-deoxy-beta-D-glucopyranose
8 non-polymer 2-acetamido-2-deoxy-beta-D-glucopyranose
#
loop_
_entity_poly.entity_id
_entity_poly.type
_entity_poly.pdbx_seq_one_letter_code
_entity_poly.pdbx_strand_id
1 'polypeptide(L)'
;AVGIGAVFLGFLGAAGSTMGAASMTLTVQARNLLSGIVQQQSNLLRAPEAQQHLLKLTVWGIKQLQARVLAVERYLRDQQ
LLGIWGCSGKLICCTNVPWNSSWSNRNLSEIWDNMTWLQWDKEISNYTQIIYGLLEESQNQQEKNEQDLLALD
;
B,D,O
2 'polypeptide(L)'
;AENLWVTVYYGVPVWKDAETTLFCASDAKAYETEKHNVWATHACVPTDPNPQEIHLENVTEEFNMWKNNMVEQMHTDIIS
LWDQSLKPCVKLTPLCVTLQCTNVTNNITDDMRGELKNCSFNMTTELRDKKQKVYSLFYRLDVVQINENQGNRSNNSNKE
YRLINCNTSACTQACPKVSFEPIPIHYCAPAGFAILKCKDKKFNGTGPCPSVSTVQCTHGIKPVVSTQLLLNGSLAEEEV
MIRSENITNNAKNILVQFNTPVQINCTRPNNNTRKSIRIGPGQAFYATGDIIGDIRQAHCNVSKATWNETLGKVVKQLRK
HFGNNTIIRFANSSGGDLEVTTHSFNCGGEFFYCNTSGLFNSTWISNTSVQGSNSTGSNDSITLPCRIKQIINMWQRIGQ
CMYAPPIQGVIRCVSNITGLILTRDGGSTNSTTETFRPGGGDMRDNWRSELYKYKVVKIEPLGVAPTRCKRRVVGRRRRR
R
;
E,G,P
3 'polypeptide(L)'
;EVMLVESGGGLVKPGGSLKLSCEASGFSFGFYSLSWVRQTPEKRLEWVATIAGSGVGGQTYYPDSVKGRFTISRDNAKNT
LYLQMSSLRSEDTAVFYCARHGEGKYGSNFAYWGQGTTLTVSSASTTPPSVYPLAPGSAAQTNSMVTLGCLVKGYFPEPV
TVTWNSGSLSSGVHTFPAVLQSDLYTLSSSVTVPSSTWPSETVTCNVAHPASSTKVDKKIVPRDCDKGLEVLFQG
;
H
4 'polypeptide(L)'
;DVVLTQSPATLSVTPGDSVSLSCRASQTISDNLHWYLQKSHESPRLLIKYSSQSISGIPSRFSGSGSGTDFTLNINSVET
EDFGMYFCQQTNSWPLTFGAGTKLELKRTDAAPTVSIFPPSSEQLTSGGASVVCFLNNFYPKDINVKWKIDGSERQNGVL
NSWTDQDSKDSTYSMSSTLTLTKDEYERHNSYTCEATHKTSTSPIVKSFNRNEC
;
L
#
loop_
_chem_comp.id
_chem_comp.type
_chem_comp.name
_chem_comp.formula
BMA D-saccharide, beta linking beta-D-mannopyranose 'C6 H12 O6'
MAN D-saccharide, alpha linking alpha-D-mannopyranose 'C6 H12 O6'
NAG D-saccharide, beta linking 2-acetamido-2-deoxy-beta-D-glucopyranose 'C8 H15 N O6'
#
# COMPACT_ATOMS: atom_id res chain seq x y z
N ALA A 1 -48.60 -26.01 3.76
CA ALA A 1 -47.69 -26.64 4.71
C ALA A 1 -46.89 -25.59 5.48
N VAL A 2 -45.77 -26.02 6.05
CA VAL A 2 -44.87 -25.15 6.81
C VAL A 2 -43.60 -24.92 5.99
N GLY A 3 -43.29 -23.65 5.72
CA GLY A 3 -42.18 -23.33 4.84
C GLY A 3 -42.50 -22.93 3.42
N ILE A 4 -42.49 -21.62 3.16
CA ILE A 4 -42.82 -21.04 1.86
C ILE A 4 -41.75 -20.00 1.55
N GLY A 5 -41.65 -19.67 0.27
CA GLY A 5 -40.62 -18.73 -0.14
C GLY A 5 -41.06 -17.28 -0.16
N ALA A 6 -42.24 -16.98 0.40
CA ALA A 6 -42.76 -15.62 0.34
C ALA A 6 -42.12 -14.73 1.40
N VAL A 7 -42.31 -15.07 2.68
CA VAL A 7 -41.82 -14.25 3.78
C VAL A 7 -40.39 -14.58 4.21
N PHE A 8 -39.78 -15.61 3.62
CA PHE A 8 -38.39 -15.95 3.96
C PHE A 8 -37.43 -15.32 2.96
N LEU A 9 -37.11 -14.06 3.20
CA LEU A 9 -36.34 -13.27 2.26
C LEU A 9 -34.85 -13.57 2.40
N GLY A 10 -34.03 -12.77 1.73
CA GLY A 10 -32.59 -12.94 1.68
C GLY A 10 -31.82 -11.75 2.20
N PHE A 11 -30.59 -11.61 1.72
CA PHE A 11 -29.72 -10.51 2.12
C PHE A 11 -30.29 -9.18 1.66
N LEU A 12 -30.32 -8.21 2.59
CA LEU A 12 -30.93 -6.91 2.38
C LEU A 12 -32.39 -7.05 1.97
N GLY A 13 -33.06 -8.05 2.54
CA GLY A 13 -34.38 -8.40 2.04
C GLY A 13 -35.40 -7.35 2.40
N ALA A 14 -35.37 -6.89 3.64
CA ALA A 14 -36.33 -5.90 4.12
C ALA A 14 -35.74 -4.50 4.05
N ALA A 15 -34.90 -4.23 3.05
CA ALA A 15 -34.16 -2.99 2.97
C ALA A 15 -35.03 -1.79 2.63
N GLY A 16 -36.29 -2.01 2.24
CA GLY A 16 -37.22 -0.94 2.00
C GLY A 16 -38.31 -0.99 3.03
N SER A 17 -38.34 -2.10 3.77
CA SER A 17 -39.37 -2.33 4.76
C SER A 17 -39.22 -1.41 5.96
N THR A 18 -40.24 -1.40 6.79
CA THR A 18 -40.26 -0.60 7.99
C THR A 18 -39.31 -1.17 9.04
N MET A 19 -39.08 -0.35 10.05
CA MET A 19 -38.14 -0.63 11.11
C MET A 19 -38.59 -1.78 11.99
N GLY A 20 -39.90 -1.90 12.20
CA GLY A 20 -40.40 -3.01 13.00
C GLY A 20 -40.25 -4.35 12.34
N ALA A 21 -40.05 -4.39 11.01
CA ALA A 21 -39.76 -5.63 10.32
C ALA A 21 -38.32 -5.74 9.86
N ALA A 22 -37.56 -4.65 9.88
CA ALA A 22 -36.15 -4.73 9.54
C ALA A 22 -35.33 -5.16 10.74
N SER A 23 -35.74 -4.73 11.93
CA SER A 23 -35.11 -5.14 13.16
C SER A 23 -35.45 -6.55 13.57
N MET A 24 -36.33 -7.24 12.84
CA MET A 24 -36.54 -8.65 13.11
C MET A 24 -35.30 -9.47 12.77
N THR A 25 -34.71 -9.23 11.60
CA THR A 25 -33.51 -9.93 11.17
C THR A 25 -32.45 -8.88 10.86
N LEU A 26 -31.58 -8.59 11.83
CA LEU A 26 -30.44 -7.73 11.55
C LEU A 26 -29.15 -8.50 11.36
N THR A 27 -29.12 -9.76 11.78
CA THR A 27 -27.89 -10.53 11.74
C THR A 27 -27.51 -10.91 10.32
N VAL A 28 -28.48 -10.92 9.40
CA VAL A 28 -28.21 -11.37 8.05
C VAL A 28 -27.41 -10.33 7.28
N GLN A 29 -27.63 -9.04 7.57
CA GLN A 29 -26.73 -8.07 6.99
C GLN A 29 -25.43 -7.96 7.77
N ALA A 30 -25.40 -8.48 9.00
CA ALA A 30 -24.20 -8.37 9.81
C ALA A 30 -23.16 -9.41 9.44
N ARG A 31 -23.61 -10.64 9.25
CA ARG A 31 -22.73 -11.79 9.09
C ARG A 31 -22.16 -11.91 7.68
N ASN A 32 -22.83 -11.34 6.69
CA ASN A 32 -22.34 -11.30 5.33
C ASN A 32 -21.52 -10.04 5.05
N LEU A 33 -20.54 -9.80 5.90
CA LEU A 33 -19.69 -8.62 5.79
C LEU A 33 -18.20 -8.91 5.71
N LEU A 34 -17.76 -10.14 5.95
CA LEU A 34 -16.33 -10.42 5.88
C LEU A 34 -15.97 -11.48 4.86
N SER A 35 -16.64 -12.63 4.85
CA SER A 35 -16.31 -13.67 3.89
C SER A 35 -16.96 -13.39 2.54
N GLY A 36 -18.28 -13.33 2.51
CA GLY A 36 -19.02 -13.08 1.28
C GLY A 36 -20.48 -12.87 1.56
N THR A 58 0.74 -10.51 -10.82
CA THR A 58 1.12 -10.26 -9.44
C THR A 58 0.86 -8.82 -9.05
N VAL A 59 0.15 -8.12 -9.94
CA VAL A 59 -0.32 -6.77 -9.67
C VAL A 59 -1.84 -6.74 -9.48
N TRP A 60 -2.56 -7.69 -10.03
CA TRP A 60 -3.99 -7.86 -9.82
C TRP A 60 -4.29 -8.64 -8.56
N GLY A 61 -3.25 -9.00 -7.81
CA GLY A 61 -3.34 -9.37 -6.41
C GLY A 61 -3.32 -8.22 -5.41
N ILE A 62 -2.76 -7.06 -5.76
CA ILE A 62 -2.78 -5.97 -4.81
C ILE A 62 -4.10 -5.22 -4.77
N LYS A 63 -4.95 -5.39 -5.78
CA LYS A 63 -6.32 -4.93 -5.64
C LYS A 63 -7.14 -5.87 -4.77
N GLN A 64 -6.66 -7.08 -4.58
CA GLN A 64 -7.30 -7.98 -3.64
C GLN A 64 -6.84 -7.63 -2.24
N LEU A 65 -5.58 -7.24 -2.13
CA LEU A 65 -5.02 -6.89 -0.84
C LEU A 65 -5.65 -5.60 -0.35
N GLN A 66 -5.75 -4.60 -1.23
CA GLN A 66 -6.32 -3.34 -0.83
C GLN A 66 -7.84 -3.35 -0.86
N ALA A 67 -8.45 -4.47 -1.24
CA ALA A 67 -9.88 -4.63 -0.99
C ALA A 67 -10.12 -5.34 0.33
N ARG A 68 -9.17 -6.17 0.73
CA ARG A 68 -9.33 -6.89 1.98
C ARG A 68 -9.02 -5.99 3.15
N VAL A 69 -7.93 -5.23 3.08
CA VAL A 69 -7.61 -4.38 4.22
C VAL A 69 -8.47 -3.13 4.21
N LEU A 70 -9.34 -2.95 3.23
CA LEU A 70 -10.39 -1.97 3.40
C LEU A 70 -11.66 -2.57 3.98
N ALA A 71 -11.85 -3.86 3.77
CA ALA A 71 -13.03 -4.49 4.33
C ALA A 71 -12.85 -4.73 5.81
N VAL A 72 -11.67 -5.16 6.22
CA VAL A 72 -11.49 -5.44 7.63
C VAL A 72 -11.27 -4.16 8.40
N GLU A 73 -10.93 -3.07 7.73
CA GLU A 73 -10.76 -1.82 8.47
C GLU A 73 -12.13 -1.22 8.69
N ARG A 74 -12.98 -1.19 7.68
CA ARG A 74 -14.27 -0.59 7.94
C ARG A 74 -15.19 -1.52 8.70
N TYR A 75 -14.82 -2.80 8.84
CA TYR A 75 -15.53 -3.65 9.78
C TYR A 75 -15.06 -3.38 11.21
N LEU A 76 -13.75 -3.25 11.40
CA LEU A 76 -13.23 -2.98 12.73
C LEU A 76 -13.61 -1.61 13.23
N ARG A 77 -13.79 -0.65 12.33
CA ARG A 77 -14.20 0.67 12.80
C ARG A 77 -15.60 0.63 13.40
N ASP A 78 -16.48 -0.17 12.81
CA ASP A 78 -17.79 -0.33 13.42
C ASP A 78 -17.73 -1.23 14.64
N GLN A 79 -16.74 -2.11 14.70
CA GLN A 79 -16.63 -2.94 15.89
C GLN A 79 -15.94 -2.20 17.00
N GLN A 80 -15.35 -1.07 16.69
CA GLN A 80 -14.72 -0.23 17.69
C GLN A 80 -15.74 0.75 18.24
N LEU A 81 -16.53 1.37 17.35
CA LEU A 81 -17.61 2.22 17.83
C LEU A 81 -18.61 1.40 18.63
N LEU A 82 -18.81 0.14 18.27
CA LEU A 82 -19.63 -0.71 19.12
C LEU A 82 -18.92 -1.07 20.41
N GLY A 83 -17.61 -1.28 20.34
CA GLY A 83 -16.89 -1.78 21.49
C GLY A 83 -16.80 -0.78 22.63
N ILE A 84 -16.64 0.51 22.31
CA ILE A 84 -16.47 1.49 23.37
C ILE A 84 -17.76 1.99 23.98
N TRP A 85 -18.91 1.58 23.48
CA TRP A 85 -20.12 1.75 24.26
C TRP A 85 -20.35 0.53 25.15
N GLY A 86 -21.53 0.45 25.74
CA GLY A 86 -21.90 -0.64 26.62
C GLY A 86 -22.31 -1.90 25.92
N CYS A 87 -22.18 -1.93 24.60
CA CYS A 87 -22.80 -2.92 23.75
C CYS A 87 -21.65 -3.69 23.11
N SER A 88 -21.26 -4.79 23.75
CA SER A 88 -20.12 -5.55 23.23
C SER A 88 -20.45 -6.23 21.90
N GLY A 89 -21.41 -7.14 21.91
CA GLY A 89 -21.82 -7.71 20.65
C GLY A 89 -23.29 -8.01 20.59
N LYS A 90 -24.08 -7.29 21.39
CA LYS A 90 -25.48 -7.63 21.54
C LYS A 90 -26.31 -7.11 20.38
N LEU A 91 -25.79 -6.12 19.62
CA LEU A 91 -26.31 -5.69 18.33
C LEU A 91 -27.63 -4.91 18.42
N ILE A 92 -28.24 -4.92 19.59
CA ILE A 92 -29.37 -4.07 19.93
C ILE A 92 -29.29 -3.83 21.43
N CYS A 93 -29.25 -2.56 21.83
CA CYS A 93 -29.03 -2.26 23.23
C CYS A 93 -29.60 -0.90 23.61
N CYS A 94 -30.25 -0.88 24.76
CA CYS A 94 -30.75 0.36 25.32
C CYS A 94 -29.57 1.13 25.91
N THR A 95 -29.79 2.41 26.18
CA THR A 95 -28.75 3.22 26.77
C THR A 95 -29.47 4.07 27.81
N ASN A 96 -28.83 5.10 28.34
CA ASN A 96 -29.39 5.88 29.40
C ASN A 96 -29.66 7.31 28.99
N VAL A 97 -29.15 7.74 27.85
CA VAL A 97 -29.35 9.12 27.43
C VAL A 97 -30.77 9.29 26.91
N PRO A 98 -31.47 10.34 27.31
CA PRO A 98 -32.80 10.60 26.76
C PRO A 98 -32.74 11.14 25.34
N TRP A 99 -33.89 11.07 24.69
CA TRP A 99 -34.04 11.48 23.30
C TRP A 99 -34.62 12.89 23.30
N ASN A 100 -33.75 13.88 23.13
CA ASN A 100 -34.21 15.26 23.03
C ASN A 100 -34.97 15.43 21.73
N SER A 101 -36.17 16.01 21.83
CA SER A 101 -37.05 16.13 20.67
C SER A 101 -36.56 17.17 19.68
N SER A 102 -35.50 17.91 20.02
CA SER A 102 -34.89 18.80 19.05
C SER A 102 -34.20 18.00 17.97
N TRP A 103 -33.88 16.74 18.24
CA TRP A 103 -33.24 15.89 17.25
C TRP A 103 -34.24 15.51 16.17
N SER A 104 -35.32 14.85 16.56
CA SER A 104 -36.20 14.26 15.56
C SER A 104 -37.60 14.84 15.53
N ASN A 105 -38.16 15.20 16.70
CA ASN A 105 -39.49 15.79 16.90
C ASN A 105 -40.63 14.96 16.30
N ARG A 106 -40.39 13.70 16.00
CA ARG A 106 -41.38 12.83 15.39
C ARG A 106 -42.12 12.03 16.44
N ASN A 107 -43.29 11.54 16.06
CA ASN A 107 -44.05 10.66 16.93
C ASN A 107 -43.37 9.30 17.02
N LEU A 108 -43.64 8.61 18.13
CA LEU A 108 -43.09 7.28 18.29
C LEU A 108 -43.88 6.27 17.48
N SER A 109 -45.21 6.43 17.44
CA SER A 109 -46.08 5.47 16.80
C SER A 109 -45.92 5.43 15.29
N GLU A 110 -45.24 6.41 14.71
CA GLU A 110 -44.96 6.39 13.28
C GLU A 110 -43.61 5.78 12.99
N ILE A 111 -42.59 6.10 13.78
CA ILE A 111 -41.22 5.91 13.33
C ILE A 111 -40.74 4.48 13.53
N TRP A 112 -41.65 3.55 13.85
CA TRP A 112 -41.33 2.15 13.75
C TRP A 112 -42.14 1.39 12.70
N ASP A 113 -43.18 1.99 12.13
CA ASP A 113 -43.90 1.37 11.04
C ASP A 113 -44.37 2.28 9.91
N ASN A 114 -44.16 3.59 9.99
CA ASN A 114 -44.52 4.47 8.89
C ASN A 114 -43.34 4.75 7.96
N MET A 115 -42.27 5.31 8.51
CA MET A 115 -41.14 5.76 7.73
C MET A 115 -40.26 4.55 7.41
N THR A 116 -39.13 4.76 6.73
CA THR A 116 -38.18 3.67 6.54
C THR A 116 -36.77 4.08 6.92
N TRP A 117 -35.87 3.10 6.92
CA TRP A 117 -34.57 3.27 7.54
C TRP A 117 -33.73 4.25 6.75
N LEU A 118 -33.85 4.22 5.42
CA LEU A 118 -33.11 5.19 4.62
C LEU A 118 -33.69 6.58 4.83
N GLN A 119 -34.99 6.64 5.10
CA GLN A 119 -35.58 7.91 5.47
C GLN A 119 -35.12 8.29 6.85
N TRP A 120 -34.72 7.32 7.67
CA TRP A 120 -34.24 7.73 8.97
C TRP A 120 -32.83 8.29 8.84
N ASP A 121 -32.00 7.67 7.97
CA ASP A 121 -30.62 8.10 7.91
C ASP A 121 -30.54 9.48 7.29
N LYS A 122 -31.50 9.82 6.42
CA LYS A 122 -31.53 11.21 6.01
C LYS A 122 -32.09 12.08 7.13
N GLU A 123 -33.02 11.54 7.92
CA GLU A 123 -33.72 12.32 8.92
C GLU A 123 -32.89 12.59 10.16
N ILE A 124 -31.70 12.02 10.26
CA ILE A 124 -30.97 12.09 11.52
C ILE A 124 -29.52 12.51 11.30
N SER A 125 -29.08 12.53 10.04
CA SER A 125 -27.67 12.60 9.71
C SER A 125 -26.98 13.87 10.20
N ASN A 126 -27.73 14.91 10.53
CA ASN A 126 -27.12 16.07 11.18
C ASN A 126 -26.75 15.78 12.62
N TYR A 127 -27.50 14.91 13.27
CA TYR A 127 -27.46 14.77 14.72
C TYR A 127 -26.53 13.66 15.15
N THR A 128 -25.96 12.93 14.21
CA THR A 128 -24.82 12.08 14.51
C THR A 128 -23.62 12.95 14.81
N GLN A 129 -22.66 12.35 15.53
CA GLN A 129 -21.49 12.90 16.23
C GLN A 129 -21.86 13.77 17.41
N ILE A 130 -23.15 13.99 17.63
CA ILE A 130 -23.64 14.43 18.94
C ILE A 130 -24.05 13.23 19.76
N ILE A 131 -24.69 12.28 19.11
CA ILE A 131 -25.03 11.03 19.77
C ILE A 131 -23.78 10.23 20.02
N TYR A 132 -22.85 10.23 19.07
CA TYR A 132 -21.62 9.47 19.23
C TYR A 132 -20.75 10.06 20.33
N GLY A 133 -20.83 11.37 20.54
CA GLY A 133 -20.14 11.96 21.68
C GLY A 133 -20.90 11.70 22.96
N LEU A 134 -22.22 11.55 22.86
CA LEU A 134 -23.02 11.28 24.04
C LEU A 134 -22.82 9.85 24.53
N LEU A 135 -22.54 8.93 23.60
CA LEU A 135 -22.49 7.53 23.97
C LEU A 135 -21.23 7.20 24.73
N GLU A 136 -20.12 7.86 24.37
CA GLU A 136 -18.86 7.57 25.04
C GLU A 136 -18.89 8.08 26.48
N GLU A 137 -19.44 9.28 26.68
CA GLU A 137 -19.51 9.81 28.04
C GLU A 137 -20.55 9.07 28.85
N SER A 138 -21.61 8.58 28.18
CA SER A 138 -22.61 7.84 28.91
C SER A 138 -22.13 6.44 29.22
N GLN A 139 -21.08 6.01 28.56
CA GLN A 139 -20.52 4.74 28.97
C GLN A 139 -19.46 4.92 30.05
N ASN A 140 -18.54 5.86 29.84
CA ASN A 140 -17.45 6.03 30.79
C ASN A 140 -17.86 6.65 32.12
N GLN A 141 -18.90 7.47 32.17
CA GLN A 141 -19.40 7.91 33.46
C GLN A 141 -20.04 6.76 34.22
N GLN A 142 -20.76 5.89 33.53
CA GLN A 142 -21.34 4.74 34.19
C GLN A 142 -20.27 3.74 34.54
N GLU A 143 -19.15 3.81 33.84
CA GLU A 143 -18.07 2.86 34.04
C GLU A 143 -17.33 3.24 35.31
N LYS A 144 -16.98 4.51 35.44
CA LYS A 144 -16.27 4.89 36.65
C LYS A 144 -17.23 4.89 37.83
N ASN A 145 -18.53 5.11 37.60
CA ASN A 145 -19.44 5.00 38.72
C ASN A 145 -19.63 3.56 39.13
N GLU A 146 -19.45 2.63 38.17
CA GLU A 146 -19.39 1.22 38.51
C GLU A 146 -18.12 0.90 39.26
N GLN A 147 -17.03 1.59 38.96
CA GLN A 147 -15.80 1.30 39.70
C GLN A 147 -15.91 1.85 41.10
N ASP A 148 -16.52 3.01 41.26
CA ASP A 148 -16.67 3.57 42.58
C ASP A 148 -17.67 2.77 43.40
N LEU A 149 -18.64 2.14 42.73
CA LEU A 149 -19.53 1.19 43.39
C LEU A 149 -18.81 -0.10 43.77
N LEU A 150 -17.90 -0.57 42.91
CA LEU A 150 -17.16 -1.81 43.18
C LEU A 150 -16.04 -1.63 44.18
N ALA A 151 -15.55 -0.40 44.36
CA ALA A 151 -14.41 -0.17 45.23
C ALA A 151 -14.85 -0.21 46.69
N LEU A 152 -16.03 0.35 46.98
CA LEU A 152 -16.52 0.39 48.35
C LEU A 152 -16.90 -1.01 48.85
N ASP A 153 -17.34 -1.89 47.97
CA ASP A 153 -17.49 -3.29 48.33
C ASP A 153 -16.54 -4.19 47.55
N ALA B 1 12.51 -30.51 42.77
CA ALA B 1 12.26 -29.15 43.24
C ALA B 1 10.81 -28.74 43.01
N VAL B 2 10.55 -27.44 43.01
CA VAL B 2 9.22 -26.89 42.76
C VAL B 2 9.22 -26.23 41.39
N GLY B 3 8.30 -26.68 40.52
CA GLY B 3 8.30 -26.25 39.15
C GLY B 3 8.90 -27.23 38.16
N ILE B 4 8.05 -27.98 37.45
CA ILE B 4 8.52 -29.01 36.53
C ILE B 4 7.77 -28.89 35.21
N GLY B 5 8.36 -29.46 34.17
CA GLY B 5 7.89 -29.45 32.79
C GLY B 5 7.03 -30.62 32.37
N ALA B 6 6.58 -31.47 33.30
CA ALA B 6 5.83 -32.66 32.89
C ALA B 6 4.38 -32.35 32.55
N VAL B 7 3.61 -31.86 33.53
CA VAL B 7 2.19 -31.62 33.31
C VAL B 7 1.91 -30.23 32.74
N PHE B 8 2.94 -29.40 32.60
CA PHE B 8 2.77 -28.07 32.02
C PHE B 8 3.14 -28.14 30.54
N LEU B 9 2.18 -28.55 29.73
CA LEU B 9 2.46 -28.84 28.33
C LEU B 9 2.48 -27.53 27.53
N GLY B 10 2.55 -27.65 26.22
CA GLY B 10 2.67 -26.51 25.34
C GLY B 10 1.54 -26.39 24.35
N PHE B 11 1.85 -25.72 23.24
CA PHE B 11 0.88 -25.50 22.17
C PHE B 11 0.49 -26.83 21.56
N LEU B 12 -0.82 -27.02 21.38
CA LEU B 12 -1.39 -28.29 20.91
C LEU B 12 -0.96 -29.46 21.79
N GLY B 13 -0.85 -29.19 23.10
CA GLY B 13 -0.23 -30.16 23.98
C GLY B 13 -1.11 -31.39 24.19
N ALA B 14 -2.40 -31.16 24.44
CA ALA B 14 -3.34 -32.25 24.69
C ALA B 14 -4.10 -32.65 23.45
N ALA B 15 -3.46 -32.59 22.29
CA ALA B 15 -4.17 -32.80 21.04
C ALA B 15 -4.57 -34.25 20.81
N GLY B 16 -4.08 -35.17 21.62
CA GLY B 16 -4.50 -36.55 21.53
C GLY B 16 -5.26 -36.93 22.78
N SER B 17 -5.19 -36.06 23.78
CA SER B 17 -5.81 -36.30 25.06
C SER B 17 -7.33 -36.22 24.95
N THR B 18 -8.00 -36.66 26.01
CA THR B 18 -9.46 -36.64 26.04
C THR B 18 -9.98 -35.22 26.19
N MET B 19 -11.28 -35.09 25.95
CA MET B 19 -11.95 -33.80 25.94
C MET B 19 -11.99 -33.20 27.33
N GLY B 20 -12.13 -34.06 28.35
CA GLY B 20 -12.12 -33.58 29.71
C GLY B 20 -10.77 -33.09 30.15
N ALA B 21 -9.71 -33.47 29.43
CA ALA B 21 -8.38 -32.95 29.65
C ALA B 21 -7.94 -31.98 28.58
N ALA B 22 -8.65 -31.92 27.46
CA ALA B 22 -8.31 -30.93 26.45
C ALA B 22 -8.95 -29.60 26.77
N SER B 23 -10.14 -29.63 27.34
CA SER B 23 -10.81 -28.42 27.79
C SER B 23 -10.22 -27.83 29.06
N MET B 24 -9.24 -28.49 29.67
CA MET B 24 -8.52 -27.88 30.78
C MET B 24 -7.70 -26.66 30.33
N THR B 25 -6.97 -26.79 29.24
CA THR B 25 -6.18 -25.69 28.71
C THR B 25 -6.62 -25.43 27.29
N LEU B 26 -7.52 -24.47 27.10
CA LEU B 26 -7.88 -24.04 25.77
C LEU B 26 -7.21 -22.74 25.37
N THR B 27 -6.67 -22.00 26.33
CA THR B 27 -6.11 -20.69 26.05
C THR B 27 -4.80 -20.76 25.29
N VAL B 28 -4.11 -21.90 25.37
CA VAL B 28 -2.80 -21.99 24.76
C VAL B 28 -2.89 -22.08 23.25
N GLN B 29 -3.94 -22.72 22.74
CA GLN B 29 -4.15 -22.63 21.30
C GLN B 29 -4.82 -21.33 20.90
N ALA B 30 -5.38 -20.61 21.86
CA ALA B 30 -6.08 -19.38 21.54
C ALA B 30 -5.08 -18.24 21.35
N ARG B 31 -4.12 -18.13 22.26
CA ARG B 31 -3.23 -16.99 22.32
C ARG B 31 -2.12 -17.04 21.29
N ASN B 32 -1.74 -18.22 20.81
CA ASN B 32 -0.78 -18.34 19.74
C ASN B 32 -1.47 -18.39 18.38
N LEU B 33 -2.31 -17.39 18.15
CA LEU B 33 -3.05 -17.32 16.91
C LEU B 33 -2.85 -16.01 16.16
N LEU B 34 -2.26 -14.99 16.78
CA LEU B 34 -2.06 -13.74 16.07
C LEU B 34 -0.61 -13.33 15.96
N SER B 35 0.15 -13.35 17.05
CA SER B 35 1.55 -12.95 16.97
C SER B 35 2.41 -14.10 16.47
N GLY B 36 2.43 -15.21 17.20
CA GLY B 36 3.21 -16.37 16.83
C GLY B 36 2.89 -17.54 17.72
N THR B 58 11.64 -6.45 -2.30
CA THR B 58 10.31 -5.87 -2.11
C THR B 58 9.23 -6.81 -2.65
N VAL B 59 9.65 -8.01 -3.01
CA VAL B 59 8.74 -9.08 -3.41
C VAL B 59 8.66 -10.18 -2.35
N TRP B 60 9.68 -10.32 -1.54
CA TRP B 60 9.66 -11.26 -0.42
C TRP B 60 9.01 -10.66 0.81
N GLY B 61 8.51 -9.45 0.72
CA GLY B 61 7.52 -8.86 1.59
C GLY B 61 6.06 -9.14 1.32
N ILE B 62 5.71 -9.49 0.07
CA ILE B 62 4.31 -9.80 -0.18
C ILE B 62 3.91 -11.20 0.25
N LYS B 63 4.84 -12.12 0.47
CA LYS B 63 4.44 -13.34 1.15
C LYS B 63 4.23 -13.11 2.64
N GLN B 64 4.73 -12.01 3.16
CA GLN B 64 4.42 -11.64 4.54
C GLN B 64 3.08 -10.94 4.60
N LEU B 65 2.79 -10.14 3.57
CA LEU B 65 1.55 -9.39 3.54
C LEU B 65 0.37 -10.33 3.34
N GLN B 66 0.48 -11.25 2.38
CA GLN B 66 -0.62 -12.15 2.11
C GLN B 66 -0.68 -13.30 3.09
N ALA B 67 0.27 -13.40 4.02
CA ALA B 67 0.13 -14.29 5.15
C ALA B 67 -0.47 -13.59 6.34
N ARG B 68 -0.25 -12.28 6.44
CA ARG B 68 -0.80 -11.56 7.57
C ARG B 68 -2.28 -11.30 7.33
N VAL B 69 -2.63 -10.83 6.14
CA VAL B 69 -4.04 -10.55 5.91
C VAL B 69 -4.80 -11.83 5.61
N LEU B 70 -4.13 -12.98 5.57
CA LEU B 70 -4.86 -14.23 5.64
C LEU B 70 -5.00 -14.74 7.06
N ALA B 71 -4.08 -14.35 7.94
CA ALA B 71 -4.16 -14.78 9.32
C ALA B 71 -5.22 -13.98 10.04
N VAL B 72 -5.27 -12.68 9.77
CA VAL B 72 -6.24 -11.86 10.46
C VAL B 72 -7.60 -12.03 9.83
N GLU B 73 -7.65 -12.57 8.62
CA GLU B 73 -8.95 -12.79 8.00
C GLU B 73 -9.54 -14.07 8.56
N ARG B 74 -8.72 -15.10 8.64
CA ARG B 74 -9.27 -16.33 9.17
C ARG B 74 -9.39 -16.31 10.68
N TYR B 75 -8.79 -15.32 11.36
CA TYR B 75 -9.10 -15.10 12.77
C TYR B 75 -10.41 -14.33 12.94
N LEU B 76 -10.62 -13.31 12.12
CA LEU B 76 -11.85 -12.52 12.21
C LEU B 76 -13.08 -13.29 11.78
N ARG B 77 -12.96 -14.26 10.88
CA ARG B 77 -14.17 -14.99 10.52
C ARG B 77 -14.71 -15.83 11.67
N ASP B 78 -13.83 -16.45 12.45
CA ASP B 78 -14.36 -17.15 13.61
C ASP B 78 -14.67 -16.19 14.74
N GLN B 79 -14.04 -15.01 14.78
CA GLN B 79 -14.45 -14.14 15.86
C GLN B 79 -15.71 -13.38 15.54
N GLN B 80 -16.14 -13.43 14.29
CA GLN B 80 -17.40 -12.80 13.94
C GLN B 80 -18.50 -13.81 14.11
N LEU B 81 -18.30 -15.05 13.65
CA LEU B 81 -19.28 -16.10 13.92
C LEU B 81 -19.41 -16.35 15.41
N LEU B 82 -18.34 -16.18 16.17
CA LEU B 82 -18.43 -16.25 17.62
C LEU B 82 -19.14 -15.04 18.18
N GLY B 83 -18.93 -13.88 17.57
CA GLY B 83 -19.46 -12.65 18.14
C GLY B 83 -20.97 -12.60 18.06
N ILE B 84 -21.55 -13.12 16.97
CA ILE B 84 -22.99 -13.04 16.80
C ILE B 84 -23.76 -14.12 17.53
N TRP B 85 -23.10 -15.07 18.17
CA TRP B 85 -23.79 -15.87 19.16
C TRP B 85 -23.70 -15.21 20.53
N GLY B 86 -24.09 -15.94 21.57
CA GLY B 86 -24.05 -15.38 22.90
C GLY B 86 -22.70 -15.35 23.54
N CYS B 87 -21.67 -15.75 22.80
CA CYS B 87 -20.36 -16.06 23.37
C CYS B 87 -19.40 -15.05 22.79
N SER B 88 -19.20 -13.93 23.51
CA SER B 88 -18.33 -12.88 22.97
C SER B 88 -16.86 -13.31 22.97
N GLY B 89 -16.30 -13.55 24.15
CA GLY B 89 -14.95 -14.06 24.23
C GLY B 89 -14.79 -15.02 25.37
N LYS B 90 -15.90 -15.63 25.76
CA LYS B 90 -15.96 -16.42 26.97
C LYS B 90 -15.35 -17.81 26.78
N LEU B 91 -15.27 -18.29 25.54
CA LEU B 91 -14.48 -19.45 25.13
C LEU B 91 -15.06 -20.79 25.57
N ILE B 92 -16.05 -20.75 26.46
CA ILE B 92 -16.86 -21.90 26.84
C ILE B 92 -18.20 -21.31 27.25
N CYS B 93 -19.27 -21.79 26.62
CA CYS B 93 -20.56 -21.19 26.87
C CYS B 93 -21.69 -22.14 26.56
N CYS B 94 -22.66 -22.17 27.46
CA CYS B 94 -23.86 -22.95 27.23
C CYS B 94 -24.73 -22.22 26.22
N THR B 95 -25.70 -22.93 25.67
CA THR B 95 -26.61 -22.33 24.71
C THR B 95 -27.98 -22.91 25.06
N ASN B 96 -28.96 -22.75 24.20
CA ASN B 96 -30.31 -23.15 24.51
C ASN B 96 -30.81 -24.26 23.59
N VAL B 97 -30.10 -24.56 22.52
CA VAL B 97 -30.56 -25.59 21.59
C VAL B 97 -30.31 -26.97 22.20
N PRO B 98 -31.28 -27.86 22.14
CA PRO B 98 -31.07 -29.22 22.61
C PRO B 98 -30.21 -30.00 21.64
N TRP B 99 -29.70 -31.12 22.13
CA TRP B 99 -28.80 -31.98 21.38
C TRP B 99 -29.63 -33.11 20.79
N ASN B 100 -29.99 -32.99 19.53
CA ASN B 100 -30.72 -34.05 18.85
C ASN B 100 -29.83 -35.25 18.70
N SER B 101 -30.33 -36.41 19.10
CA SER B 101 -29.50 -37.61 19.09
C SER B 101 -29.28 -38.12 17.68
N SER B 102 -29.95 -37.52 16.70
CA SER B 102 -29.65 -37.84 15.31
C SER B 102 -28.29 -37.31 14.93
N TRP B 103 -27.79 -36.34 15.70
CA TRP B 103 -26.47 -35.79 15.41
C TRP B 103 -25.40 -36.79 15.83
N SER B 104 -25.37 -37.15 17.10
CA SER B 104 -24.23 -37.91 17.61
C SER B 104 -24.59 -39.29 18.11
N ASN B 105 -25.76 -39.48 18.72
CA ASN B 105 -26.28 -40.75 19.27
C ASN B 105 -25.34 -41.43 20.26
N ARG B 106 -24.35 -40.71 20.79
CA ARG B 106 -23.39 -41.29 21.69
C ARG B 106 -23.79 -41.12 23.14
N ASN B 107 -23.20 -41.97 23.98
CA ASN B 107 -23.39 -41.86 25.41
C ASN B 107 -22.66 -40.65 25.95
N LEU B 108 -23.13 -40.14 27.08
CA LEU B 108 -22.46 -39.00 27.69
C LEU B 108 -21.19 -39.43 28.41
N SER B 109 -21.24 -40.58 29.10
CA SER B 109 -20.14 -41.02 29.93
C SER B 109 -18.89 -41.37 29.14
N GLU B 110 -19.01 -41.52 27.83
CA GLU B 110 -17.87 -41.77 26.98
C GLU B 110 -17.29 -40.48 26.40
N ILE B 111 -18.14 -39.55 25.99
CA ILE B 111 -17.70 -38.51 25.07
C ILE B 111 -17.00 -37.36 25.76
N TRP B 112 -16.66 -37.53 27.04
CA TRP B 112 -15.71 -36.62 27.65
C TRP B 112 -14.42 -37.30 28.08
N ASP B 113 -14.35 -38.63 28.03
CA ASP B 113 -13.11 -39.33 28.32
C ASP B 113 -12.82 -40.55 27.46
N ASN B 114 -13.70 -40.96 26.55
CA ASN B 114 -13.35 -42.09 25.70
C ASN B 114 -12.76 -41.67 24.37
N MET B 115 -13.51 -40.92 23.59
CA MET B 115 -13.11 -40.57 22.24
C MET B 115 -12.11 -39.41 22.30
N THR B 116 -11.65 -38.91 21.15
CA THR B 116 -10.84 -37.69 21.15
C THR B 116 -11.34 -36.67 20.16
N TRP B 117 -10.73 -35.48 20.22
CA TRP B 117 -11.28 -34.31 19.55
C TRP B 117 -11.16 -34.44 18.05
N LEU B 118 -10.06 -35.05 17.59
CA LEU B 118 -9.93 -35.26 16.16
C LEU B 118 -10.94 -36.30 15.70
N GLN B 119 -11.27 -37.24 16.57
CA GLN B 119 -12.35 -38.16 16.28
C GLN B 119 -13.69 -37.45 16.36
N TRP B 120 -13.78 -36.37 17.13
CA TRP B 120 -15.05 -35.68 17.20
C TRP B 120 -15.33 -34.87 15.94
N ASP B 121 -14.29 -34.21 15.41
CA ASP B 121 -14.54 -33.33 14.28
C ASP B 121 -14.95 -34.12 13.07
N LYS B 122 -14.47 -35.36 12.98
CA LYS B 122 -14.97 -36.28 11.98
C LYS B 122 -16.36 -36.77 12.35
N GLU B 123 -16.63 -36.93 13.65
CA GLU B 123 -17.88 -37.55 14.06
C GLU B 123 -19.07 -36.63 13.95
N ILE B 124 -18.87 -35.35 13.62
CA ILE B 124 -19.99 -34.42 13.69
C ILE B 124 -20.06 -33.61 12.39
N SER B 125 -19.01 -33.72 11.55
CA SER B 125 -18.83 -32.78 10.46
C SER B 125 -19.95 -32.78 9.43
N ASN B 126 -20.75 -33.84 9.37
CA ASN B 126 -21.94 -33.78 8.52
C ASN B 126 -22.97 -32.86 9.13
N TYR B 127 -23.03 -32.81 10.46
CA TYR B 127 -24.12 -32.22 11.19
C TYR B 127 -23.83 -30.78 11.55
N THR B 128 -22.61 -30.36 11.27
CA THR B 128 -22.27 -28.96 11.24
C THR B 128 -22.93 -28.28 10.05
N GLN B 129 -23.06 -26.96 10.17
CA GLN B 129 -23.88 -26.06 9.37
C GLN B 129 -25.36 -26.27 9.58
N ILE B 130 -25.74 -27.26 10.36
CA ILE B 130 -27.05 -27.26 10.98
C ILE B 130 -26.95 -26.66 12.37
N ILE B 131 -25.88 -27.01 13.07
CA ILE B 131 -25.62 -26.40 14.36
C ILE B 131 -25.23 -24.93 14.17
N TYR B 132 -24.39 -24.66 13.15
CA TYR B 132 -24.00 -23.28 12.91
C TYR B 132 -25.18 -22.49 12.42
N GLY B 133 -26.11 -23.17 11.74
CA GLY B 133 -27.35 -22.55 11.37
C GLY B 133 -28.30 -22.44 12.53
N LEU B 134 -28.19 -23.36 13.50
CA LEU B 134 -29.08 -23.30 14.65
C LEU B 134 -28.71 -22.17 15.60
N LEU B 135 -27.44 -21.79 15.64
CA LEU B 135 -26.99 -20.86 16.66
C LEU B 135 -27.46 -19.43 16.42
N GLU B 136 -27.57 -18.97 15.17
CA GLU B 136 -27.98 -17.59 15.00
C GLU B 136 -29.45 -17.38 15.38
N GLU B 137 -30.35 -18.30 15.00
CA GLU B 137 -31.73 -18.08 15.42
C GLU B 137 -31.90 -18.35 16.91
N SER B 138 -31.10 -19.25 17.47
CA SER B 138 -31.25 -19.46 18.90
C SER B 138 -30.65 -18.33 19.70
N GLN B 139 -29.82 -17.51 19.07
CA GLN B 139 -29.33 -16.32 19.73
C GLN B 139 -30.28 -15.15 19.50
N ASN B 140 -30.72 -14.97 18.26
CA ASN B 140 -31.57 -13.85 17.90
C ASN B 140 -32.97 -13.96 18.47
N GLN B 141 -33.46 -15.18 18.70
CA GLN B 141 -34.72 -15.35 19.41
C GLN B 141 -34.57 -14.95 20.87
N GLN B 142 -33.43 -15.26 21.47
CA GLN B 142 -33.21 -14.86 22.86
C GLN B 142 -32.96 -13.38 22.92
N GLU B 143 -32.53 -12.81 21.81
CA GLU B 143 -32.19 -11.40 21.73
C GLU B 143 -33.47 -10.60 21.65
N LYS B 144 -34.37 -11.00 20.76
CA LYS B 144 -35.60 -10.25 20.63
C LYS B 144 -36.52 -10.51 21.82
N ASN B 145 -36.41 -11.68 22.45
CA ASN B 145 -37.23 -11.85 23.65
C ASN B 145 -36.68 -11.02 24.79
N GLU B 146 -35.37 -10.77 24.78
CA GLU B 146 -34.79 -9.79 25.69
C GLU B 146 -35.22 -8.39 25.35
N GLN B 147 -35.44 -8.12 24.06
CA GLN B 147 -35.88 -6.79 23.68
C GLN B 147 -37.33 -6.57 24.06
N ASP B 148 -38.15 -7.60 23.93
CA ASP B 148 -39.54 -7.47 24.32
C ASP B 148 -39.68 -7.36 25.82
N LEU B 149 -38.75 -7.97 26.56
CA LEU B 149 -38.69 -7.76 28.00
C LEU B 149 -38.21 -6.35 28.35
N LEU B 150 -37.25 -5.83 27.59
CA LEU B 150 -36.69 -4.51 27.83
C LEU B 150 -37.56 -3.35 27.35
N ALA B 151 -38.47 -3.61 26.41
CA ALA B 151 -39.27 -2.56 25.80
C ALA B 151 -40.36 -2.10 26.76
N LEU B 152 -40.96 -3.04 27.48
CA LEU B 152 -42.03 -2.70 28.40
C LEU B 152 -41.50 -1.88 29.57
N ASP B 153 -40.25 -2.08 29.94
CA ASP B 153 -39.60 -1.18 30.89
C ASP B 153 -38.43 -0.44 30.25
N ALA C 1 -8.71 -4.11 52.66
CA ALA C 1 -7.63 -3.24 53.07
C ALA C 1 -6.37 -3.52 52.26
N GLU C 2 -5.47 -4.32 52.86
CA GLU C 2 -4.21 -4.67 52.23
C GLU C 2 -4.38 -5.69 51.13
N ASN C 3 -5.57 -6.26 50.98
CA ASN C 3 -5.87 -7.20 49.92
C ASN C 3 -6.09 -6.43 48.60
N LEU C 4 -4.98 -5.98 48.06
CA LEU C 4 -5.00 -5.21 46.82
C LEU C 4 -5.11 -6.19 45.67
N TRP C 5 -5.83 -5.79 44.64
CA TRP C 5 -6.09 -6.68 43.51
C TRP C 5 -5.68 -6.01 42.21
N VAL C 6 -5.29 -6.84 41.26
CA VAL C 6 -4.89 -6.35 39.95
C VAL C 6 -6.12 -5.84 39.22
N THR C 7 -6.02 -4.63 38.69
CA THR C 7 -7.01 -4.01 37.81
C THR C 7 -6.34 -3.45 36.57
N VAL C 8 -6.72 -3.97 35.41
CA VAL C 8 -6.10 -3.50 34.18
C VAL C 8 -6.77 -2.18 33.77
N TYR C 9 -6.04 -1.41 32.97
CA TYR C 9 -6.49 -0.09 32.56
C TYR C 9 -6.20 0.03 31.07
N TYR C 10 -7.24 -0.05 30.25
CA TYR C 10 -7.10 0.08 28.81
C TYR C 10 -7.17 1.53 28.38
N GLY C 11 -6.37 1.89 27.38
CA GLY C 11 -6.36 3.26 26.92
C GLY C 11 -5.68 4.18 27.89
N VAL C 12 -4.39 4.01 28.11
CA VAL C 12 -3.73 4.74 29.18
C VAL C 12 -2.51 5.44 28.60
N PRO C 13 -2.28 6.70 28.92
CA PRO C 13 -1.19 7.41 28.24
C PRO C 13 0.18 7.04 28.77
N VAL C 14 0.85 6.18 28.00
CA VAL C 14 2.27 5.93 28.14
C VAL C 14 2.77 5.63 26.73
N TRP C 15 4.06 5.86 26.51
CA TRP C 15 4.63 5.59 25.20
C TRP C 15 6.04 5.07 25.38
N LYS C 16 6.51 4.34 24.38
CA LYS C 16 7.90 3.97 24.29
C LYS C 16 8.49 4.41 22.96
N ASP C 17 9.82 4.49 22.94
CA ASP C 17 10.51 4.84 21.72
C ASP C 17 10.50 3.66 20.78
N ALA C 18 10.26 3.93 19.51
CA ALA C 18 10.21 2.92 18.48
C ALA C 18 10.58 3.56 17.16
N GLU C 19 10.41 2.81 16.08
CA GLU C 19 10.67 3.32 14.74
C GLU C 19 9.85 2.47 13.79
N THR C 20 8.96 3.10 13.03
CA THR C 20 8.18 2.44 12.00
C THR C 20 8.13 3.34 10.78
N THR C 21 7.54 2.81 9.72
CA THR C 21 7.53 3.50 8.45
C THR C 21 6.54 4.65 8.51
N LEU C 22 7.02 5.85 8.26
CA LEU C 22 6.14 7.02 8.21
C LEU C 22 5.79 7.28 6.75
N PHE C 23 4.80 8.14 6.57
CA PHE C 23 4.36 8.45 5.23
C PHE C 23 4.25 9.95 5.02
N CYS C 24 4.02 10.33 3.77
CA CYS C 24 3.86 11.72 3.40
C CYS C 24 2.60 12.31 3.99
N ALA C 25 2.51 13.61 3.82
CA ALA C 25 1.23 14.31 3.66
C ALA C 25 1.59 15.52 2.82
N SER C 26 1.44 15.36 1.51
CA SER C 26 1.68 16.48 0.63
C SER C 26 0.54 17.48 0.83
N ASP C 27 0.86 18.75 0.68
CA ASP C 27 -0.18 19.75 0.84
C ASP C 27 -1.15 19.68 -0.32
N ALA C 28 -2.43 19.86 -0.02
CA ALA C 28 -3.44 19.65 -1.04
C ALA C 28 -3.42 20.77 -2.08
N LYS C 29 -2.87 21.92 -1.70
CA LYS C 29 -2.77 23.04 -2.63
C LYS C 29 -1.78 22.73 -3.73
N ALA C 30 -0.78 21.90 -3.47
CA ALA C 30 0.15 21.51 -4.50
C ALA C 30 -0.40 20.38 -5.36
N TYR C 31 -1.67 20.05 -5.21
CA TYR C 31 -2.30 19.02 -6.01
C TYR C 31 -2.89 19.56 -7.30
N GLU C 32 -2.92 20.89 -7.46
CA GLU C 32 -3.51 21.46 -8.66
C GLU C 32 -2.62 21.26 -9.86
N THR C 33 -1.30 21.21 -9.65
CA THR C 33 -0.38 21.01 -10.76
C THR C 33 -0.45 19.54 -11.15
N GLU C 34 -0.76 19.29 -12.41
CA GLU C 34 -1.31 18.00 -12.80
C GLU C 34 -0.20 16.98 -13.05
N LYS C 35 -0.32 15.81 -12.41
CA LYS C 35 0.35 14.58 -12.79
C LYS C 35 1.87 14.74 -12.78
N HIS C 36 2.40 15.05 -11.60
CA HIS C 36 3.82 14.98 -11.29
C HIS C 36 4.68 15.90 -12.16
N ASN C 37 4.40 17.20 -12.09
CA ASN C 37 5.34 18.14 -12.65
C ASN C 37 6.56 18.24 -11.76
N VAL C 38 6.40 17.90 -10.49
CA VAL C 38 7.49 17.63 -9.59
C VAL C 38 7.24 16.20 -9.10
N TRP C 39 8.29 15.56 -8.63
CA TRP C 39 8.13 14.26 -8.01
C TRP C 39 7.31 14.36 -6.73
N ALA C 40 6.52 13.31 -6.49
CA ALA C 40 5.74 13.08 -5.28
C ALA C 40 4.76 14.22 -5.01
N THR C 41 3.85 14.42 -5.97
CA THR C 41 2.69 15.28 -5.76
C THR C 41 1.37 14.57 -6.00
N HIS C 42 1.38 13.47 -6.75
CA HIS C 42 0.27 12.55 -6.86
C HIS C 42 0.53 11.26 -6.10
N ALA C 43 1.80 10.92 -5.86
CA ALA C 43 2.13 9.62 -5.30
C ALA C 43 1.69 9.48 -3.86
N CYS C 44 1.91 10.50 -3.04
CA CYS C 44 1.60 10.36 -1.63
C CYS C 44 0.58 11.41 -1.21
N VAL C 45 0.24 11.37 0.07
CA VAL C 45 -1.09 11.66 0.61
C VAL C 45 -1.39 13.16 0.64
N PRO C 46 -2.61 13.58 0.28
CA PRO C 46 -3.02 14.97 0.53
C PRO C 46 -3.12 15.21 2.02
N THR C 47 -2.75 16.42 2.44
CA THR C 47 -2.58 16.68 3.85
C THR C 47 -3.93 16.85 4.54
N ASP C 48 -3.87 17.22 5.80
CA ASP C 48 -4.99 17.59 6.61
C ASP C 48 -4.90 19.05 6.98
N PRO C 49 -6.02 19.70 7.24
CA PRO C 49 -5.97 21.02 7.89
C PRO C 49 -5.74 20.86 9.38
N ASN C 50 -5.28 21.95 9.99
CA ASN C 50 -5.04 22.26 11.41
C ASN C 50 -4.55 21.07 12.23
N PRO C 51 -3.30 20.66 12.06
CA PRO C 51 -2.80 19.47 12.77
C PRO C 51 -2.77 19.72 14.27
N GLN C 52 -3.22 18.74 15.03
CA GLN C 52 -3.57 18.93 16.44
C GLN C 52 -2.30 19.03 17.28
N GLU C 53 -1.65 20.18 17.20
CA GLU C 53 -0.51 20.46 18.04
C GLU C 53 -1.02 20.75 19.45
N ILE C 54 -0.89 19.79 20.34
CA ILE C 54 -1.51 19.84 21.65
C ILE C 54 -0.43 19.69 22.70
N HIS C 55 -0.47 20.56 23.71
CA HIS C 55 0.59 20.58 24.70
C HIS C 55 0.51 19.37 25.60
N LEU C 56 1.65 19.07 26.21
CA LEU C 56 1.82 17.97 27.14
C LEU C 56 2.41 18.64 28.36
N GLU C 57 1.54 19.10 29.23
CA GLU C 57 1.96 19.88 30.38
C GLU C 57 2.65 18.97 31.38
N ASN C 58 3.62 19.54 32.11
CA ASN C 58 4.39 18.83 33.12
C ASN C 58 5.10 17.62 32.54
N VAL C 59 5.59 17.76 31.31
CA VAL C 59 6.27 16.69 30.59
C VAL C 59 7.65 17.19 30.19
N THR C 60 8.68 16.44 30.55
CA THR C 60 10.01 16.61 30.03
C THR C 60 10.37 15.38 29.23
N GLU C 61 11.16 15.56 28.18
CA GLU C 61 11.42 14.41 27.32
C GLU C 61 12.81 14.43 26.72
N GLU C 62 13.48 13.29 26.81
CA GLU C 62 14.86 13.15 26.35
C GLU C 62 14.86 12.93 24.85
N PHE C 63 15.10 13.99 24.09
CA PHE C 63 15.18 13.92 22.64
C PHE C 63 16.57 13.46 22.23
N ASN C 64 16.75 13.19 20.94
CA ASN C 64 18.08 12.90 20.44
C ASN C 64 18.16 13.07 18.94
N MET C 65 19.34 13.47 18.47
CA MET C 65 19.62 13.65 17.06
C MET C 65 20.78 12.83 16.55
N TRP C 66 21.55 12.17 17.41
CA TRP C 66 22.65 11.48 16.77
C TRP C 66 22.40 10.02 16.51
N LYS C 67 21.86 9.30 17.47
CA LYS C 67 21.37 7.96 17.24
C LYS C 67 19.91 7.94 16.83
N ASN C 68 19.39 9.07 16.35
CA ASN C 68 18.00 9.10 15.91
C ASN C 68 17.81 8.32 14.61
N ASN C 69 16.67 7.67 14.50
CA ASN C 69 16.14 7.12 13.26
C ASN C 69 15.31 8.18 12.56
N MET C 70 14.55 7.76 11.54
CA MET C 70 13.59 8.52 10.72
C MET C 70 14.21 9.66 9.93
N VAL C 71 15.49 9.92 10.13
CA VAL C 71 16.25 10.70 9.16
C VAL C 71 17.01 9.78 8.24
N GLU C 72 17.07 8.50 8.56
CA GLU C 72 17.58 7.50 7.65
C GLU C 72 16.51 7.00 6.70
N GLN C 73 15.28 6.85 7.19
CA GLN C 73 14.19 6.46 6.31
C GLN C 73 13.83 7.55 5.32
N MET C 74 13.89 8.81 5.73
CA MET C 74 13.56 9.87 4.79
C MET C 74 14.62 9.98 3.71
N HIS C 75 15.88 9.70 4.05
CA HIS C 75 16.91 9.70 3.02
C HIS C 75 16.77 8.48 2.12
N THR C 76 16.21 7.41 2.67
CA THR C 76 16.09 6.18 1.92
C THR C 76 15.01 6.34 0.86
N ASP C 77 13.85 6.83 1.28
CA ASP C 77 12.77 6.87 0.30
C ASP C 77 12.97 8.06 -0.62
N ILE C 78 13.67 9.13 -0.19
CA ILE C 78 13.89 10.21 -1.14
C ILE C 78 14.86 9.78 -2.22
N ILE C 79 15.81 8.89 -1.89
CA ILE C 79 16.58 8.18 -2.91
C ILE C 79 15.66 7.37 -3.81
N SER C 80 14.66 6.75 -3.20
CA SER C 80 13.87 5.79 -3.97
C SER C 80 12.93 6.53 -4.93
N LEU C 81 12.29 7.60 -4.47
CA LEU C 81 11.46 8.33 -5.40
C LEU C 81 12.27 9.20 -6.35
N TRP C 82 13.54 9.44 -6.06
CA TRP C 82 14.40 10.00 -7.09
C TRP C 82 14.66 8.99 -8.19
N ASP C 83 14.72 7.72 -7.83
CA ASP C 83 14.85 6.75 -8.90
C ASP C 83 13.50 6.51 -9.56
N GLN C 84 12.43 6.83 -8.85
CA GLN C 84 11.13 6.71 -9.46
C GLN C 84 10.93 7.83 -10.46
N SER C 85 11.56 8.97 -10.20
CA SER C 85 11.40 10.08 -11.12
C SER C 85 12.49 10.07 -12.17
N LEU C 86 13.33 9.04 -12.19
CA LEU C 86 14.33 8.89 -13.22
C LEU C 86 14.16 7.64 -14.07
N LYS C 87 13.35 6.70 -13.62
CA LYS C 87 13.06 5.52 -14.43
C LYS C 87 12.24 5.75 -15.70
N PRO C 88 11.26 6.66 -15.74
CA PRO C 88 10.65 6.96 -17.04
C PRO C 88 11.54 7.69 -18.02
N CYS C 89 12.53 8.45 -17.57
CA CYS C 89 13.23 9.29 -18.52
C CYS C 89 14.17 8.47 -19.40
N VAL C 90 14.59 9.09 -20.50
CA VAL C 90 15.30 8.40 -21.57
C VAL C 90 16.77 8.21 -21.24
N LYS C 91 17.24 6.98 -21.37
CA LYS C 91 18.67 6.69 -21.23
C LYS C 91 19.46 7.30 -22.38
N LEU C 92 20.63 7.81 -22.06
CA LEU C 92 21.46 8.60 -22.97
C LEU C 92 22.75 7.85 -23.29
N THR C 93 22.60 6.56 -23.55
CA THR C 93 23.73 5.72 -23.97
C THR C 93 24.37 6.11 -25.29
N PRO C 94 23.65 6.32 -26.43
CA PRO C 94 24.34 6.45 -27.71
C PRO C 94 25.03 7.78 -27.94
N LEU C 95 25.22 8.54 -26.87
CA LEU C 95 25.98 9.77 -26.90
C LEU C 95 27.46 9.54 -26.63
N CYS C 96 27.84 8.35 -26.18
CA CYS C 96 29.23 8.00 -25.99
C CYS C 96 30.01 7.82 -27.29
N VAL C 97 30.22 8.93 -27.99
CA VAL C 97 30.95 8.96 -29.25
C VAL C 97 32.21 9.78 -29.03
N THR C 98 33.27 9.45 -29.77
CA THR C 98 34.51 10.20 -29.72
C THR C 98 34.28 11.61 -30.24
N LEU C 99 34.31 12.58 -29.36
CA LEU C 99 33.98 13.93 -29.76
C LEU C 99 35.13 14.56 -30.55
N GLN C 100 34.86 15.73 -31.12
CA GLN C 100 35.89 16.58 -31.69
C GLN C 100 35.54 18.00 -31.29
N CYS C 101 36.34 18.59 -30.42
CA CYS C 101 35.94 19.82 -29.75
C CYS C 101 36.94 20.93 -29.99
N THR C 102 36.42 22.11 -30.31
CA THR C 102 37.21 23.31 -30.36
C THR C 102 36.71 24.28 -29.30
N ASN C 103 37.35 25.43 -29.24
CA ASN C 103 36.93 26.51 -28.38
C ASN C 103 35.61 27.06 -28.88
N VAL C 104 34.77 27.53 -27.97
CA VAL C 104 33.59 28.26 -28.42
C VAL C 104 34.00 29.64 -28.93
N THR C 105 33.21 30.17 -29.88
CA THR C 105 33.53 31.45 -30.50
C THR C 105 33.23 32.59 -29.52
N ASN C 106 34.27 33.24 -29.05
CA ASN C 106 34.18 34.12 -27.90
C ASN C 106 35.46 34.90 -27.83
N ASN C 107 35.45 35.97 -27.07
CA ASN C 107 36.65 36.76 -26.92
C ASN C 107 37.47 36.08 -25.82
N ILE C 108 38.38 35.19 -26.24
CA ILE C 108 39.11 34.36 -25.28
C ILE C 108 40.20 35.23 -24.65
N THR C 109 40.00 35.60 -23.40
CA THR C 109 41.06 36.22 -22.63
C THR C 109 41.80 35.13 -21.89
N ASP C 110 43.09 35.36 -21.63
CA ASP C 110 43.86 34.34 -20.94
C ASP C 110 43.43 34.20 -19.48
N ASP C 111 42.89 35.27 -18.89
CA ASP C 111 42.44 35.18 -17.51
C ASP C 111 41.19 34.32 -17.41
N MET C 112 40.23 34.55 -18.30
CA MET C 112 39.07 33.69 -18.33
C MET C 112 39.52 32.41 -19.03
N ARG C 113 38.74 31.36 -18.96
CA ARG C 113 39.07 30.17 -19.73
C ARG C 113 37.85 29.81 -20.55
N GLY C 114 38.09 29.02 -21.60
CA GLY C 114 36.98 28.67 -22.45
C GLY C 114 36.28 27.72 -21.52
N GLU C 115 35.10 28.12 -21.10
CA GLU C 115 34.32 27.28 -20.20
C GLU C 115 33.53 26.27 -21.01
N LEU C 116 33.19 26.64 -22.23
CA LEU C 116 32.35 25.85 -23.09
C LEU C 116 33.12 25.50 -24.36
N LYS C 117 33.15 24.21 -24.65
CA LYS C 117 33.78 23.65 -25.82
C LYS C 117 32.73 23.34 -26.86
N ASN C 118 33.18 23.28 -28.11
CA ASN C 118 32.23 23.19 -29.22
C ASN C 118 31.72 21.77 -29.42
N CYS C 119 32.63 20.83 -29.70
CA CYS C 119 32.33 19.39 -29.70
C CYS C 119 31.28 19.03 -30.74
N SER C 120 31.71 19.09 -32.00
CA SER C 120 30.89 18.58 -33.10
C SER C 120 31.22 17.12 -33.33
N PHE C 121 30.19 16.28 -33.33
CA PHE C 121 30.37 14.84 -33.43
C PHE C 121 29.41 14.20 -34.43
N ASN C 122 29.36 12.88 -34.43
CA ASN C 122 28.42 12.09 -35.21
C ASN C 122 27.47 11.41 -34.24
N MET C 123 26.21 11.27 -34.63
CA MET C 123 25.26 10.59 -33.77
C MET C 123 24.19 10.06 -34.73
N THR C 124 23.71 8.85 -34.48
CA THR C 124 22.68 8.22 -35.30
C THR C 124 21.36 8.99 -35.32
N THR C 125 20.71 8.99 -36.46
CA THR C 125 19.38 9.57 -36.53
C THR C 125 18.34 8.50 -36.19
N GLU C 126 17.07 8.80 -36.47
CA GLU C 126 16.01 7.83 -36.22
C GLU C 126 16.09 6.66 -37.17
N LEU C 127 16.61 6.86 -38.37
CA LEU C 127 16.92 5.75 -39.24
C LEU C 127 18.18 5.07 -38.75
N ARG C 128 18.20 3.74 -38.83
CA ARG C 128 19.35 3.02 -38.32
C ARG C 128 20.51 3.10 -39.28
N ASP C 129 20.25 3.45 -40.54
CA ASP C 129 21.33 3.51 -41.51
C ASP C 129 22.06 4.84 -41.44
N LYS C 130 21.32 5.94 -41.47
CA LYS C 130 21.95 7.23 -41.52
C LYS C 130 22.53 7.62 -40.16
N LYS C 131 23.53 8.48 -40.20
CA LYS C 131 24.16 9.02 -39.00
C LYS C 131 24.39 10.51 -39.25
N GLN C 132 23.63 11.35 -38.57
CA GLN C 132 23.85 12.77 -38.75
C GLN C 132 25.11 13.21 -38.03
N LYS C 133 25.66 14.33 -38.47
CA LYS C 133 26.79 14.95 -37.82
C LYS C 133 26.28 16.22 -37.19
N VAL C 134 26.15 16.21 -35.87
CA VAL C 134 25.54 17.33 -35.17
C VAL C 134 26.60 17.93 -34.24
N TYR C 135 26.35 19.15 -33.82
CA TYR C 135 27.24 19.82 -32.87
C TYR C 135 26.39 20.35 -31.72
N SER C 136 27.07 20.74 -30.67
CA SER C 136 26.43 21.13 -29.42
C SER C 136 27.30 22.19 -28.77
N LEU C 137 27.13 22.37 -27.47
CA LEU C 137 28.11 23.05 -26.64
C LEU C 137 28.19 22.29 -25.33
N PHE C 138 29.38 22.27 -24.75
CA PHE C 138 29.61 21.48 -23.56
C PHE C 138 30.55 22.21 -22.62
N TYR C 139 30.33 22.04 -21.33
CA TYR C 139 31.24 22.66 -20.38
C TYR C 139 32.53 21.89 -20.32
N ARG C 140 33.57 22.57 -19.84
CA ARG C 140 34.88 21.96 -19.73
C ARG C 140 34.91 20.93 -18.61
N LEU C 141 33.98 21.01 -17.67
CA LEU C 141 33.86 20.03 -16.60
C LEU C 141 33.05 18.80 -16.99
N ASP C 142 32.86 18.52 -18.28
CA ASP C 142 32.16 17.31 -18.68
C ASP C 142 32.87 16.51 -19.75
N VAL C 143 33.97 17.00 -20.31
CA VAL C 143 34.72 16.29 -21.33
C VAL C 143 36.17 16.15 -20.90
N VAL C 144 36.77 15.01 -21.24
CA VAL C 144 38.19 14.80 -21.04
C VAL C 144 38.77 14.34 -22.36
N GLN C 145 40.09 14.48 -22.48
CA GLN C 145 40.71 14.29 -23.79
C GLN C 145 41.17 12.85 -23.94
N ILE C 146 40.79 12.25 -25.06
CA ILE C 146 41.32 10.93 -25.40
C ILE C 146 42.65 11.16 -26.09
N ASN C 147 43.72 10.69 -25.47
CA ASN C 147 45.04 11.01 -25.96
C ASN C 147 45.90 9.75 -26.08
N SER C 157 48.27 19.68 -34.29
CA SER C 157 47.57 18.41 -34.35
C SER C 157 46.06 18.60 -34.34
N ASN C 158 45.40 18.02 -33.34
CA ASN C 158 43.95 18.11 -33.20
C ASN C 158 43.62 18.08 -31.73
N LYS C 159 42.32 18.08 -31.43
CA LYS C 159 41.87 18.12 -30.04
C LYS C 159 40.52 17.39 -30.00
N GLU C 160 40.53 16.17 -29.49
CA GLU C 160 39.31 15.38 -29.47
C GLU C 160 39.05 14.84 -28.07
N TYR C 161 37.84 15.04 -27.61
CA TYR C 161 37.46 14.70 -26.25
C TYR C 161 36.54 13.49 -26.22
N ARG C 162 36.02 13.22 -25.04
CA ARG C 162 34.92 12.28 -24.84
C ARG C 162 34.25 12.70 -23.55
N LEU C 163 33.11 12.11 -23.26
CA LEU C 163 32.44 12.42 -22.01
C LEU C 163 33.18 11.81 -20.84
N ILE C 164 33.07 12.47 -19.68
CA ILE C 164 33.81 12.00 -18.53
C ILE C 164 33.12 10.78 -17.93
N ASN C 165 31.79 10.77 -17.96
CA ASN C 165 31.03 9.66 -17.41
C ASN C 165 30.91 8.52 -18.39
N CYS C 166 31.47 8.67 -19.59
CA CYS C 166 31.40 7.59 -20.58
C CYS C 166 32.18 6.41 -20.09
N ASN C 167 33.19 6.65 -19.28
CA ASN C 167 33.75 5.57 -18.51
C ASN C 167 32.79 5.22 -17.40
N THR C 168 32.41 3.94 -17.36
CA THR C 168 31.78 3.27 -16.22
C THR C 168 30.34 3.63 -15.88
N SER C 169 29.73 4.65 -16.50
CA SER C 169 28.36 4.96 -16.10
C SER C 169 27.61 5.73 -17.19
N ALA C 170 26.91 4.98 -18.03
CA ALA C 170 25.96 5.58 -18.97
C ALA C 170 24.69 5.97 -18.23
N CYS C 171 24.24 7.20 -18.39
CA CYS C 171 23.18 7.72 -17.53
C CYS C 171 22.22 8.57 -18.34
N THR C 172 21.03 8.72 -17.78
CA THR C 172 19.82 9.15 -18.48
C THR C 172 19.78 10.65 -18.69
N GLN C 173 18.89 11.06 -19.59
CA GLN C 173 18.47 12.45 -19.71
C GLN C 173 17.42 12.71 -18.63
N ALA C 174 17.00 13.96 -18.49
CA ALA C 174 15.89 14.33 -17.61
C ALA C 174 14.74 14.94 -18.39
N CYS C 175 13.56 14.38 -18.19
CA CYS C 175 12.38 14.79 -18.93
C CYS C 175 12.03 16.22 -18.53
N PRO C 176 11.85 17.14 -19.49
CA PRO C 176 11.56 18.53 -19.12
C PRO C 176 10.17 18.74 -18.54
N LYS C 177 9.33 17.71 -18.53
CA LYS C 177 8.08 17.78 -17.78
C LYS C 177 8.31 17.89 -16.28
N VAL C 178 9.19 17.06 -15.73
CA VAL C 178 9.43 17.12 -14.31
C VAL C 178 10.25 18.34 -13.93
N SER C 179 10.21 18.67 -12.64
CA SER C 179 10.85 19.84 -12.07
C SER C 179 11.51 19.45 -10.76
N PHE C 180 12.66 20.04 -10.48
CA PHE C 180 13.47 19.71 -9.32
C PHE C 180 13.18 20.59 -8.11
N GLU C 181 12.07 21.33 -8.12
CA GLU C 181 11.75 22.18 -6.99
C GLU C 181 11.39 21.39 -5.74
N PRO C 182 11.69 21.93 -4.56
CA PRO C 182 11.27 21.29 -3.31
C PRO C 182 9.83 21.69 -3.01
N ILE C 183 9.00 20.71 -2.69
CA ILE C 183 7.67 21.01 -2.16
C ILE C 183 7.66 20.65 -0.68
N PRO C 184 6.81 21.26 0.14
CA PRO C 184 6.77 20.87 1.55
C PRO C 184 6.24 19.45 1.69
N ILE C 185 6.76 18.75 2.70
CA ILE C 185 6.34 17.39 3.00
C ILE C 185 6.03 17.26 4.47
N HIS C 186 4.81 16.89 4.79
CA HIS C 186 4.40 16.67 6.17
C HIS C 186 4.48 15.18 6.44
N TYR C 187 5.48 14.76 7.20
CA TYR C 187 5.55 13.37 7.62
C TYR C 187 4.51 13.09 8.69
N CYS C 188 3.76 12.00 8.53
CA CYS C 188 2.75 11.68 9.51
C CYS C 188 2.95 10.26 10.01
N ALA C 189 2.70 10.07 11.29
CA ALA C 189 2.73 8.78 11.97
C ALA C 189 1.46 7.97 11.70
N PRO C 190 1.56 6.65 11.72
CA PRO C 190 0.37 5.80 11.60
C PRO C 190 -0.38 5.77 12.92
N ALA C 191 -1.43 4.95 12.95
CA ALA C 191 -2.28 4.86 14.13
C ALA C 191 -1.51 4.14 15.23
N GLY C 192 -1.56 4.68 16.44
CA GLY C 192 -0.82 4.11 17.53
C GLY C 192 0.52 4.75 17.75
N PHE C 193 0.86 5.76 16.97
CA PHE C 193 2.13 6.44 17.10
C PHE C 193 1.90 7.94 17.15
N ALA C 194 2.59 8.59 18.06
CA ALA C 194 2.55 10.04 18.20
C ALA C 194 3.84 10.67 17.72
N ILE C 195 3.82 11.98 17.48
CA ILE C 195 5.03 12.69 17.09
C ILE C 195 5.27 13.77 18.13
N LEU C 196 6.29 13.57 18.95
CA LEU C 196 6.65 14.56 19.95
C LEU C 196 7.46 15.68 19.32
N LYS C 197 7.11 16.91 19.66
CA LYS C 197 7.75 18.11 19.14
C LYS C 197 8.29 18.89 20.32
N CYS C 198 9.59 19.18 20.29
CA CYS C 198 10.21 19.89 21.40
C CYS C 198 9.99 21.37 21.19
N LYS C 199 9.23 22.00 22.09
CA LYS C 199 8.91 23.40 21.94
C LYS C 199 9.90 24.31 22.64
N ASP C 200 11.05 23.79 23.06
CA ASP C 200 11.98 24.58 23.84
C ASP C 200 12.73 25.54 22.92
N LYS C 201 12.77 26.81 23.30
CA LYS C 201 13.50 27.77 22.47
C LYS C 201 14.99 27.73 22.74
N LYS C 202 15.42 26.96 23.74
CA LYS C 202 16.83 26.72 24.00
C LYS C 202 16.96 25.21 24.14
N PHE C 203 17.37 24.57 23.06
CA PHE C 203 17.42 23.11 23.01
C PHE C 203 18.50 22.73 22.02
N ASN C 204 19.61 22.20 22.53
CA ASN C 204 20.60 21.58 21.65
C ASN C 204 20.18 20.17 21.28
N GLY C 205 21.10 19.37 20.78
CA GLY C 205 20.82 18.04 20.29
C GLY C 205 20.18 17.10 21.28
N THR C 206 20.91 16.72 22.31
CA THR C 206 20.44 15.74 23.26
C THR C 206 19.75 16.54 24.39
N GLY C 207 19.46 15.90 25.52
CA GLY C 207 19.03 16.57 26.72
C GLY C 207 17.52 16.53 26.84
N PRO C 208 17.01 16.56 28.08
CA PRO C 208 15.57 16.51 28.28
C PRO C 208 14.93 17.82 27.83
N CYS C 209 13.91 17.71 27.00
CA CYS C 209 13.22 18.88 26.53
C CYS C 209 11.98 19.08 27.39
N PRO C 210 11.96 20.07 28.28
CA PRO C 210 10.87 20.15 29.26
C PRO C 210 9.61 20.82 28.74
N SER C 211 9.48 20.97 27.43
CA SER C 211 8.25 21.54 26.89
C SER C 211 8.01 20.89 25.53
N VAL C 212 7.24 19.82 25.55
CA VAL C 212 6.94 19.06 24.36
C VAL C 212 5.50 19.31 23.97
N SER C 213 5.12 18.79 22.81
CA SER C 213 3.75 18.88 22.34
C SER C 213 3.56 17.77 21.33
N THR C 214 2.37 17.19 21.30
CA THR C 214 2.13 16.04 20.45
C THR C 214 1.43 16.46 19.18
N VAL C 215 1.98 16.08 18.05
CA VAL C 215 1.30 16.25 16.79
C VAL C 215 1.09 14.87 16.17
N GLN C 216 0.45 14.89 15.01
CA GLN C 216 0.33 13.74 14.13
C GLN C 216 0.99 13.96 12.79
N CYS C 217 1.19 15.21 12.37
CA CYS C 217 1.88 15.48 11.13
C CYS C 217 2.85 16.63 11.32
N THR C 218 4.06 16.46 10.80
CA THR C 218 5.09 17.47 10.90
C THR C 218 4.78 18.67 10.01
N HIS C 219 5.48 19.75 10.24
CA HIS C 219 5.35 20.91 9.37
C HIS C 219 6.00 20.61 8.01
N GLY C 220 5.67 21.46 7.05
CA GLY C 220 6.06 21.23 5.67
C GLY C 220 7.56 21.32 5.47
N ILE C 221 8.22 20.20 5.29
CA ILE C 221 9.66 20.19 5.07
C ILE C 221 9.95 20.27 3.58
N LYS C 222 10.81 21.21 3.20
CA LYS C 222 11.28 21.31 1.82
C LYS C 222 12.59 20.55 1.67
N PRO C 223 12.62 19.49 0.90
CA PRO C 223 13.87 18.79 0.57
C PRO C 223 14.69 19.56 -0.46
N VAL C 224 15.75 20.20 0.01
CA VAL C 224 16.66 20.92 -0.85
C VAL C 224 17.96 20.13 -0.87
N VAL C 225 18.86 20.49 -1.78
CA VAL C 225 20.17 19.84 -1.89
C VAL C 225 21.28 20.89 -1.92
N SER C 226 21.80 21.21 -0.75
CA SER C 226 23.02 21.98 -0.61
C SER C 226 23.97 21.22 0.28
N THR C 227 25.25 21.32 -0.02
CA THR C 227 26.28 20.59 0.70
C THR C 227 26.78 21.44 1.85
N GLN C 228 27.33 22.59 1.52
CA GLN C 228 27.54 23.64 2.49
C GLN C 228 26.44 24.66 2.31
N LEU C 229 26.28 25.54 3.30
CA LEU C 229 25.29 26.62 3.28
C LEU C 229 23.86 26.11 3.10
N LEU C 230 23.32 25.48 4.16
CA LEU C 230 21.92 25.05 4.14
C LEU C 230 20.98 26.20 3.77
N LEU C 231 19.93 25.87 3.01
CA LEU C 231 19.09 26.89 2.41
C LEU C 231 17.61 26.73 2.73
N ASN C 232 16.93 27.88 2.82
CA ASN C 232 15.48 27.98 2.65
C ASN C 232 14.68 27.22 3.71
N GLY C 233 15.19 27.07 4.92
CA GLY C 233 14.37 26.32 5.86
C GLY C 233 14.68 26.44 7.34
N SER C 234 13.64 26.72 8.13
CA SER C 234 13.59 26.45 9.58
C SER C 234 14.69 27.22 10.33
N LEU C 235 14.52 28.53 10.34
CA LEU C 235 15.39 29.43 11.08
C LEU C 235 15.24 29.23 12.58
N ALA C 236 16.22 29.73 13.32
CA ALA C 236 16.18 29.46 14.75
C ALA C 236 15.33 30.53 15.43
N GLU C 237 15.12 30.34 16.72
CA GLU C 237 14.16 31.18 17.42
C GLU C 237 14.78 32.51 17.84
N GLU C 238 15.76 32.45 18.73
CA GLU C 238 16.31 33.62 19.36
C GLU C 238 17.77 33.83 18.99
N GLU C 239 18.61 32.88 19.29
CA GLU C 239 20.04 32.98 19.08
C GLU C 239 20.45 32.27 17.80
N VAL C 240 21.75 32.12 17.63
CA VAL C 240 22.31 31.24 16.63
C VAL C 240 22.63 29.95 17.34
N MET C 241 21.90 28.89 17.05
CA MET C 241 22.11 27.68 17.82
C MET C 241 23.09 26.80 17.08
N ILE C 242 24.13 26.39 17.78
CA ILE C 242 25.04 25.37 17.29
C ILE C 242 24.82 24.10 18.09
N ARG C 243 25.00 22.97 17.42
CA ARG C 243 24.70 21.68 18.02
C ARG C 243 25.49 20.64 17.25
N SER C 244 26.07 19.68 17.98
CA SER C 244 26.88 18.64 17.38
C SER C 244 26.81 17.40 18.23
N GLU C 245 27.68 16.46 17.92
CA GLU C 245 28.15 15.40 18.81
C GLU C 245 29.27 15.98 19.66
N ASN C 246 30.20 15.15 20.11
CA ASN C 246 31.37 15.62 20.86
C ASN C 246 32.07 16.82 20.28
N ILE C 247 32.00 17.94 21.00
CA ILE C 247 32.55 19.17 20.44
C ILE C 247 34.06 19.15 20.59
N THR C 248 34.56 18.21 21.40
CA THR C 248 35.96 17.87 21.46
C THR C 248 36.32 16.74 20.51
N ASN C 249 35.51 16.52 19.49
CA ASN C 249 35.83 15.63 18.41
C ASN C 249 36.10 16.45 17.16
N ASN C 250 36.85 15.86 16.25
CA ASN C 250 37.30 16.56 15.07
C ASN C 250 36.67 15.95 13.83
N ALA C 251 35.93 14.86 14.01
CA ALA C 251 35.25 14.15 12.95
C ALA C 251 33.75 14.41 12.94
N LYS C 252 33.23 15.14 13.91
CA LYS C 252 31.80 15.43 13.99
C LYS C 252 31.54 16.86 13.56
N ASN C 253 30.66 17.02 12.57
CA ASN C 253 30.40 18.33 12.01
C ASN C 253 29.61 19.17 13.01
N ILE C 254 29.76 20.49 12.90
CA ILE C 254 29.05 21.43 13.74
C ILE C 254 27.96 22.12 12.93
N LEU C 255 26.73 21.61 13.10
CA LEU C 255 25.57 22.10 12.37
C LEU C 255 25.15 23.42 12.98
N VAL C 256 25.65 24.51 12.42
CA VAL C 256 25.23 25.84 12.84
C VAL C 256 23.85 26.12 12.26
N GLN C 257 22.95 26.65 13.08
CA GLN C 257 21.64 27.10 12.62
C GLN C 257 21.38 28.47 13.22
N PHE C 258 21.34 29.49 12.36
CA PHE C 258 21.24 30.86 12.83
C PHE C 258 19.85 31.40 12.64
N ASN C 259 19.62 32.57 13.23
CA ASN C 259 18.31 33.08 13.60
C ASN C 259 17.68 33.95 12.52
N THR C 260 18.46 34.83 11.90
CA THR C 260 18.05 35.69 10.80
C THR C 260 18.54 35.19 9.45
N PRO C 261 17.73 35.28 8.39
CA PRO C 261 18.13 34.68 7.10
C PRO C 261 19.13 35.53 6.35
N VAL C 262 19.92 34.86 5.51
CA VAL C 262 20.91 35.55 4.69
C VAL C 262 20.52 35.40 3.23
N GLN C 263 20.29 36.52 2.56
CA GLN C 263 19.68 36.46 1.24
C GLN C 263 20.74 36.23 0.17
N ILE C 264 20.54 35.20 -0.66
CA ILE C 264 21.44 34.89 -1.75
C ILE C 264 20.73 35.22 -3.05
N ASN C 265 21.53 35.56 -4.05
CA ASN C 265 21.03 36.18 -5.27
C ASN C 265 21.70 35.54 -6.47
N CYS C 266 21.66 34.21 -6.53
CA CYS C 266 22.42 33.52 -7.55
C CYS C 266 21.77 33.71 -8.91
N THR C 267 22.59 33.81 -9.94
CA THR C 267 22.08 34.10 -11.26
C THR C 267 22.96 33.42 -12.29
N ARG C 268 22.53 33.46 -13.53
CA ARG C 268 23.32 32.99 -14.66
C ARG C 268 22.95 33.82 -15.87
N PRO C 269 23.84 34.68 -16.36
CA PRO C 269 23.42 35.69 -17.34
C PRO C 269 23.59 35.28 -18.80
N ASN C 270 23.96 34.03 -19.06
CA ASN C 270 23.93 33.53 -20.42
C ASN C 270 22.50 33.23 -20.84
N ASN C 271 22.23 33.45 -22.13
CA ASN C 271 20.89 33.22 -22.67
C ASN C 271 20.62 31.74 -22.90
N ASN C 272 21.57 31.02 -23.48
CA ASN C 272 21.62 29.56 -23.49
C ASN C 272 20.41 28.95 -24.21
N THR C 273 20.35 29.20 -25.51
CA THR C 273 19.27 28.69 -26.32
C THR C 273 19.35 27.17 -26.43
N ARG C 274 18.21 26.50 -26.26
CA ARG C 274 18.12 25.05 -26.32
C ARG C 274 17.89 24.57 -27.76
N LYS C 275 18.12 23.28 -27.97
CA LYS C 275 17.73 22.63 -29.21
C LYS C 275 17.56 21.14 -28.98
N SER C 276 16.77 20.51 -29.83
CA SER C 276 16.40 19.11 -29.68
C SER C 276 17.02 18.33 -30.82
N ILE C 277 17.92 17.42 -30.49
CA ILE C 277 18.50 16.48 -31.44
C ILE C 277 17.77 15.15 -31.33
N ARG C 278 17.43 14.55 -32.46
CA ARG C 278 16.67 13.30 -32.42
C ARG C 278 17.64 12.14 -32.45
N ILE C 279 17.63 11.35 -31.38
CA ILE C 279 18.51 10.19 -31.28
C ILE C 279 17.98 9.06 -32.13
N GLY C 280 16.71 8.73 -31.95
CA GLY C 280 16.12 7.64 -32.68
C GLY C 280 14.62 7.78 -32.73
N PRO C 281 13.92 6.67 -32.61
CA PRO C 281 12.46 6.72 -32.60
C PRO C 281 11.97 7.27 -31.27
N GLY C 282 11.51 8.51 -31.25
CA GLY C 282 10.94 9.02 -30.02
C GLY C 282 11.94 9.26 -28.92
N GLN C 283 13.22 9.35 -29.25
CA GLN C 283 14.23 9.64 -28.25
C GLN C 283 14.83 11.02 -28.53
N ALA C 284 14.30 12.04 -27.86
CA ALA C 284 14.86 13.37 -28.02
C ALA C 284 16.05 13.53 -27.09
N PHE C 285 16.96 14.42 -27.47
CA PHE C 285 18.07 14.79 -26.63
C PHE C 285 18.21 16.31 -26.65
N TYR C 286 18.17 16.94 -25.49
CA TYR C 286 18.18 18.39 -25.43
C TYR C 286 19.62 18.85 -25.23
N ALA C 287 20.15 19.56 -26.22
CA ALA C 287 21.49 20.11 -26.15
C ALA C 287 21.44 21.62 -26.28
N THR C 288 22.37 22.28 -25.59
CA THR C 288 22.45 23.72 -25.69
C THR C 288 23.03 24.12 -27.03
N GLY C 289 22.30 24.94 -27.76
CA GLY C 289 22.77 25.37 -29.07
C GLY C 289 23.60 26.62 -28.89
N ASP C 290 23.21 27.69 -29.56
CA ASP C 290 23.94 28.94 -29.42
C ASP C 290 23.62 29.60 -28.08
N ILE C 291 24.55 30.44 -27.63
CA ILE C 291 24.37 31.29 -26.47
C ILE C 291 24.34 32.72 -26.99
N ILE C 292 23.28 33.44 -26.67
CA ILE C 292 23.05 34.76 -27.23
C ILE C 292 23.56 35.79 -26.23
N GLY C 293 24.43 36.68 -26.71
CA GLY C 293 24.96 37.76 -25.91
C GLY C 293 26.43 37.53 -25.61
N ASP C 294 26.78 37.51 -24.33
CA ASP C 294 28.15 37.35 -23.89
C ASP C 294 28.27 36.18 -22.96
N ILE C 295 29.47 35.65 -22.87
CA ILE C 295 29.79 34.54 -22.00
C ILE C 295 30.36 35.19 -20.74
N ARG C 296 29.50 35.29 -19.74
CA ARG C 296 29.78 35.95 -18.48
C ARG C 296 29.63 34.92 -17.37
N GLN C 297 30.30 35.17 -16.25
CA GLN C 297 30.29 34.20 -15.17
C GLN C 297 29.11 34.34 -14.24
N ALA C 298 28.56 33.18 -13.89
CA ALA C 298 27.45 33.09 -12.96
C ALA C 298 27.97 33.31 -11.55
N HIS C 299 27.26 34.10 -10.75
CA HIS C 299 27.81 34.44 -9.45
C HIS C 299 26.68 34.42 -8.43
N CYS C 300 27.04 34.68 -7.18
CA CYS C 300 26.08 34.81 -6.10
C CYS C 300 26.52 35.98 -5.24
N ASN C 301 25.59 36.62 -4.54
CA ASN C 301 25.95 37.76 -3.70
C ASN C 301 25.45 37.61 -2.28
N VAL C 302 26.27 38.07 -1.32
CA VAL C 302 25.82 38.30 0.05
C VAL C 302 26.25 39.66 0.55
N SER C 303 25.47 40.21 1.48
CA SER C 303 25.80 41.50 2.06
C SER C 303 26.91 41.33 3.07
N LYS C 304 27.96 42.15 2.93
CA LYS C 304 29.13 42.01 3.78
C LYS C 304 28.83 42.40 5.21
N ALA C 305 27.91 43.34 5.41
CA ALA C 305 27.52 43.74 6.76
C ALA C 305 26.70 42.65 7.43
N THR C 306 25.99 41.87 6.63
CA THR C 306 25.15 40.83 7.21
C THR C 306 26.00 39.63 7.51
N TRP C 307 26.91 39.31 6.59
CA TRP C 307 27.69 38.11 6.75
C TRP C 307 28.67 38.32 7.89
N ASN C 308 29.26 39.52 7.96
CA ASN C 308 30.17 39.83 9.05
C ASN C 308 29.43 39.92 10.38
N GLU C 309 28.16 40.35 10.36
CA GLU C 309 27.39 40.35 11.59
C GLU C 309 27.05 38.95 12.04
N THR C 310 26.84 38.05 11.09
CA THR C 310 26.52 36.69 11.44
C THR C 310 27.76 35.98 11.96
N LEU C 311 28.92 36.28 11.37
CA LEU C 311 30.13 35.74 11.96
C LEU C 311 30.44 36.37 13.31
N GLY C 312 29.94 37.59 13.56
CA GLY C 312 30.03 38.16 14.89
C GLY C 312 29.13 37.46 15.88
N LYS C 313 28.07 36.85 15.38
CA LYS C 313 27.20 36.08 16.25
C LYS C 313 27.84 34.74 16.56
N VAL C 314 28.28 34.05 15.53
CA VAL C 314 28.82 32.72 15.71
C VAL C 314 30.19 32.73 16.36
N VAL C 315 30.86 33.88 16.44
CA VAL C 315 32.12 33.88 17.16
C VAL C 315 31.86 34.10 18.64
N LYS C 316 30.66 34.52 18.99
CA LYS C 316 30.27 34.60 20.37
C LYS C 316 29.78 33.24 20.82
N GLN C 317 28.98 32.61 19.98
CA GLN C 317 28.47 31.31 20.37
C GLN C 317 29.55 30.24 20.32
N LEU C 318 30.58 30.40 19.49
CA LEU C 318 31.66 29.42 19.55
C LEU C 318 32.50 29.62 20.80
N ARG C 319 32.61 30.87 21.27
CA ARG C 319 33.34 31.08 22.51
C ARG C 319 32.51 30.64 23.69
N LYS C 320 31.22 30.41 23.49
CA LYS C 320 30.43 29.89 24.58
C LYS C 320 30.79 28.44 24.88
N HIS C 321 31.31 27.72 23.88
CA HIS C 321 31.76 26.36 24.07
C HIS C 321 33.26 26.21 24.23
N PHE C 322 34.03 27.19 23.76
CA PHE C 322 35.48 27.09 23.81
C PHE C 322 36.13 28.15 24.67
N GLY C 323 35.38 28.80 25.55
CA GLY C 323 35.96 29.80 26.41
C GLY C 323 36.25 31.11 25.71
N ASN C 324 36.69 32.07 26.51
CA ASN C 324 37.10 33.38 26.03
C ASN C 324 38.58 33.35 25.68
N ASN C 325 39.10 34.52 25.29
CA ASN C 325 40.44 34.73 24.73
C ASN C 325 40.82 33.63 23.74
N THR C 326 39.88 33.31 22.86
CA THR C 326 40.08 32.27 21.85
C THR C 326 40.01 32.88 20.46
N ILE C 327 41.14 32.84 19.75
CA ILE C 327 41.30 33.58 18.50
C ILE C 327 40.64 32.78 17.39
N ILE C 328 39.37 33.02 17.13
CA ILE C 328 38.66 32.22 16.16
C ILE C 328 38.95 32.70 14.75
N ARG C 329 39.38 31.79 13.88
CA ARG C 329 39.64 32.12 12.50
C ARG C 329 38.95 31.11 11.60
N PHE C 330 38.85 31.45 10.31
CA PHE C 330 38.19 30.58 9.36
C PHE C 330 39.12 30.22 8.22
N ALA C 331 38.78 29.14 7.52
CA ALA C 331 39.57 28.70 6.38
C ALA C 331 38.61 28.06 5.39
N ASN C 332 39.15 27.43 4.34
CA ASN C 332 38.31 27.17 3.17
C ASN C 332 38.33 25.70 2.76
N SER C 333 38.10 24.79 3.71
CA SER C 333 37.81 23.37 3.43
C SER C 333 38.94 22.71 2.64
N SER C 334 40.05 22.48 3.36
CA SER C 334 41.39 22.16 2.87
C SER C 334 41.46 21.32 1.59
N GLY C 335 40.65 20.27 1.52
CA GLY C 335 40.64 19.42 0.36
C GLY C 335 39.30 18.72 0.22
N GLY C 336 39.21 17.90 -0.80
CA GLY C 336 38.07 17.06 -1.04
C GLY C 336 37.71 17.09 -2.51
N ASP C 337 36.56 16.49 -2.84
CA ASP C 337 36.13 16.49 -4.22
C ASP C 337 35.56 17.85 -4.63
N LEU C 338 35.16 17.95 -5.89
CA LEU C 338 34.64 19.20 -6.40
C LEU C 338 33.25 19.46 -5.86
N GLU C 339 32.61 18.43 -5.31
CA GLU C 339 31.26 18.54 -4.82
C GLU C 339 31.21 18.61 -3.30
N VAL C 340 32.36 18.76 -2.66
CA VAL C 340 32.39 18.92 -1.21
C VAL C 340 33.17 20.17 -0.87
N THR C 341 34.15 20.51 -1.70
CA THR C 341 34.87 21.77 -1.52
C THR C 341 34.08 22.97 -1.98
N THR C 342 32.90 22.77 -2.55
CA THR C 342 32.16 23.83 -3.20
C THR C 342 30.76 23.87 -2.64
N HIS C 343 30.07 24.97 -2.89
CA HIS C 343 28.66 25.04 -2.51
C HIS C 343 27.85 24.57 -3.71
N SER C 344 27.52 23.29 -3.70
CA SER C 344 26.90 22.64 -4.83
C SER C 344 25.39 22.69 -4.61
N PHE C 345 24.66 23.28 -5.54
CA PHE C 345 23.23 23.39 -5.34
C PHE C 345 22.50 23.46 -6.67
N ASN C 346 21.19 23.58 -6.57
CA ASN C 346 20.27 23.66 -7.68
C ASN C 346 19.58 25.01 -7.66
N CYS C 347 19.31 25.51 -8.86
CA CYS C 347 18.69 26.82 -9.02
C CYS C 347 17.91 26.75 -10.31
N GLY C 348 16.59 26.59 -10.17
CA GLY C 348 15.70 26.61 -11.31
C GLY C 348 15.80 25.40 -12.18
N GLY C 349 16.54 24.38 -11.76
CA GLY C 349 16.72 23.21 -12.56
C GLY C 349 18.12 23.09 -13.09
N GLU C 350 19.04 23.96 -12.68
CA GLU C 350 20.41 23.82 -13.13
C GLU C 350 21.35 23.92 -11.94
N PHE C 351 22.52 23.29 -12.08
CA PHE C 351 23.31 22.86 -10.94
C PHE C 351 24.57 23.70 -10.84
N PHE C 352 24.52 24.68 -9.95
CA PHE C 352 25.63 25.59 -9.75
C PHE C 352 26.63 24.98 -8.78
N TYR C 353 27.91 25.14 -9.09
CA TYR C 353 28.99 24.82 -8.18
C TYR C 353 29.77 26.09 -7.90
N CYS C 354 29.62 26.63 -6.71
CA CYS C 354 30.19 27.94 -6.41
C CYS C 354 31.59 27.74 -5.82
N ASN C 355 32.16 28.76 -5.20
CA ASN C 355 33.50 28.68 -4.64
C ASN C 355 33.48 29.51 -3.36
N THR C 356 33.16 28.85 -2.26
CA THR C 356 33.17 29.51 -0.96
C THR C 356 34.61 29.61 -0.50
N SER C 357 35.32 30.59 -1.05
CA SER C 357 36.64 30.91 -0.56
C SER C 357 36.85 32.40 -0.38
N GLY C 358 35.83 33.23 -0.63
CA GLY C 358 35.89 34.63 -0.30
C GLY C 358 35.06 34.86 0.94
N LEU C 359 34.36 33.81 1.36
CA LEU C 359 33.50 33.84 2.53
C LEU C 359 34.24 33.33 3.75
N PHE C 360 34.70 32.10 3.70
CA PHE C 360 35.27 31.44 4.87
C PHE C 360 36.75 31.77 5.00
N ASN C 361 37.02 33.05 5.22
CA ASN C 361 38.40 33.50 5.30
C ASN C 361 38.43 34.73 6.21
N SER C 362 38.67 34.50 7.49
CA SER C 362 38.67 35.59 8.47
C SER C 362 39.48 35.16 9.67
N THR C 363 39.59 36.05 10.63
CA THR C 363 40.13 35.73 11.94
C THR C 363 39.58 36.71 12.97
N TRP C 364 39.25 36.20 14.14
CA TRP C 364 38.52 36.98 15.12
C TRP C 364 39.22 36.80 16.45
N ILE C 365 39.57 37.91 17.08
CA ILE C 365 40.22 37.88 18.39
C ILE C 365 39.24 38.43 19.42
N SER C 366 39.39 37.99 20.67
CA SER C 366 38.36 38.19 21.68
C SER C 366 38.24 39.64 22.13
N ASN C 367 39.03 40.54 21.57
CA ASN C 367 38.97 41.95 21.91
C ASN C 367 37.73 42.60 21.30
N ASN C 379 28.26 47.80 3.12
CA ASN C 379 27.32 48.05 2.04
C ASN C 379 27.61 47.15 0.84
N ASP C 380 28.88 46.85 0.62
CA ASP C 380 29.28 46.06 -0.53
C ASP C 380 28.87 44.61 -0.36
N SER C 381 28.98 43.87 -1.45
CA SER C 381 28.55 42.48 -1.49
C SER C 381 29.71 41.58 -1.83
N ILE C 382 29.67 40.37 -1.30
CA ILE C 382 30.64 39.34 -1.63
C ILE C 382 30.07 38.53 -2.78
N THR C 383 30.82 38.48 -3.88
CA THR C 383 30.46 37.78 -5.09
C THR C 383 31.13 36.41 -5.10
N LEU C 384 30.35 35.37 -5.32
CA LEU C 384 30.87 34.02 -5.35
C LEU C 384 30.85 33.51 -6.78
N PRO C 385 32.01 33.26 -7.38
CA PRO C 385 32.07 32.81 -8.78
C PRO C 385 31.69 31.35 -8.89
N CYS C 386 30.51 31.09 -9.44
CA CYS C 386 30.07 29.72 -9.53
C CYS C 386 30.44 29.13 -10.89
N ARG C 387 30.15 27.84 -11.06
CA ARG C 387 30.40 27.16 -12.32
C ARG C 387 29.45 25.99 -12.44
N ILE C 388 29.05 25.68 -13.67
CA ILE C 388 27.95 24.76 -13.91
C ILE C 388 28.48 23.50 -14.57
N LYS C 389 27.98 22.36 -14.11
CA LYS C 389 28.30 21.03 -14.63
C LYS C 389 26.97 20.37 -14.94
N GLN C 390 26.90 19.67 -16.06
CA GLN C 390 25.61 19.15 -16.51
C GLN C 390 25.33 17.72 -16.08
N ILE C 391 26.27 16.79 -16.19
CA ILE C 391 26.02 15.50 -15.59
C ILE C 391 26.16 15.64 -14.07
N ILE C 392 25.41 14.82 -13.35
CA ILE C 392 25.24 15.02 -11.90
C ILE C 392 25.24 13.68 -11.19
N ASN C 393 26.05 13.56 -10.13
CA ASN C 393 26.13 12.31 -9.40
C ASN C 393 25.81 12.58 -7.94
N MET C 394 24.68 13.24 -7.72
CA MET C 394 24.20 13.55 -6.38
C MET C 394 24.01 12.27 -5.58
N TRP C 395 24.41 12.33 -4.31
CA TRP C 395 24.47 11.29 -3.28
C TRP C 395 25.58 10.29 -3.58
N GLN C 396 26.35 10.51 -4.65
CA GLN C 396 27.59 9.79 -4.94
C GLN C 396 27.36 8.29 -5.06
N ARG C 397 26.32 7.93 -5.78
CA ARG C 397 26.14 6.51 -6.03
C ARG C 397 27.11 6.01 -7.09
N ILE C 398 27.23 4.69 -7.15
CA ILE C 398 28.32 4.05 -7.87
C ILE C 398 28.09 4.10 -9.38
N GLY C 399 26.90 3.70 -9.81
CA GLY C 399 26.63 3.52 -11.23
C GLY C 399 25.54 4.42 -11.78
N GLN C 400 25.51 5.65 -11.31
CA GLN C 400 24.55 6.63 -11.77
C GLN C 400 25.25 7.94 -12.05
N CYS C 401 24.68 8.68 -12.99
CA CYS C 401 24.90 10.10 -13.14
C CYS C 401 23.61 10.70 -13.68
N MET C 402 23.64 11.97 -14.04
CA MET C 402 22.38 12.57 -14.44
C MET C 402 22.61 13.75 -15.37
N TYR C 403 22.42 13.52 -16.66
CA TYR C 403 22.57 14.61 -17.62
C TYR C 403 21.40 15.57 -17.48
N ALA C 404 21.64 16.68 -16.82
CA ALA C 404 20.59 17.68 -16.73
C ALA C 404 20.48 18.43 -18.05
N PRO C 405 19.28 18.63 -18.56
CA PRO C 405 19.15 19.28 -19.86
C PRO C 405 19.37 20.77 -19.70
N PRO C 406 19.68 21.48 -20.77
CA PRO C 406 19.81 22.94 -20.67
C PRO C 406 18.44 23.58 -20.49
N ILE C 407 18.46 24.84 -20.07
CA ILE C 407 17.22 25.58 -19.88
C ILE C 407 17.34 26.95 -20.54
N GLN C 408 16.20 27.43 -21.04
CA GLN C 408 16.17 28.65 -21.83
C GLN C 408 16.37 29.89 -20.97
N GLY C 409 16.94 30.93 -21.58
CA GLY C 409 16.93 32.25 -21.00
C GLY C 409 17.91 32.44 -19.86
N VAL C 410 17.95 33.68 -19.38
CA VAL C 410 18.73 34.02 -18.20
C VAL C 410 18.10 33.38 -16.97
N ILE C 411 18.94 32.78 -16.12
CA ILE C 411 18.49 32.07 -14.93
C ILE C 411 18.91 32.84 -13.69
N ARG C 412 17.97 33.05 -12.77
CA ARG C 412 18.21 33.83 -11.56
C ARG C 412 17.32 33.29 -10.45
N CYS C 413 17.90 33.11 -9.26
CA CYS C 413 17.11 32.70 -8.10
C CYS C 413 17.55 33.48 -6.85
N VAL C 414 16.68 33.45 -5.85
CA VAL C 414 16.89 34.15 -4.58
C VAL C 414 16.55 33.18 -3.46
N SER C 415 17.50 32.94 -2.55
CA SER C 415 17.25 31.94 -1.51
C SER C 415 17.71 32.45 -0.15
N ASN C 416 17.23 31.83 0.92
CA ASN C 416 17.66 32.19 2.27
C ASN C 416 18.66 31.15 2.77
N ILE C 417 19.89 31.58 2.98
CA ILE C 417 20.86 30.83 3.75
C ILE C 417 20.38 30.81 5.19
N THR C 418 20.13 29.61 5.71
CA THR C 418 19.63 29.45 7.06
C THR C 418 20.65 28.89 8.03
N GLY C 419 21.42 27.89 7.63
CA GLY C 419 22.39 27.29 8.54
C GLY C 419 23.64 26.87 7.82
N LEU C 420 24.75 26.86 8.54
CA LEU C 420 26.00 26.32 8.04
C LEU C 420 26.28 24.94 8.59
N ILE C 421 27.23 24.26 7.95
CA ILE C 421 27.79 23.03 8.49
C ILE C 421 29.30 23.23 8.58
N LEU C 422 29.79 23.71 9.72
CA LEU C 422 31.22 23.91 9.84
C LEU C 422 31.90 22.63 10.31
N THR C 423 33.22 22.74 10.43
CA THR C 423 34.07 21.66 10.90
C THR C 423 35.37 22.27 11.40
N ARG C 424 35.72 21.92 12.63
CA ARG C 424 36.92 22.43 13.27
C ARG C 424 38.13 21.77 12.61
N ASP C 425 39.32 22.16 13.03
CA ASP C 425 40.57 21.71 12.46
C ASP C 425 41.24 20.95 13.59
N GLY C 426 41.55 19.68 13.34
CA GLY C 426 41.87 18.79 14.41
C GLY C 426 43.24 18.96 15.02
N GLY C 427 43.34 20.01 15.83
CA GLY C 427 44.56 20.33 16.52
C GLY C 427 44.83 19.32 17.62
N SER C 428 46.07 19.31 18.08
CA SER C 428 46.42 18.47 19.23
C SER C 428 47.35 19.21 20.17
N THR C 429 47.29 20.53 20.15
CA THR C 429 48.17 21.37 20.95
C THR C 429 47.33 22.31 21.80
N ASN C 430 48.03 23.01 22.68
CA ASN C 430 47.42 23.93 23.64
C ASN C 430 47.37 25.34 23.04
N SER C 431 46.82 25.41 21.83
CA SER C 431 46.71 26.68 21.12
C SER C 431 45.40 27.36 21.47
N THR C 432 45.23 28.56 20.94
CA THR C 432 44.01 29.31 21.11
C THR C 432 43.19 29.37 19.84
N THR C 433 43.84 29.42 18.69
CA THR C 433 43.06 29.54 17.47
C THR C 433 42.31 28.25 17.19
N GLU C 434 41.22 28.39 16.43
CA GLU C 434 40.43 27.25 16.02
C GLU C 434 40.01 27.49 14.57
N THR C 435 40.80 27.00 13.62
CA THR C 435 40.57 27.41 12.24
C THR C 435 39.41 26.56 11.73
N PHE C 436 38.21 27.11 11.78
CA PHE C 436 37.05 26.38 11.26
C PHE C 436 37.02 26.38 9.74
N ARG C 437 36.47 25.29 9.21
CA ARG C 437 36.43 25.04 7.80
C ARG C 437 35.05 24.46 7.54
N PRO C 438 34.41 24.88 6.46
CA PRO C 438 33.10 24.34 6.14
C PRO C 438 33.22 22.98 5.49
N GLY C 439 32.18 22.17 5.66
CA GLY C 439 32.20 20.88 5.03
C GLY C 439 30.87 20.15 5.07
N GLY C 440 30.41 19.68 3.92
CA GLY C 440 29.11 19.06 3.81
C GLY C 440 29.10 17.61 4.26
N GLY C 441 29.83 16.78 3.54
CA GLY C 441 29.90 15.37 3.88
C GLY C 441 28.56 14.71 3.62
N ASP C 442 28.04 14.00 4.62
CA ASP C 442 26.81 13.27 4.41
C ASP C 442 25.62 14.20 4.27
N MET C 443 24.73 13.85 3.35
CA MET C 443 23.58 14.69 3.08
C MET C 443 22.49 14.57 4.15
N ARG C 444 22.62 13.59 5.04
CA ARG C 444 21.63 13.38 6.09
C ARG C 444 21.64 14.51 7.09
N ASP C 445 22.81 15.12 7.28
CA ASP C 445 22.97 16.16 8.27
C ASP C 445 22.21 17.42 7.87
N ASN C 446 21.88 17.54 6.59
CA ASN C 446 21.01 18.62 6.15
C ASN C 446 19.64 18.42 6.74
N TRP C 447 19.16 17.20 6.70
CA TRP C 447 17.84 16.94 7.21
C TRP C 447 17.87 16.84 8.72
N ARG C 448 19.07 16.84 9.32
CA ARG C 448 19.13 16.99 10.75
C ARG C 448 18.95 18.43 11.18
N SER C 449 18.96 19.37 10.24
CA SER C 449 18.62 20.74 10.56
C SER C 449 17.12 20.97 10.50
N GLU C 450 16.38 19.95 10.11
CA GLU C 450 14.94 20.00 10.01
C GLU C 450 14.24 19.04 10.94
N LEU C 451 14.93 18.00 11.41
CA LEU C 451 14.29 16.94 12.17
C LEU C 451 14.85 16.84 13.58
N TYR C 452 15.17 17.97 14.19
CA TYR C 452 15.58 17.92 15.59
C TYR C 452 14.43 18.16 16.54
N LYS C 453 13.34 18.78 16.09
CA LYS C 453 12.23 18.97 17.00
C LYS C 453 11.39 17.71 17.16
N TYR C 454 11.40 16.83 16.18
CA TYR C 454 10.43 15.75 16.12
C TYR C 454 11.06 14.41 16.46
N LYS C 455 10.44 13.69 17.39
CA LYS C 455 10.66 12.27 17.59
C LYS C 455 9.34 11.52 17.48
N VAL C 456 9.39 10.23 17.22
CA VAL C 456 8.18 9.43 17.01
C VAL C 456 8.08 8.37 18.10
N VAL C 457 6.99 8.39 18.86
CA VAL C 457 6.81 7.41 19.92
C VAL C 457 5.67 6.48 19.57
N LYS C 458 5.65 5.34 20.25
CA LYS C 458 4.61 4.34 20.08
C LYS C 458 3.77 4.30 21.34
N ILE C 459 2.51 4.66 21.21
CA ILE C 459 1.56 4.59 22.32
C ILE C 459 1.27 3.15 22.68
N GLU C 460 1.51 2.79 23.94
CA GLU C 460 1.32 1.41 24.39
C GLU C 460 0.36 1.45 25.56
N PRO C 461 -0.93 1.52 25.30
CA PRO C 461 -1.93 1.52 26.39
C PRO C 461 -2.09 0.17 27.06
N LEU C 462 -3.15 0.05 27.88
CA LEU C 462 -3.46 -1.16 28.63
C LEU C 462 -2.35 -1.43 29.66
N GLY C 463 -2.26 -0.50 30.60
CA GLY C 463 -1.43 -0.64 31.76
C GLY C 463 -2.18 -1.42 32.83
N VAL C 464 -1.59 -1.50 34.00
CA VAL C 464 -2.14 -2.35 35.05
C VAL C 464 -1.73 -1.83 36.42
N ALA C 465 -2.70 -1.76 37.34
CA ALA C 465 -2.42 -1.23 38.64
C ALA C 465 -3.29 -1.91 39.69
N PRO C 466 -2.77 -2.13 40.88
CA PRO C 466 -3.58 -2.77 41.93
C PRO C 466 -4.42 -1.73 42.65
N THR C 467 -5.67 -2.10 42.91
CA THR C 467 -6.54 -1.31 43.75
C THR C 467 -7.50 -2.26 44.43
N ARG C 468 -8.36 -1.70 45.29
CA ARG C 468 -9.15 -2.50 46.20
C ARG C 468 -10.57 -2.69 45.66
N CYS C 469 -10.66 -3.60 44.70
CA CYS C 469 -11.92 -4.09 44.19
C CYS C 469 -11.61 -5.47 43.64
N LYS C 470 -12.59 -6.36 43.72
CA LYS C 470 -12.38 -7.72 43.28
C LYS C 470 -13.52 -8.18 42.39
N ARG C 471 -13.18 -8.97 41.38
CA ARG C 471 -14.16 -9.47 40.42
C ARG C 471 -15.07 -10.47 41.12
N ARG C 472 -16.30 -10.02 41.36
CA ARG C 472 -17.27 -10.79 42.13
C ARG C 472 -17.80 -11.97 41.32
N VAL C 473 -18.16 -13.03 42.04
CA VAL C 473 -18.71 -14.22 41.43
C VAL C 473 -20.16 -14.39 41.84
N ALA D 1 -43.05 7.01 28.86
CA ALA D 1 -43.80 7.65 27.79
C ALA D 1 -42.85 8.43 26.87
N GLU D 2 -42.77 9.73 27.10
CA GLU D 2 -41.94 10.63 26.32
C GLU D 2 -40.46 10.50 26.61
N ASN D 3 -40.07 9.76 27.64
CA ASN D 3 -38.66 9.55 27.94
C ASN D 3 -38.10 8.51 26.96
N LEU D 4 -37.90 8.97 25.74
CA LEU D 4 -37.39 8.12 24.68
C LEU D 4 -35.88 8.05 24.86
N TRP D 5 -35.32 6.89 24.56
CA TRP D 5 -33.91 6.64 24.77
C TRP D 5 -33.26 6.15 23.50
N VAL D 6 -31.98 6.47 23.35
CA VAL D 6 -31.21 6.04 22.19
C VAL D 6 -30.99 4.54 22.27
N THR D 7 -31.29 3.83 21.18
CA THR D 7 -30.97 2.42 21.02
C THR D 7 -30.31 2.19 19.68
N VAL D 8 -29.06 1.73 19.69
CA VAL D 8 -28.36 1.50 18.45
C VAL D 8 -28.80 0.16 17.87
N TYR D 9 -28.62 0.01 16.57
CA TYR D 9 -29.05 -1.18 15.85
C TYR D 9 -27.93 -1.54 14.90
N TYR D 10 -27.19 -2.59 15.23
CA TYR D 10 -26.11 -3.04 14.38
C TYR D 10 -26.62 -3.98 13.31
N GLY D 11 -26.03 -3.87 12.12
CA GLY D 11 -26.44 -4.71 11.00
C GLY D 11 -27.77 -4.30 10.44
N VAL D 12 -27.86 -3.09 9.87
CA VAL D 12 -29.16 -2.57 9.46
C VAL D 12 -29.08 -2.11 8.02
N PRO D 13 -30.07 -2.43 7.19
CA PRO D 13 -29.93 -2.13 5.77
C PRO D 13 -30.16 -0.69 5.39
N VAL D 14 -29.05 0.03 5.16
CA VAL D 14 -29.03 1.32 4.48
C VAL D 14 -27.71 1.35 3.71
N TRP D 15 -27.67 2.18 2.67
CA TRP D 15 -26.46 2.29 1.88
C TRP D 15 -26.28 3.73 1.43
N LYS D 16 -25.04 4.08 1.14
CA LYS D 16 -24.74 5.32 0.46
C LYS D 16 -23.94 5.05 -0.79
N ASP D 17 -23.97 6.01 -1.71
CA ASP D 17 -23.19 5.88 -2.92
C ASP D 17 -21.72 6.10 -2.63
N ALA D 18 -20.89 5.28 -3.24
CA ALA D 18 -19.46 5.36 -3.06
C ALA D 18 -18.79 4.81 -4.31
N GLU D 19 -17.47 4.65 -4.24
CA GLU D 19 -16.70 4.09 -5.34
C GLU D 19 -15.42 3.53 -4.76
N THR D 20 -15.21 2.23 -4.94
CA THR D 20 -13.98 1.57 -4.53
C THR D 20 -13.55 0.62 -5.63
N THR D 21 -12.39 0.01 -5.44
CA THR D 21 -11.78 -0.82 -6.46
C THR D 21 -12.51 -2.15 -6.54
N LEU D 22 -13.03 -2.47 -7.72
CA LEU D 22 -13.66 -3.75 -7.96
C LEU D 22 -12.65 -4.70 -8.58
N PHE D 23 -13.02 -5.98 -8.62
CA PHE D 23 -12.14 -6.99 -9.17
C PHE D 23 -12.91 -7.88 -10.14
N CYS D 24 -12.14 -8.73 -10.84
CA CYS D 24 -12.69 -9.67 -11.80
C CYS D 24 -13.53 -10.73 -11.11
N ALA D 25 -14.19 -11.50 -11.96
CA ALA D 25 -14.49 -12.91 -11.69
C ALA D 25 -14.56 -13.55 -13.08
N SER D 26 -13.42 -14.09 -13.50
CA SER D 26 -13.41 -14.80 -14.76
C SER D 26 -14.16 -16.11 -14.61
N ASP D 27 -14.80 -16.53 -15.70
CA ASP D 27 -15.55 -17.77 -15.65
C ASP D 27 -14.58 -18.95 -15.57
N ALA D 28 -14.96 -19.96 -14.80
CA ALA D 28 -14.03 -21.05 -14.53
C ALA D 28 -13.82 -21.92 -15.75
N LYS D 29 -14.75 -21.91 -16.69
CA LYS D 29 -14.58 -22.70 -17.90
C LYS D 29 -13.46 -22.15 -18.76
N ALA D 30 -13.20 -20.85 -18.69
CA ALA D 30 -12.09 -20.31 -19.44
C ALA D 30 -10.77 -20.50 -18.71
N TYR D 31 -10.75 -21.26 -17.62
CA TYR D 31 -9.52 -21.52 -16.90
C TYR D 31 -8.79 -22.74 -17.42
N GLU D 32 -9.40 -23.52 -18.29
CA GLU D 32 -8.75 -24.72 -18.78
C GLU D 32 -7.63 -24.38 -19.73
N THR D 33 -7.76 -23.28 -20.46
CA THR D 33 -6.72 -22.86 -21.39
C THR D 33 -5.57 -22.25 -20.59
N GLU D 34 -4.37 -22.80 -20.76
CA GLU D 34 -3.31 -22.67 -19.77
C GLU D 34 -2.56 -21.36 -19.95
N LYS D 35 -2.42 -20.60 -18.86
CA LYS D 35 -1.41 -19.54 -18.70
C LYS D 35 -1.55 -18.46 -19.77
N HIS D 36 -2.71 -17.81 -19.75
CA HIS D 36 -2.95 -16.57 -20.47
C HIS D 36 -2.78 -16.70 -22.00
N ASN D 37 -3.58 -17.58 -22.59
CA ASN D 37 -3.69 -17.55 -24.04
C ASN D 37 -4.51 -16.35 -24.47
N VAL D 38 -5.33 -15.83 -23.57
CA VAL D 38 -5.92 -14.52 -23.71
C VAL D 38 -5.47 -13.78 -22.46
N TRP D 39 -5.48 -12.45 -22.54
CA TRP D 39 -5.21 -11.66 -21.36
C TRP D 39 -6.29 -11.87 -20.30
N ALA D 40 -5.86 -11.83 -19.04
CA ALA D 40 -6.69 -11.86 -17.84
C ALA D 40 -7.57 -13.11 -17.80
N THR D 41 -6.93 -14.27 -17.79
CA THR D 41 -7.62 -15.52 -17.50
C THR D 41 -7.04 -16.31 -16.34
N HIS D 42 -5.77 -16.09 -16.01
CA HIS D 42 -5.16 -16.57 -14.78
C HIS D 42 -4.94 -15.47 -13.76
N ALA D 43 -4.85 -14.23 -14.21
CA ALA D 43 -4.45 -13.13 -13.34
C ALA D 43 -5.49 -12.82 -12.28
N CYS D 44 -6.77 -12.80 -12.66
CA CYS D 44 -7.80 -12.41 -11.71
C CYS D 44 -8.78 -13.56 -11.51
N VAL D 45 -9.77 -13.30 -10.67
CA VAL D 45 -10.34 -14.30 -9.77
C VAL D 45 -11.25 -15.28 -10.52
N PRO D 46 -11.18 -16.57 -10.22
CA PRO D 46 -12.19 -17.50 -10.71
C PRO D 46 -13.56 -17.21 -10.10
N THR D 47 -14.61 -17.40 -10.89
CA THR D 47 -15.92 -16.92 -10.48
C THR D 47 -16.53 -17.87 -9.46
N ASP D 48 -17.77 -17.60 -9.13
CA ASP D 48 -18.69 -18.36 -8.30
C ASP D 48 -19.84 -18.84 -9.16
N PRO D 49 -20.48 -19.94 -8.81
CA PRO D 49 -21.76 -20.26 -9.42
C PRO D 49 -22.89 -19.43 -8.81
N ASN D 50 -23.98 -19.36 -9.58
CA ASN D 50 -25.28 -18.76 -9.27
C ASN D 50 -25.23 -17.49 -8.42
N PRO D 51 -24.81 -16.36 -8.97
CA PRO D 51 -24.69 -15.15 -8.17
C PRO D 51 -26.07 -14.70 -7.70
N GLN D 52 -26.13 -14.31 -6.42
CA GLN D 52 -27.42 -14.18 -5.74
C GLN D 52 -28.12 -12.90 -6.16
N GLU D 53 -28.66 -12.93 -7.38
CA GLU D 53 -29.48 -11.81 -7.83
C GLU D 53 -30.81 -11.87 -7.12
N ILE D 54 -30.98 -11.02 -6.12
CA ILE D 54 -32.12 -11.08 -5.22
C ILE D 54 -32.81 -9.72 -5.25
N HIS D 55 -34.13 -9.74 -5.37
CA HIS D 55 -34.90 -8.52 -5.55
C HIS D 55 -34.95 -7.67 -4.29
N LEU D 56 -35.22 -6.38 -4.50
CA LEU D 56 -35.36 -5.35 -3.47
C LEU D 56 -36.71 -4.71 -3.74
N GLU D 57 -37.73 -5.30 -3.12
CA GLU D 57 -39.09 -4.88 -3.35
C GLU D 57 -39.33 -3.52 -2.72
N ASN D 58 -40.22 -2.74 -3.35
CA ASN D 58 -40.61 -1.41 -2.89
C ASN D 58 -39.41 -0.47 -2.80
N VAL D 59 -38.49 -0.59 -3.75
CA VAL D 59 -37.28 0.22 -3.77
C VAL D 59 -37.21 0.95 -5.10
N THR D 60 -37.08 2.28 -5.05
CA THR D 60 -36.74 3.07 -6.21
C THR D 60 -35.38 3.70 -5.99
N GLU D 61 -34.61 3.85 -7.06
CA GLU D 61 -33.25 4.33 -6.89
C GLU D 61 -32.80 5.17 -8.08
N GLU D 62 -32.21 6.31 -7.78
CA GLU D 62 -31.78 7.25 -8.81
C GLU D 62 -30.44 6.76 -9.35
N PHE D 63 -30.49 6.06 -10.47
CA PHE D 63 -29.26 5.58 -11.09
C PHE D 63 -28.62 6.68 -11.94
N ASN D 64 -27.41 6.40 -12.40
CA ASN D 64 -26.74 7.24 -13.38
C ASN D 64 -25.61 6.49 -14.02
N MET D 65 -25.40 6.78 -15.29
CA MET D 65 -24.33 6.22 -16.07
C MET D 65 -23.48 7.31 -16.68
N TRP D 66 -23.89 8.57 -16.56
CA TRP D 66 -23.09 9.60 -17.19
C TRP D 66 -22.11 10.19 -16.20
N LYS D 67 -22.56 10.51 -14.99
CA LYS D 67 -21.62 10.83 -13.94
C LYS D 67 -21.22 9.61 -13.14
N ASN D 68 -21.45 8.41 -13.68
CA ASN D 68 -21.06 7.21 -12.98
C ASN D 68 -19.55 6.99 -12.97
N ASN D 69 -19.06 6.44 -11.87
CA ASN D 69 -17.73 5.87 -11.78
C ASN D 69 -17.81 4.41 -12.20
N MET D 70 -16.73 3.65 -11.96
CA MET D 70 -16.59 2.20 -12.19
C MET D 70 -16.72 1.78 -13.65
N VAL D 71 -17.08 2.72 -14.51
CA VAL D 71 -16.87 2.57 -15.94
C VAL D 71 -15.59 3.27 -16.34
N GLU D 72 -15.03 4.07 -15.45
CA GLU D 72 -13.71 4.63 -15.59
C GLU D 72 -12.64 3.69 -15.06
N GLN D 73 -12.94 2.98 -13.97
CA GLN D 73 -12.01 2.01 -13.45
C GLN D 73 -11.85 0.80 -14.36
N MET D 74 -12.94 0.37 -15.00
CA MET D 74 -12.80 -0.76 -15.90
C MET D 74 -11.97 -0.38 -17.12
N HIS D 75 -12.07 0.87 -17.54
CA HIS D 75 -11.25 1.34 -18.63
C HIS D 75 -9.81 1.51 -18.18
N THR D 76 -9.63 1.78 -16.89
CA THR D 76 -8.29 2.02 -16.37
C THR D 76 -7.54 0.70 -16.33
N ASP D 77 -8.16 -0.32 -15.76
CA ASP D 77 -7.41 -1.55 -15.62
C ASP D 77 -7.36 -2.30 -16.95
N ILE D 78 -8.34 -2.10 -17.84
CA ILE D 78 -8.19 -2.79 -19.12
C ILE D 78 -7.06 -2.17 -19.93
N ILE D 79 -6.83 -0.86 -19.77
CA ILE D 79 -5.60 -0.25 -20.27
C ILE D 79 -4.38 -0.87 -19.60
N SER D 80 -4.48 -1.11 -18.30
CA SER D 80 -3.27 -1.51 -17.60
C SER D 80 -2.90 -2.94 -17.91
N LEU D 81 -3.86 -3.85 -17.95
CA LEU D 81 -3.47 -5.20 -18.33
C LEU D 81 -3.27 -5.34 -19.83
N TRP D 82 -3.72 -4.37 -20.63
CA TRP D 82 -3.28 -4.34 -22.01
C TRP D 82 -1.82 -3.97 -22.09
N ASP D 83 -1.35 -3.13 -21.19
CA ASP D 83 0.08 -2.88 -21.18
C ASP D 83 0.83 -3.99 -20.49
N GLN D 84 0.14 -4.76 -19.65
CA GLN D 84 0.77 -5.89 -18.98
C GLN D 84 1.00 -7.03 -19.95
N SER D 85 0.18 -7.12 -20.98
CA SER D 85 0.30 -8.20 -21.95
C SER D 85 1.21 -7.83 -23.11
N LEU D 86 1.91 -6.71 -23.03
CA LEU D 86 2.85 -6.31 -24.06
C LEU D 86 4.28 -6.22 -23.56
N LYS D 87 4.50 -6.23 -22.27
CA LYS D 87 5.84 -6.25 -21.70
C LYS D 87 6.63 -7.54 -21.93
N PRO D 88 6.03 -8.74 -21.94
CA PRO D 88 6.83 -9.89 -22.37
C PRO D 88 7.19 -9.90 -23.84
N CYS D 89 6.41 -9.25 -24.70
CA CYS D 89 6.64 -9.44 -26.12
C CYS D 89 7.87 -8.67 -26.59
N VAL D 90 8.34 -9.03 -27.79
CA VAL D 90 9.64 -8.59 -28.29
C VAL D 90 9.55 -7.17 -28.85
N LYS D 91 10.46 -6.32 -28.39
CA LYS D 91 10.60 -4.98 -28.93
C LYS D 91 11.14 -5.00 -30.36
N LEU D 92 10.62 -4.09 -31.17
CA LEU D 92 10.84 -4.04 -32.61
C LEU D 92 11.62 -2.79 -33.00
N THR D 93 12.66 -2.48 -32.23
CA THR D 93 13.53 -1.36 -32.57
C THR D 93 14.29 -1.51 -33.89
N PRO D 94 15.01 -2.62 -34.20
CA PRO D 94 15.91 -2.59 -35.36
C PRO D 94 15.24 -2.70 -36.72
N LEU D 95 13.93 -2.50 -36.77
CA LEU D 95 13.19 -2.48 -38.02
C LEU D 95 13.14 -1.10 -38.67
N CYS D 96 13.51 -0.05 -37.94
CA CYS D 96 13.56 1.28 -38.54
C CYS D 96 14.69 1.48 -39.53
N VAL D 97 14.59 0.81 -40.68
CA VAL D 97 15.56 0.89 -41.76
C VAL D 97 14.88 1.52 -42.97
N THR D 98 15.67 2.22 -43.78
CA THR D 98 15.18 2.84 -45.01
C THR D 98 14.75 1.80 -46.03
N LEU D 99 13.45 1.68 -46.27
CA LEU D 99 12.96 0.65 -47.16
C LEU D 99 13.22 1.02 -48.61
N GLN D 100 12.98 0.08 -49.50
CA GLN D 100 12.93 0.33 -50.94
C GLN D 100 11.76 -0.46 -51.47
N CYS D 101 10.70 0.22 -51.88
CA CYS D 101 9.42 -0.43 -52.14
C CYS D 101 8.94 -0.19 -53.55
N THR D 102 8.49 -1.25 -54.20
CA THR D 102 7.80 -1.15 -55.47
C THR D 102 6.37 -1.65 -55.30
N ASN D 103 5.62 -1.61 -56.39
CA ASN D 103 4.27 -2.15 -56.42
C ASN D 103 4.35 -3.66 -56.28
N VAL D 104 3.36 -4.26 -55.63
CA VAL D 104 3.28 -5.71 -55.63
C VAL D 104 2.83 -6.25 -56.99
N THR D 105 3.29 -7.47 -57.30
CA THR D 105 3.01 -8.13 -58.57
C THR D 105 1.56 -8.63 -58.57
N ASN D 106 0.74 -8.02 -59.40
CA ASN D 106 -0.71 -8.17 -59.27
C ASN D 106 -1.34 -7.60 -60.52
N ASN D 107 -2.59 -7.95 -60.74
CA ASN D 107 -3.26 -7.41 -61.91
C ASN D 107 -3.77 -6.06 -61.42
N ILE D 108 -2.96 -5.02 -61.65
CA ILE D 108 -3.24 -3.69 -61.10
C ILE D 108 -4.33 -3.04 -61.94
N THR D 109 -5.53 -2.94 -61.38
CA THR D 109 -6.55 -2.13 -62.03
C THR D 109 -6.44 -0.73 -61.46
N ASP D 110 -6.82 0.27 -62.27
CA ASP D 110 -6.74 1.65 -61.79
C ASP D 110 -7.77 1.93 -60.71
N ASP D 111 -8.89 1.21 -60.73
CA ASP D 111 -9.92 1.43 -59.72
C ASP D 111 -9.44 0.91 -58.37
N MET D 112 -8.90 -0.31 -58.35
CA MET D 112 -8.34 -0.81 -57.12
C MET D 112 -6.98 -0.12 -56.94
N ARG D 113 -6.40 -0.17 -55.74
CA ARG D 113 -5.06 0.37 -55.61
C ARG D 113 -4.15 -0.65 -54.95
N GLY D 114 -2.83 -0.47 -55.14
CA GLY D 114 -1.92 -1.45 -54.59
C GLY D 114 -1.97 -1.18 -53.11
N GLU D 115 -2.50 -2.16 -52.39
CA GLU D 115 -2.60 -2.04 -50.96
C GLU D 115 -1.30 -2.47 -50.29
N LEU D 116 -0.59 -3.37 -50.93
CA LEU D 116 0.61 -3.94 -50.35
C LEU D 116 1.78 -3.61 -51.25
N LYS D 117 2.80 -3.04 -50.64
CA LYS D 117 4.05 -2.68 -51.29
C LYS D 117 5.10 -3.73 -50.94
N ASN D 118 6.11 -3.81 -51.78
CA ASN D 118 7.05 -4.92 -51.68
C ASN D 118 8.08 -4.68 -50.58
N CYS D 119 8.87 -3.61 -50.69
CA CYS D 119 9.73 -3.13 -49.60
C CYS D 119 10.77 -4.17 -49.20
N SER D 120 11.75 -4.37 -50.07
CA SER D 120 12.90 -5.19 -49.73
C SER D 120 13.97 -4.33 -49.09
N PHE D 121 14.43 -4.74 -47.90
CA PHE D 121 15.39 -3.97 -47.14
C PHE D 121 16.53 -4.83 -46.60
N ASN D 122 17.33 -4.22 -45.73
CA ASN D 122 18.40 -4.89 -45.00
C ASN D 122 18.04 -4.93 -43.54
N MET D 123 18.39 -6.01 -42.84
CA MET D 123 18.11 -6.06 -41.41
C MET D 123 19.15 -7.01 -40.83
N THR D 124 19.66 -6.67 -39.65
CA THR D 124 20.66 -7.50 -38.97
C THR D 124 20.16 -8.89 -38.60
N THR D 125 21.03 -9.86 -38.71
CA THR D 125 20.69 -11.19 -38.25
C THR D 125 21.03 -11.32 -36.77
N GLU D 126 21.04 -12.56 -36.27
CA GLU D 126 21.41 -12.79 -34.88
C GLU D 126 22.89 -12.55 -34.66
N LEU D 127 23.72 -12.74 -35.68
CA LEU D 127 25.09 -12.31 -35.57
C LEU D 127 25.14 -10.80 -35.75
N ARG D 128 26.01 -10.17 -34.97
CA ARG D 128 26.10 -8.72 -35.03
C ARG D 128 26.84 -8.23 -36.25
N ASP D 129 27.61 -9.10 -36.89
CA ASP D 129 28.38 -8.68 -38.05
C ASP D 129 27.52 -8.73 -39.30
N LYS D 130 26.86 -9.86 -39.53
CA LYS D 130 26.11 -10.05 -40.76
C LYS D 130 24.81 -9.27 -40.75
N LYS D 131 24.32 -8.97 -41.96
CA LYS D 131 23.06 -8.28 -42.18
C LYS D 131 22.37 -8.96 -43.33
N GLN D 132 21.28 -9.68 -43.05
CA GLN D 132 20.58 -10.30 -44.17
C GLN D 132 19.80 -9.23 -44.92
N LYS D 133 19.49 -9.53 -46.17
CA LYS D 133 18.65 -8.64 -46.97
C LYS D 133 17.34 -9.37 -47.19
N VAL D 134 16.30 -8.93 -46.50
CA VAL D 134 15.04 -9.64 -46.55
C VAL D 134 13.99 -8.70 -47.14
N TYR D 135 12.89 -9.30 -47.61
CA TYR D 135 11.78 -8.53 -48.13
C TYR D 135 10.52 -9.02 -47.42
N SER D 136 9.45 -8.26 -47.58
CA SER D 136 8.22 -8.51 -46.86
C SER D 136 7.06 -8.07 -47.73
N LEU D 137 5.92 -7.83 -47.11
CA LEU D 137 4.84 -7.06 -47.71
C LEU D 137 4.27 -6.18 -46.62
N PHE D 138 3.82 -4.99 -47.00
CA PHE D 138 3.37 -4.01 -46.05
C PHE D 138 2.20 -3.25 -46.64
N TYR D 139 1.26 -2.86 -45.79
CA TYR D 139 0.15 -2.08 -46.29
C TYR D 139 0.57 -0.65 -46.58
N ARG D 140 -0.25 0.00 -47.42
CA ARG D 140 0.05 1.38 -47.80
C ARG D 140 -0.20 2.34 -46.66
N LEU D 141 -1.01 1.95 -45.70
CA LEU D 141 -1.25 2.71 -44.48
C LEU D 141 -0.20 2.46 -43.42
N ASP D 142 0.96 1.93 -43.80
CA ASP D 142 2.02 1.72 -42.83
C ASP D 142 3.37 2.25 -43.27
N VAL D 143 3.50 2.72 -44.49
CA VAL D 143 4.75 3.27 -44.99
C VAL D 143 4.52 4.68 -45.49
N VAL D 144 5.51 5.53 -45.28
CA VAL D 144 5.49 6.87 -45.84
C VAL D 144 6.80 7.09 -46.59
N GLN D 145 6.78 8.05 -47.49
CA GLN D 145 7.89 8.21 -48.41
C GLN D 145 8.90 9.17 -47.83
N ILE D 146 10.15 8.76 -47.80
CA ILE D 146 11.24 9.64 -47.42
C ILE D 146 11.68 10.39 -48.66
N ASN D 147 11.52 11.71 -48.66
CA ASN D 147 11.76 12.47 -49.87
C ASN D 147 12.66 13.67 -49.58
N SER D 157 13.07 9.07 -61.11
CA SER D 157 13.95 8.91 -59.97
C SER D 157 13.80 7.52 -59.36
N ASN D 158 13.43 7.48 -58.08
CA ASN D 158 13.24 6.23 -57.36
C ASN D 158 12.15 6.45 -56.32
N LYS D 159 11.89 5.41 -55.52
CA LYS D 159 10.81 5.48 -54.55
C LYS D 159 11.17 4.59 -53.36
N GLU D 160 11.57 5.22 -52.26
CA GLU D 160 12.00 4.50 -51.07
C GLU D 160 11.23 5.03 -49.86
N TYR D 161 10.70 4.11 -49.07
CA TYR D 161 9.83 4.47 -47.97
C TYR D 161 10.51 4.29 -46.62
N ARG D 162 9.71 4.46 -45.57
CA ARG D 162 10.08 4.08 -44.21
C ARG D 162 8.78 3.85 -43.48
N LEU D 163 8.88 3.33 -42.27
CA LEU D 163 7.68 3.13 -41.46
C LEU D 163 7.13 4.45 -40.95
N ILE D 164 5.81 4.48 -40.77
CA ILE D 164 5.17 5.71 -40.35
C ILE D 164 5.40 5.94 -38.87
N ASN D 165 5.42 4.88 -38.08
CA ASN D 165 5.63 5.02 -36.66
C ASN D 165 7.11 5.12 -36.32
N CYS D 166 7.97 5.04 -37.33
CA CYS D 166 9.40 5.16 -37.08
C CYS D 166 9.71 6.54 -36.60
N ASN D 167 8.91 7.52 -37.00
CA ASN D 167 8.94 8.77 -36.30
C ASN D 167 8.24 8.58 -34.98
N THR D 168 8.95 8.91 -33.89
CA THR D 168 8.42 9.15 -32.56
C THR D 168 7.89 7.95 -31.77
N SER D 169 7.76 6.75 -32.36
CA SER D 169 7.23 5.65 -31.54
C SER D 169 7.61 4.27 -32.10
N ALA D 170 8.71 3.73 -31.60
CA ALA D 170 9.09 2.35 -31.86
C ALA D 170 8.26 1.41 -30.97
N CYS D 171 7.64 0.38 -31.56
CA CYS D 171 6.67 -0.39 -30.80
C CYS D 171 6.78 -1.87 -31.16
N THR D 172 6.26 -2.68 -30.23
CA THR D 172 6.52 -4.11 -30.04
C THR D 172 5.71 -4.99 -31.00
N GLN D 173 6.14 -6.24 -31.05
CA GLN D 173 5.38 -7.34 -31.64
C GLN D 173 4.34 -7.82 -30.63
N ALA D 174 3.50 -8.76 -31.08
CA ALA D 174 2.58 -9.45 -30.20
C ALA D 174 2.87 -10.93 -30.17
N CYS D 175 3.03 -11.46 -28.96
CA CYS D 175 3.40 -12.86 -28.78
C CYS D 175 2.24 -13.71 -29.27
N PRO D 176 2.46 -14.68 -30.15
CA PRO D 176 1.34 -15.47 -30.68
C PRO D 176 0.68 -16.38 -29.67
N LYS D 177 1.22 -16.52 -28.47
CA LYS D 177 0.47 -17.21 -27.42
C LYS D 177 -0.78 -16.45 -27.04
N VAL D 178 -0.66 -15.14 -26.81
CA VAL D 178 -1.84 -14.38 -26.40
C VAL D 178 -2.79 -14.16 -27.57
N SER D 179 -4.03 -13.83 -27.22
CA SER D 179 -5.13 -13.63 -28.15
C SER D 179 -5.94 -12.41 -27.71
N PHE D 180 -6.43 -11.65 -28.69
CA PHE D 180 -7.15 -10.43 -28.39
C PHE D 180 -8.66 -10.63 -28.32
N GLU D 181 -9.13 -11.86 -28.22
CA GLU D 181 -10.56 -12.09 -28.15
C GLU D 181 -11.14 -11.61 -26.82
N PRO D 182 -12.39 -11.16 -26.81
CA PRO D 182 -13.05 -10.80 -25.56
C PRO D 182 -13.59 -12.05 -24.89
N ILE D 183 -13.29 -12.18 -23.60
CA ILE D 183 -13.92 -13.20 -22.77
C ILE D 183 -14.87 -12.48 -21.83
N PRO D 184 -15.91 -13.13 -21.32
CA PRO D 184 -16.79 -12.44 -20.37
C PRO D 184 -16.04 -12.14 -19.08
N ILE D 185 -16.40 -11.02 -18.47
CA ILE D 185 -15.79 -10.58 -17.22
C ILE D 185 -16.87 -10.22 -16.22
N HIS D 186 -16.90 -10.89 -15.09
CA HIS D 186 -17.84 -10.57 -14.03
C HIS D 186 -17.14 -9.68 -13.02
N TYR D 187 -17.48 -8.39 -13.02
CA TYR D 187 -16.97 -7.51 -11.99
C TYR D 187 -17.65 -7.77 -10.67
N CYS D 188 -16.88 -7.88 -9.60
CA CYS D 188 -17.48 -8.13 -8.30
C CYS D 188 -17.04 -7.09 -7.29
N ALA D 189 -17.98 -6.71 -6.44
CA ALA D 189 -17.76 -5.82 -5.32
C ALA D 189 -17.09 -6.58 -4.17
N PRO D 190 -16.31 -5.90 -3.35
CA PRO D 190 -15.76 -6.53 -2.15
C PRO D 190 -16.82 -6.64 -1.06
N ALA D 191 -16.39 -7.12 0.09
CA ALA D 191 -17.29 -7.32 1.21
C ALA D 191 -17.70 -5.97 1.79
N GLY D 192 -18.99 -5.80 2.04
CA GLY D 192 -19.49 -4.54 2.55
C GLY D 192 -20.03 -3.62 1.49
N PHE D 193 -20.01 -4.04 0.23
CA PHE D 193 -20.49 -3.23 -0.87
C PHE D 193 -21.43 -4.07 -1.70
N ALA D 194 -22.54 -3.47 -2.10
CA ALA D 194 -23.50 -4.14 -2.97
C ALA D 194 -23.45 -3.54 -4.37
N ILE D 195 -24.00 -4.28 -5.33
CA ILE D 195 -24.09 -3.80 -6.69
C ILE D 195 -25.56 -3.77 -7.05
N LEU D 196 -26.12 -2.58 -7.18
CA LEU D 196 -27.50 -2.45 -7.56
C LEU D 196 -27.62 -2.60 -9.06
N LYS D 197 -28.59 -3.39 -9.48
CA LYS D 197 -28.84 -3.68 -10.88
C LYS D 197 -30.26 -3.22 -11.17
N CYS D 198 -30.40 -2.35 -12.15
CA CYS D 198 -31.71 -1.81 -12.48
C CYS D 198 -32.42 -2.79 -13.40
N LYS D 199 -33.50 -3.37 -12.93
CA LYS D 199 -34.23 -4.36 -13.70
C LYS D 199 -35.35 -3.76 -14.52
N ASP D 200 -35.35 -2.44 -14.68
CA ASP D 200 -36.44 -1.76 -15.35
C ASP D 200 -36.31 -1.94 -16.85
N LYS D 201 -37.41 -2.35 -17.48
CA LYS D 201 -37.40 -2.51 -18.93
C LYS D 201 -37.62 -1.17 -19.62
N LYS D 202 -37.89 -0.12 -18.86
CA LYS D 202 -37.97 1.23 -19.39
C LYS D 202 -37.14 2.16 -18.53
N PHE D 203 -35.92 2.42 -19.00
CA PHE D 203 -34.97 3.21 -18.22
C PHE D 203 -34.06 3.90 -19.21
N ASN D 204 -34.23 5.21 -19.34
CA ASN D 204 -33.30 6.06 -20.05
C ASN D 204 -32.12 6.37 -19.15
N GLY D 205 -31.37 7.41 -19.51
CA GLY D 205 -30.16 7.79 -18.79
C GLY D 205 -30.36 8.08 -17.32
N THR D 206 -31.05 9.15 -16.99
CA THR D 206 -31.18 9.55 -15.61
C THR D 206 -32.46 8.87 -15.07
N GLY D 207 -32.94 9.28 -13.90
CA GLY D 207 -34.24 8.92 -13.40
C GLY D 207 -34.20 7.76 -12.41
N PRO D 208 -35.18 7.77 -11.50
CA PRO D 208 -35.28 6.71 -10.49
C PRO D 208 -35.69 5.39 -11.12
N CYS D 209 -34.92 4.34 -10.83
CA CYS D 209 -35.25 3.02 -11.36
C CYS D 209 -36.04 2.25 -10.31
N PRO D 210 -37.34 2.07 -10.49
CA PRO D 210 -38.17 1.53 -9.40
C PRO D 210 -38.16 0.01 -9.28
N SER D 211 -37.20 -0.67 -9.90
CA SER D 211 -37.13 -2.12 -9.74
C SER D 211 -35.66 -2.50 -9.81
N VAL D 212 -35.05 -2.57 -8.64
CA VAL D 212 -33.63 -2.87 -8.52
C VAL D 212 -33.47 -4.26 -7.96
N SER D 213 -32.23 -4.72 -7.94
CA SER D 213 -31.89 -6.01 -7.36
C SER D 213 -30.42 -5.97 -7.01
N THR D 214 -30.04 -6.60 -5.92
CA THR D 214 -28.66 -6.50 -5.47
C THR D 214 -27.89 -7.75 -5.88
N VAL D 215 -26.76 -7.54 -6.51
CA VAL D 215 -25.86 -8.64 -6.76
C VAL D 215 -24.56 -8.35 -6.04
N GLN D 216 -23.64 -9.30 -6.15
CA GLN D 216 -22.27 -9.16 -5.74
C GLN D 216 -21.32 -9.29 -6.91
N CYS D 217 -21.75 -9.94 -8.00
CA CYS D 217 -20.94 -10.05 -9.19
C CYS D 217 -21.81 -9.81 -10.42
N THR D 218 -21.29 -9.01 -11.34
CA THR D 218 -21.99 -8.68 -12.56
C THR D 218 -22.03 -9.86 -13.51
N HIS D 219 -22.89 -9.76 -14.50
CA HIS D 219 -22.94 -10.76 -15.56
C HIS D 219 -21.70 -10.63 -16.43
N GLY D 220 -21.46 -11.65 -17.24
CA GLY D 220 -20.22 -11.74 -18.00
C GLY D 220 -20.13 -10.63 -19.03
N ILE D 221 -19.30 -9.64 -18.78
CA ILE D 221 -19.10 -8.54 -19.71
C ILE D 221 -17.98 -8.86 -20.67
N LYS D 222 -18.25 -8.70 -21.97
CA LYS D 222 -17.22 -8.85 -22.98
C LYS D 222 -16.60 -7.50 -23.31
N PRO D 223 -15.34 -7.29 -23.02
CA PRO D 223 -14.62 -6.08 -23.43
C PRO D 223 -14.24 -6.11 -24.90
N VAL D 224 -14.97 -5.35 -25.72
CA VAL D 224 -14.65 -5.24 -27.13
C VAL D 224 -14.11 -3.84 -27.39
N VAL D 225 -13.56 -3.65 -28.58
CA VAL D 225 -13.03 -2.35 -29.00
C VAL D 225 -13.59 -2.07 -30.40
N SER D 226 -14.74 -1.42 -30.45
CA SER D 226 -15.26 -0.87 -31.69
C SER D 226 -15.58 0.59 -31.49
N THR D 227 -15.38 1.39 -32.54
CA THR D 227 -15.60 2.82 -32.40
C THR D 227 -17.03 3.15 -32.77
N GLN D 228 -17.41 2.90 -34.00
CA GLN D 228 -18.82 2.87 -34.36
C GLN D 228 -19.27 1.44 -34.44
N LEU D 229 -20.60 1.25 -34.42
CA LEU D 229 -21.24 -0.06 -34.53
C LEU D 229 -20.79 -1.01 -33.41
N LEU D 230 -21.25 -0.72 -32.19
CA LEU D 230 -20.98 -1.61 -31.07
C LEU D 230 -21.39 -3.04 -31.40
N LEU D 231 -20.60 -3.99 -30.92
CA LEU D 231 -20.75 -5.37 -31.33
C LEU D 231 -20.89 -6.32 -30.16
N ASN D 232 -21.68 -7.37 -30.40
CA ASN D 232 -21.60 -8.62 -29.64
C ASN D 232 -21.95 -8.47 -28.17
N GLY D 233 -22.82 -7.54 -27.81
CA GLY D 233 -23.09 -7.42 -26.40
C GLY D 233 -24.35 -6.69 -25.98
N SER D 234 -25.14 -7.32 -25.12
CA SER D 234 -26.14 -6.68 -24.26
C SER D 234 -27.21 -5.95 -25.08
N LEU D 235 -28.00 -6.78 -25.76
CA LEU D 235 -29.14 -6.30 -26.53
C LEU D 235 -30.22 -5.77 -25.60
N ALA D 236 -31.14 -5.00 -26.19
CA ALA D 236 -32.12 -4.37 -25.35
C ALA D 236 -33.28 -5.34 -25.14
N GLU D 237 -34.23 -4.95 -24.30
CA GLU D 237 -35.26 -5.89 -23.90
C GLU D 237 -36.37 -5.94 -24.94
N GLU D 238 -37.07 -4.82 -25.10
CA GLU D 238 -38.28 -4.76 -25.91
C GLU D 238 -38.11 -3.84 -27.11
N GLU D 239 -37.81 -2.58 -26.89
CA GLU D 239 -37.73 -1.58 -27.93
C GLU D 239 -36.29 -1.35 -28.35
N VAL D 240 -36.10 -0.31 -29.14
CA VAL D 240 -34.78 0.23 -29.44
C VAL D 240 -34.60 1.41 -28.49
N MET D 241 -33.71 1.28 -27.52
CA MET D 241 -33.59 2.31 -26.51
C MET D 241 -32.48 3.28 -26.91
N ILE D 242 -32.80 4.55 -26.93
CA ILE D 242 -31.79 5.59 -27.07
C ILE D 242 -31.63 6.31 -25.73
N ARG D 243 -30.41 6.75 -25.46
CA ARG D 243 -30.08 7.32 -24.17
C ARG D 243 -28.85 8.19 -24.34
N SER D 244 -28.86 9.35 -23.70
CA SER D 244 -27.74 10.28 -23.81
C SER D 244 -27.67 11.10 -22.54
N GLU D 245 -26.85 12.12 -22.59
CA GLU D 245 -26.90 13.30 -21.75
C GLU D 245 -27.89 14.26 -22.40
N ASN D 246 -27.75 15.57 -22.18
CA ASN D 246 -28.62 16.53 -22.87
C ASN D 246 -28.85 16.35 -24.34
N ILE D 247 -30.10 16.05 -24.70
CA ILE D 247 -30.37 15.74 -26.09
C ILE D 247 -30.45 17.02 -26.87
N THR D 248 -30.54 18.16 -26.18
CA THR D 248 -30.35 19.47 -26.78
C THR D 248 -28.90 19.92 -26.70
N ASN D 249 -27.98 18.99 -26.52
CA ASN D 249 -26.57 19.23 -26.65
C ASN D 249 -26.09 18.54 -27.91
N ASN D 250 -24.98 19.03 -28.45
CA ASN D 250 -24.48 18.56 -29.71
C ASN D 250 -23.16 17.84 -29.53
N ALA D 251 -22.64 17.85 -28.31
CA ALA D 251 -21.38 17.23 -27.98
C ALA D 251 -21.56 15.92 -27.23
N LYS D 252 -22.79 15.56 -26.88
CA LYS D 252 -23.04 14.32 -26.16
C LYS D 252 -23.61 13.28 -27.10
N ASN D 253 -22.94 12.14 -27.18
CA ASN D 253 -23.35 11.11 -28.12
C ASN D 253 -24.66 10.46 -27.71
N ILE D 254 -25.36 9.93 -28.68
CA ILE D 254 -26.62 9.22 -28.47
C ILE D 254 -26.37 7.74 -28.67
N LEU D 255 -26.20 7.05 -27.53
CA LEU D 255 -25.91 5.62 -27.52
C LEU D 255 -27.20 4.88 -27.82
N VAL D 256 -27.42 4.58 -29.09
CA VAL D 256 -28.56 3.76 -29.45
C VAL D 256 -28.27 2.31 -29.07
N GLN D 257 -29.24 1.65 -28.45
CA GLN D 257 -29.13 0.23 -28.16
C GLN D 257 -30.42 -0.46 -28.55
N PHE D 258 -30.35 -1.30 -29.58
CA PHE D 258 -31.53 -1.91 -30.15
C PHE D 258 -31.64 -3.37 -29.72
N ASN D 259 -32.79 -3.95 -30.02
CA ASN D 259 -33.30 -5.13 -29.35
C ASN D 259 -32.92 -6.43 -30.05
N THR D 260 -33.00 -6.47 -31.37
CA THR D 260 -32.59 -7.62 -32.16
C THR D 260 -31.24 -7.41 -32.83
N PRO D 261 -30.40 -8.44 -32.89
CA PRO D 261 -29.03 -8.26 -33.40
C PRO D 261 -29.02 -8.19 -34.91
N VAL D 262 -28.01 -7.51 -35.44
CA VAL D 262 -27.84 -7.41 -36.88
C VAL D 262 -26.57 -8.14 -37.28
N GLN D 263 -26.69 -9.15 -38.13
CA GLN D 263 -25.57 -10.03 -38.37
C GLN D 263 -24.65 -9.47 -39.44
N ILE D 264 -23.37 -9.36 -39.10
CA ILE D 264 -22.34 -8.86 -39.99
C ILE D 264 -21.46 -10.04 -40.35
N ASN D 265 -20.83 -9.94 -41.52
CA ASN D 265 -20.21 -11.06 -42.18
C ASN D 265 -18.84 -10.68 -42.69
N CYS D 266 -18.03 -10.12 -41.79
CA CYS D 266 -16.76 -9.57 -42.21
C CYS D 266 -15.79 -10.67 -42.59
N THR D 267 -14.99 -10.40 -43.61
CA THR D 267 -14.10 -11.42 -44.12
C THR D 267 -12.84 -10.75 -44.64
N ARG D 268 -11.88 -11.59 -45.00
CA ARG D 268 -10.67 -11.14 -45.68
C ARG D 268 -10.23 -12.27 -46.59
N PRO D 269 -10.32 -12.11 -47.91
CA PRO D 269 -10.19 -13.26 -48.79
C PRO D 269 -8.78 -13.50 -49.31
N ASN D 270 -7.81 -12.74 -48.85
CA ASN D 270 -6.43 -13.07 -49.15
C ASN D 270 -5.95 -14.24 -48.30
N ASN D 271 -5.08 -15.06 -48.87
CA ASN D 271 -4.56 -16.21 -48.15
C ASN D 271 -3.49 -15.79 -47.14
N ASN D 272 -2.58 -14.93 -47.57
CA ASN D 272 -1.67 -14.16 -46.70
C ASN D 272 -0.78 -15.08 -45.86
N THR D 273 0.11 -15.77 -46.57
CA THR D 273 1.03 -16.68 -45.92
C THR D 273 2.05 -15.93 -45.06
N ARG D 274 2.27 -16.43 -43.85
CA ARG D 274 3.22 -15.82 -42.93
C ARG D 274 4.61 -16.39 -43.16
N LYS D 275 5.61 -15.70 -42.61
CA LYS D 275 6.97 -16.22 -42.54
C LYS D 275 7.70 -15.55 -41.39
N SER D 276 8.74 -16.22 -40.90
CA SER D 276 9.45 -15.79 -39.70
C SER D 276 10.86 -15.36 -40.09
N ILE D 277 11.16 -14.09 -39.89
CA ILE D 277 12.49 -13.54 -40.05
C ILE D 277 13.15 -13.42 -38.67
N ARG D 278 14.41 -13.82 -38.57
CA ARG D 278 15.07 -13.80 -37.27
C ARG D 278 15.78 -12.47 -37.09
N ILE D 279 15.35 -11.71 -36.08
CA ILE D 279 15.97 -10.42 -35.81
C ILE D 279 17.29 -10.60 -35.09
N GLY D 280 17.29 -11.39 -34.03
CA GLY D 280 18.48 -11.61 -33.25
C GLY D 280 18.44 -12.89 -32.47
N PRO D 281 18.95 -12.86 -31.25
CA PRO D 281 18.90 -14.07 -30.41
C PRO D 281 17.50 -14.30 -29.88
N GLY D 282 16.79 -15.28 -30.45
CA GLY D 282 15.50 -15.61 -29.90
C GLY D 282 14.47 -14.53 -30.13
N GLN D 283 14.70 -13.65 -31.08
CA GLN D 283 13.72 -12.62 -31.40
C GLN D 283 13.20 -12.88 -32.80
N ALA D 284 12.06 -13.56 -32.89
CA ALA D 284 11.46 -13.79 -34.19
C ALA D 284 10.62 -12.58 -34.58
N PHE D 285 10.44 -12.39 -35.89
CA PHE D 285 9.55 -11.37 -36.40
C PHE D 285 8.70 -11.96 -37.51
N TYR D 286 7.39 -11.88 -37.36
CA TYR D 286 6.48 -12.50 -38.32
C TYR D 286 6.06 -11.49 -39.36
N ALA D 287 6.45 -11.72 -40.61
CA ALA D 287 6.07 -10.86 -41.71
C ALA D 287 5.28 -11.67 -42.73
N THR D 288 4.34 -11.01 -43.38
CA THR D 288 3.57 -11.68 -44.41
C THR D 288 4.42 -11.89 -45.65
N GLY D 289 4.54 -13.13 -46.08
CA GLY D 289 5.35 -13.39 -47.25
C GLY D 289 4.49 -13.27 -48.48
N ASP D 290 4.43 -14.33 -49.27
CA ASP D 290 3.61 -14.33 -50.46
C ASP D 290 2.14 -14.47 -50.10
N ILE D 291 1.28 -14.02 -51.02
CA ILE D 291 -0.15 -14.21 -50.93
C ILE D 291 -0.53 -15.15 -52.06
N ILE D 292 -1.17 -16.26 -51.72
CA ILE D 292 -1.47 -17.31 -52.68
C ILE D 292 -2.89 -17.11 -53.19
N GLY D 293 -3.02 -17.04 -54.51
CA GLY D 293 -4.30 -16.91 -55.16
C GLY D 293 -4.38 -15.52 -55.77
N ASP D 294 -5.39 -14.76 -55.38
CA ASP D 294 -5.59 -13.42 -55.93
C ASP D 294 -5.65 -12.43 -54.79
N ILE D 295 -5.37 -11.18 -55.13
CA ILE D 295 -5.39 -10.08 -54.19
C ILE D 295 -6.74 -9.41 -54.29
N ARG D 296 -7.62 -9.74 -53.37
CA ARG D 296 -8.99 -9.26 -53.38
C ARG D 296 -9.20 -8.49 -52.08
N GLN D 297 -10.16 -7.57 -52.11
CA GLN D 297 -10.39 -6.68 -50.98
C GLN D 297 -11.32 -7.28 -49.92
N ALA D 298 -10.94 -7.05 -48.67
CA ALA D 298 -11.71 -7.49 -47.52
C ALA D 298 -12.94 -6.62 -47.32
N HIS D 299 -14.07 -7.27 -47.03
CA HIS D 299 -15.34 -6.57 -46.96
C HIS D 299 -16.14 -7.12 -45.78
N CYS D 300 -17.31 -6.55 -45.60
CA CYS D 300 -18.27 -7.00 -44.60
C CYS D 300 -19.64 -6.97 -45.24
N ASN D 301 -20.56 -7.77 -44.74
CA ASN D 301 -21.89 -7.79 -45.32
C ASN D 301 -22.90 -7.57 -44.21
N VAL D 302 -23.94 -6.80 -44.53
CA VAL D 302 -25.15 -6.72 -43.72
C VAL D 302 -26.38 -6.88 -44.59
N SER D 303 -27.46 -7.38 -43.99
CA SER D 303 -28.69 -7.55 -44.75
C SER D 303 -29.37 -6.19 -44.89
N LYS D 304 -29.72 -5.85 -46.13
CA LYS D 304 -30.29 -4.54 -46.43
C LYS D 304 -31.70 -4.39 -45.87
N ALA D 305 -32.44 -5.49 -45.79
CA ALA D 305 -33.78 -5.48 -45.21
C ALA D 305 -33.72 -5.28 -43.71
N THR D 306 -32.64 -5.75 -43.10
CA THR D 306 -32.54 -5.65 -41.65
C THR D 306 -32.07 -4.26 -41.30
N TRP D 307 -31.12 -3.74 -42.07
CA TRP D 307 -30.56 -2.45 -41.73
C TRP D 307 -31.59 -1.37 -42.00
N ASN D 308 -32.31 -1.50 -43.11
CA ASN D 308 -33.34 -0.51 -43.40
C ASN D 308 -34.50 -0.63 -42.43
N GLU D 309 -34.78 -1.84 -41.93
CA GLU D 309 -35.81 -1.99 -40.90
C GLU D 309 -35.38 -1.42 -39.56
N THR D 310 -34.10 -1.53 -39.27
CA THR D 310 -33.60 -1.00 -38.01
C THR D 310 -33.55 0.51 -38.05
N LEU D 311 -33.20 1.08 -39.19
CA LEU D 311 -33.31 2.52 -39.29
C LEU D 311 -34.76 2.99 -39.29
N GLY D 312 -35.68 2.13 -39.71
CA GLY D 312 -37.09 2.44 -39.55
C GLY D 312 -37.52 2.41 -38.10
N LYS D 313 -36.80 1.64 -37.29
CA LYS D 313 -37.09 1.61 -35.86
C LYS D 313 -36.51 2.84 -35.17
N VAL D 314 -35.24 3.13 -35.45
CA VAL D 314 -34.61 4.22 -34.75
C VAL D 314 -35.07 5.58 -35.21
N VAL D 315 -35.78 5.67 -36.35
CA VAL D 315 -36.30 6.98 -36.69
C VAL D 315 -37.65 7.17 -36.02
N LYS D 316 -38.22 6.08 -35.52
CA LYS D 316 -39.44 6.16 -34.77
C LYS D 316 -39.09 6.54 -33.35
N GLN D 317 -38.04 5.91 -32.82
CA GLN D 317 -37.67 6.25 -31.47
C GLN D 317 -37.02 7.63 -31.42
N LEU D 318 -36.42 8.09 -32.53
CA LEU D 318 -35.89 9.44 -32.56
C LEU D 318 -37.00 10.48 -32.63
N ARG D 319 -38.13 10.13 -33.26
CA ARG D 319 -39.21 11.10 -33.25
C ARG D 319 -39.87 11.21 -31.90
N LYS D 320 -39.60 10.27 -30.99
CA LYS D 320 -40.14 10.39 -29.65
C LYS D 320 -39.47 11.53 -28.90
N HIS D 321 -38.24 11.85 -29.28
CA HIS D 321 -37.53 12.96 -28.66
C HIS D 321 -37.54 14.22 -29.50
N PHE D 322 -37.75 14.11 -30.81
CA PHE D 322 -37.71 15.28 -31.66
C PHE D 322 -39.04 15.58 -32.34
N GLY D 323 -40.12 15.00 -31.84
CA GLY D 323 -41.42 15.29 -32.43
C GLY D 323 -41.67 14.62 -33.75
N ASN D 324 -42.89 14.78 -34.25
CA ASN D 324 -43.26 14.28 -35.56
C ASN D 324 -42.97 15.36 -36.58
N ASN D 325 -43.33 15.07 -37.84
CA ASN D 325 -43.00 15.86 -39.04
C ASN D 325 -41.56 16.38 -39.00
N THR D 326 -40.65 15.49 -38.63
CA THR D 326 -39.24 15.85 -38.55
C THR D 326 -38.47 15.01 -39.56
N ILE D 327 -37.88 15.67 -40.55
CA ILE D 327 -37.33 14.94 -41.68
C ILE D 327 -35.96 14.43 -41.27
N ILE D 328 -35.90 13.24 -40.71
CA ILE D 328 -34.63 12.76 -40.21
C ILE D 328 -33.81 12.19 -41.36
N ARG D 329 -32.59 12.66 -41.50
CA ARG D 329 -31.67 12.17 -42.53
C ARG D 329 -30.35 11.81 -41.88
N PHE D 330 -29.53 11.09 -42.62
CA PHE D 330 -28.25 10.63 -42.09
C PHE D 330 -27.08 11.10 -42.96
N ALA D 331 -25.91 11.07 -42.36
CA ALA D 331 -24.69 11.46 -43.06
C ALA D 331 -23.58 10.59 -42.50
N ASN D 332 -22.34 10.90 -42.88
CA ASN D 332 -21.28 9.91 -42.73
C ASN D 332 -20.09 10.48 -41.98
N SER D 333 -20.33 11.12 -40.82
CA SER D 333 -19.29 11.49 -39.86
C SER D 333 -18.26 12.41 -40.53
N SER D 334 -18.71 13.64 -40.75
CA SER D 334 -18.13 14.66 -41.64
C SER D 334 -16.62 14.66 -41.75
N GLY D 335 -15.93 14.55 -40.62
CA GLY D 335 -14.49 14.53 -40.64
C GLY D 335 -13.94 13.79 -39.45
N GLY D 336 -12.62 13.75 -39.39
CA GLY D 336 -11.89 13.21 -38.27
C GLY D 336 -10.75 12.36 -38.78
N ASP D 337 -10.09 11.67 -37.86
CA ASP D 337 -8.99 10.79 -38.23
C ASP D 337 -9.50 9.51 -38.87
N LEU D 338 -8.56 8.66 -39.26
CA LEU D 338 -8.92 7.41 -39.92
C LEU D 338 -9.51 6.43 -38.93
N GLU D 339 -9.35 6.70 -37.64
CA GLU D 339 -9.80 5.81 -36.59
C GLU D 339 -11.06 6.34 -35.94
N VAL D 340 -11.65 7.38 -36.50
CA VAL D 340 -12.91 7.90 -35.99
C VAL D 340 -13.92 7.97 -37.12
N THR D 341 -13.42 8.20 -38.34
CA THR D 341 -14.28 8.17 -39.50
C THR D 341 -14.65 6.77 -39.94
N THR D 342 -14.13 5.74 -39.30
CA THR D 342 -14.28 4.38 -39.79
C THR D 342 -14.81 3.49 -38.69
N HIS D 343 -15.29 2.33 -39.09
CA HIS D 343 -15.71 1.33 -38.12
C HIS D 343 -14.49 0.47 -37.83
N SER D 344 -13.78 0.84 -36.78
CA SER D 344 -12.49 0.25 -36.49
C SER D 344 -12.72 -0.88 -35.50
N PHE D 345 -12.31 -2.09 -35.87
CA PHE D 345 -12.54 -3.20 -34.96
C PHE D 345 -11.51 -4.30 -35.21
N ASN D 346 -11.66 -5.36 -34.43
CA ASN D 346 -10.81 -6.54 -34.45
C ASN D 346 -11.62 -7.75 -34.86
N CYS D 347 -10.97 -8.66 -35.56
CA CYS D 347 -11.61 -9.87 -36.08
C CYS D 347 -10.54 -10.94 -36.16
N GLY D 348 -10.55 -11.84 -35.17
CA GLY D 348 -9.67 -12.98 -35.19
C GLY D 348 -8.22 -12.65 -34.97
N GLY D 349 -7.90 -11.42 -34.61
CA GLY D 349 -6.54 -11.03 -34.43
C GLY D 349 -6.05 -10.09 -35.49
N GLU D 350 -6.94 -9.64 -36.37
CA GLU D 350 -6.53 -8.67 -37.38
C GLU D 350 -7.53 -7.53 -37.42
N PHE D 351 -7.06 -6.36 -37.83
CA PHE D 351 -7.68 -5.10 -37.49
C PHE D 351 -8.34 -4.47 -38.71
N PHE D 352 -9.65 -4.64 -38.82
CA PHE D 352 -10.38 -4.09 -39.95
C PHE D 352 -10.75 -2.65 -39.68
N TYR D 353 -10.59 -1.82 -40.71
CA TYR D 353 -11.11 -0.46 -40.71
C TYR D 353 -12.06 -0.38 -41.88
N CYS D 354 -13.35 -0.35 -41.60
CA CYS D 354 -14.35 -0.43 -42.64
C CYS D 354 -14.69 0.98 -43.09
N ASN D 355 -15.80 1.14 -43.81
CA ASN D 355 -16.19 2.45 -44.32
C ASN D 355 -17.71 2.49 -44.24
N THR D 356 -18.23 2.96 -43.11
CA THR D 356 -19.67 3.11 -42.93
C THR D 356 -20.10 4.36 -43.68
N SER D 357 -20.23 4.23 -44.98
CA SER D 357 -20.81 5.27 -45.80
C SER D 357 -21.83 4.74 -46.76
N GLY D 358 -22.11 3.45 -46.73
CA GLY D 358 -23.20 2.87 -47.47
C GLY D 358 -24.29 2.62 -46.46
N LEU D 359 -23.94 2.81 -45.19
CA LEU D 359 -24.87 2.60 -44.10
C LEU D 359 -25.57 3.89 -43.71
N PHE D 360 -24.79 4.87 -43.28
CA PHE D 360 -25.36 6.10 -42.72
C PHE D 360 -25.65 7.12 -43.81
N ASN D 361 -26.57 6.74 -44.67
CA ASN D 361 -26.91 7.57 -45.82
C ASN D 361 -28.36 7.30 -46.16
N SER D 362 -29.25 8.10 -45.57
CA SER D 362 -30.69 7.92 -45.78
C SER D 362 -31.39 9.23 -45.46
N THR D 363 -32.72 9.23 -45.62
CA THR D 363 -33.54 10.31 -45.13
C THR D 363 -34.95 9.77 -44.90
N TRP D 364 -35.55 10.20 -43.81
CA TRP D 364 -36.79 9.62 -43.33
C TRP D 364 -37.80 10.70 -43.01
N ILE D 365 -39.00 10.59 -43.56
CA ILE D 365 -40.07 11.54 -43.29
C ILE D 365 -41.13 10.83 -42.49
N SER D 366 -41.89 11.59 -41.69
CA SER D 366 -42.73 11.04 -40.63
C SER D 366 -43.96 10.30 -41.16
N ASN D 367 -44.10 10.18 -42.47
CA ASN D 367 -45.21 9.46 -43.07
C ASN D 367 -45.01 7.96 -42.90
N ASN D 379 -33.66 -8.43 -50.11
CA ASN D 379 -32.99 -9.73 -50.07
C ASN D 379 -31.48 -9.55 -50.19
N ASP D 380 -31.07 -8.54 -50.95
CA ASP D 380 -29.66 -8.33 -51.20
C ASP D 380 -28.96 -7.80 -49.95
N SER D 381 -27.64 -7.78 -50.01
CA SER D 381 -26.82 -7.41 -48.89
C SER D 381 -25.97 -6.20 -49.25
N ILE D 382 -25.69 -5.39 -48.23
CA ILE D 382 -24.80 -4.26 -48.36
C ILE D 382 -23.39 -4.68 -48.01
N THR D 383 -22.48 -4.48 -48.95
CA THR D 383 -21.07 -4.83 -48.80
C THR D 383 -20.29 -3.58 -48.40
N LEU D 384 -19.51 -3.69 -47.33
CA LEU D 384 -18.69 -2.60 -46.83
C LEU D 384 -17.22 -2.86 -47.08
N PRO D 385 -16.55 -2.07 -47.91
CA PRO D 385 -15.13 -2.31 -48.22
C PRO D 385 -14.23 -1.87 -47.08
N CYS D 386 -13.66 -2.84 -46.39
CA CYS D 386 -12.80 -2.53 -45.26
C CYS D 386 -11.34 -2.46 -45.71
N ARG D 387 -10.45 -2.12 -44.79
CA ARG D 387 -9.02 -2.06 -45.08
C ARG D 387 -8.25 -2.29 -43.79
N ILE D 388 -7.07 -2.89 -43.93
CA ILE D 388 -6.33 -3.42 -42.80
C ILE D 388 -5.05 -2.62 -42.59
N LYS D 389 -4.75 -2.34 -41.33
CA LYS D 389 -3.57 -1.62 -40.89
C LYS D 389 -2.86 -2.48 -39.84
N GLN D 390 -1.53 -2.55 -39.91
CA GLN D 390 -0.85 -3.48 -39.03
C GLN D 390 -0.33 -2.85 -37.75
N ILE D 391 0.32 -1.69 -37.80
CA ILE D 391 0.61 -1.02 -36.54
C ILE D 391 -0.69 -0.41 -36.04
N ILE D 392 -0.82 -0.31 -34.72
CA ILE D 392 -2.11 0.01 -34.12
C ILE D 392 -1.89 0.94 -32.94
N ASN D 393 -2.62 2.04 -32.90
CA ASN D 393 -2.43 2.98 -31.82
C ASN D 393 -3.75 3.19 -31.12
N MET D 394 -4.37 2.06 -30.75
CA MET D 394 -5.65 2.07 -30.04
C MET D 394 -5.50 2.83 -28.72
N TRP D 395 -6.53 3.63 -28.43
CA TRP D 395 -6.72 4.56 -27.32
C TRP D 395 -5.84 5.78 -27.48
N GLN D 396 -5.09 5.88 -28.58
CA GLN D 396 -4.36 7.08 -29.00
C GLN D 396 -3.37 7.55 -27.94
N ARG D 397 -2.62 6.62 -27.39
CA ARG D 397 -1.59 7.05 -26.48
C ARG D 397 -0.41 7.63 -27.26
N ILE D 398 0.44 8.33 -26.54
CA ILE D 398 1.44 9.18 -27.19
C ILE D 398 2.59 8.37 -27.76
N GLY D 399 3.16 7.47 -26.96
CA GLY D 399 4.37 6.78 -27.35
C GLY D 399 4.24 5.27 -27.46
N GLN D 400 3.11 4.82 -27.98
CA GLN D 400 2.85 3.41 -28.17
C GLN D 400 2.28 3.20 -29.55
N CYS D 401 2.56 2.02 -30.09
CA CYS D 401 1.78 1.46 -31.18
C CYS D 401 1.80 -0.05 -31.02
N MET D 402 1.27 -0.76 -32.02
CA MET D 402 1.13 -2.20 -31.83
C MET D 402 1.13 -2.88 -33.20
N TYR D 403 2.27 -3.46 -33.57
CA TYR D 403 2.41 -4.18 -34.83
C TYR D 403 1.67 -5.50 -34.72
N ALA D 404 0.50 -5.59 -35.28
CA ALA D 404 -0.20 -6.87 -35.28
C ALA D 404 0.44 -7.82 -36.27
N PRO D 405 0.71 -9.06 -35.89
CA PRO D 405 1.37 -9.98 -36.81
C PRO D 405 0.37 -10.47 -37.83
N PRO D 406 0.82 -10.99 -38.96
CA PRO D 406 -0.12 -11.56 -39.93
C PRO D 406 -0.69 -12.88 -39.42
N ILE D 407 -1.77 -13.31 -40.07
CA ILE D 407 -2.41 -14.56 -39.70
C ILE D 407 -2.67 -15.36 -40.96
N GLN D 408 -2.60 -16.69 -40.82
CA GLN D 408 -2.67 -17.59 -41.96
C GLN D 408 -4.08 -17.69 -42.54
N GLY D 409 -4.15 -17.96 -43.85
CA GLY D 409 -5.39 -18.38 -44.46
C GLY D 409 -6.39 -17.27 -44.69
N VAL D 410 -7.50 -17.64 -45.33
CA VAL D 410 -8.62 -16.73 -45.51
C VAL D 410 -9.26 -16.46 -44.16
N ILE D 411 -9.57 -15.19 -43.90
CA ILE D 411 -10.12 -14.76 -42.62
C ILE D 411 -11.57 -14.33 -42.81
N ARG D 412 -12.45 -14.83 -41.94
CA ARG D 412 -13.88 -14.56 -42.02
C ARG D 412 -14.44 -14.58 -40.61
N CYS D 413 -15.28 -13.59 -40.26
CA CYS D 413 -15.96 -13.60 -38.98
C CYS D 413 -17.41 -13.14 -39.14
N VAL D 414 -18.20 -13.44 -38.11
CA VAL D 414 -19.62 -13.13 -38.06
C VAL D 414 -19.92 -12.52 -36.71
N SER D 415 -20.48 -11.30 -36.68
CA SER D 415 -20.70 -10.64 -35.41
C SER D 415 -22.09 -10.00 -35.38
N ASN D 416 -22.56 -9.68 -34.18
CA ASN D 416 -23.84 -9.00 -34.01
C ASN D 416 -23.64 -7.53 -33.72
N ILE D 417 -24.07 -6.67 -34.64
CA ILE D 417 -24.24 -5.26 -34.31
C ILE D 417 -25.38 -5.13 -33.32
N THR D 418 -25.08 -4.59 -32.15
CA THR D 418 -26.07 -4.45 -31.08
C THR D 418 -26.49 -3.00 -30.87
N GLY D 419 -25.56 -2.07 -30.87
CA GLY D 419 -25.90 -0.68 -30.63
C GLY D 419 -25.03 0.26 -31.45
N LEU D 420 -25.58 1.42 -31.75
CA LEU D 420 -24.82 2.47 -32.41
C LEU D 420 -24.39 3.54 -31.42
N ILE D 421 -23.45 4.37 -31.85
CA ILE D 421 -23.11 5.59 -31.12
C ILE D 421 -23.28 6.71 -32.13
N LEU D 422 -24.47 7.30 -32.17
CA LEU D 422 -24.69 8.39 -33.10
C LEU D 422 -24.30 9.72 -32.46
N THR D 423 -24.46 10.79 -33.24
CA THR D 423 -24.18 12.14 -32.81
C THR D 423 -24.95 13.09 -33.73
N ARG D 424 -25.73 13.98 -33.11
CA ARG D 424 -26.56 14.91 -33.86
C ARG D 424 -25.65 15.96 -34.51
N ASP D 425 -26.27 16.85 -35.30
CA ASP D 425 -25.59 17.87 -36.07
C ASP D 425 -26.06 19.20 -35.54
N GLY D 426 -25.13 20.02 -35.08
CA GLY D 426 -25.49 21.15 -34.26
C GLY D 426 -26.08 22.33 -35.02
N GLY D 427 -27.35 22.17 -35.39
CA GLY D 427 -28.05 23.21 -36.09
C GLY D 427 -28.34 24.39 -35.18
N SER D 428 -28.67 25.53 -35.78
CA SER D 428 -29.09 26.66 -34.98
C SER D 428 -30.25 27.40 -35.61
N THR D 429 -31.03 26.72 -36.43
CA THR D 429 -32.13 27.33 -37.15
C THR D 429 -33.40 26.54 -36.85
N ASN D 430 -34.52 27.09 -37.32
CA ASN D 430 -35.84 26.49 -37.08
C ASN D 430 -36.18 25.53 -38.21
N SER D 431 -35.26 24.62 -38.48
CA SER D 431 -35.41 23.62 -39.51
C SER D 431 -36.10 22.38 -38.96
N THR D 432 -36.37 21.44 -39.85
CA THR D 432 -36.95 20.15 -39.51
C THR D 432 -35.95 19.03 -39.60
N THR D 433 -35.03 19.09 -40.54
CA THR D 433 -34.12 17.96 -40.68
C THR D 433 -33.17 17.89 -39.50
N GLU D 434 -32.66 16.70 -39.26
CA GLU D 434 -31.68 16.46 -38.19
C GLU D 434 -30.66 15.48 -38.75
N THR D 435 -29.59 15.99 -39.33
CA THR D 435 -28.72 15.08 -40.06
C THR D 435 -27.89 14.39 -38.99
N PHE D 436 -28.34 13.20 -38.59
CA PHE D 436 -27.60 12.46 -37.59
C PHE D 436 -26.33 11.87 -38.19
N ARG D 437 -25.31 11.75 -37.35
CA ARG D 437 -24.03 11.33 -37.83
C ARG D 437 -23.43 10.37 -36.82
N PRO D 438 -22.81 9.30 -37.28
CA PRO D 438 -22.19 8.35 -36.37
C PRO D 438 -20.84 8.87 -35.90
N GLY D 439 -20.44 8.43 -34.72
CA GLY D 439 -19.14 8.83 -34.22
C GLY D 439 -18.70 8.08 -32.98
N GLY D 440 -17.50 7.52 -33.01
CA GLY D 440 -17.05 6.70 -31.91
C GLY D 440 -16.55 7.49 -30.72
N GLY D 441 -15.45 8.21 -30.93
CA GLY D 441 -14.88 9.03 -29.88
C GLY D 441 -14.29 8.20 -28.77
N ASP D 442 -14.70 8.51 -27.53
CA ASP D 442 -14.13 7.86 -26.37
C ASP D 442 -14.58 6.41 -26.28
N MET D 443 -13.65 5.53 -25.91
CA MET D 443 -14.03 4.12 -25.84
C MET D 443 -14.84 3.83 -24.59
N ARG D 444 -14.91 4.79 -23.67
CA ARG D 444 -15.64 4.62 -22.43
C ARG D 444 -17.12 4.57 -22.71
N ASP D 445 -17.53 5.23 -23.77
CA ASP D 445 -18.93 5.32 -24.12
C ASP D 445 -19.45 3.97 -24.57
N ASN D 446 -18.56 3.06 -24.95
CA ASN D 446 -18.99 1.69 -25.20
C ASN D 446 -19.42 1.04 -23.90
N TRP D 447 -18.61 1.23 -22.88
CA TRP D 447 -18.86 0.57 -21.62
C TRP D 447 -19.92 1.27 -20.81
N ARG D 448 -20.33 2.46 -21.22
CA ARG D 448 -21.52 3.01 -20.59
C ARG D 448 -22.77 2.38 -21.16
N SER D 449 -22.62 1.61 -22.23
CA SER D 449 -23.69 0.78 -22.76
C SER D 449 -23.72 -0.56 -22.07
N GLU D 450 -22.75 -0.81 -21.21
CA GLU D 450 -22.70 -2.05 -20.47
C GLU D 450 -22.82 -1.86 -18.98
N LEU D 451 -22.52 -0.68 -18.46
CA LEU D 451 -22.48 -0.44 -17.04
C LEU D 451 -23.49 0.63 -16.65
N TYR D 452 -24.63 0.62 -17.34
CA TYR D 452 -25.69 1.52 -16.96
C TYR D 452 -26.69 0.87 -16.03
N LYS D 453 -26.75 -0.46 -16.00
CA LYS D 453 -27.65 -1.11 -15.09
C LYS D 453 -27.10 -1.14 -13.68
N TYR D 454 -25.78 -1.08 -13.54
CA TYR D 454 -25.12 -1.37 -12.29
C TYR D 454 -24.62 -0.09 -11.66
N LYS D 455 -24.96 0.11 -10.39
CA LYS D 455 -24.29 1.09 -9.55
C LYS D 455 -23.77 0.37 -8.31
N VAL D 456 -22.78 0.96 -7.64
CA VAL D 456 -22.16 0.31 -6.50
C VAL D 456 -22.42 1.12 -5.23
N VAL D 457 -23.07 0.50 -4.26
CA VAL D 457 -23.36 1.20 -3.02
C VAL D 457 -22.55 0.60 -1.90
N LYS D 458 -22.43 1.37 -0.82
CA LYS D 458 -21.71 0.97 0.37
C LYS D 458 -22.72 0.79 1.50
N ILE D 459 -22.83 -0.45 1.97
CA ILE D 459 -23.69 -0.78 3.10
C ILE D 459 -23.11 -0.17 4.36
N GLU D 460 -23.89 0.65 5.05
CA GLU D 460 -23.42 1.33 6.26
C GLU D 460 -24.37 0.97 7.38
N PRO D 461 -24.20 -0.19 8.00
CA PRO D 461 -25.06 -0.58 9.12
C PRO D 461 -24.78 0.18 10.40
N LEU D 462 -25.35 -0.30 11.50
CA LEU D 462 -25.24 0.33 12.83
C LEU D 462 -25.90 1.71 12.80
N GLY D 463 -27.21 1.68 12.60
CA GLY D 463 -28.05 2.84 12.73
C GLY D 463 -28.45 3.05 14.18
N VAL D 464 -29.35 3.99 14.39
CA VAL D 464 -29.70 4.39 15.75
C VAL D 464 -31.10 4.97 15.80
N ALA D 465 -31.90 4.53 16.78
CA ALA D 465 -33.27 4.99 16.85
C ALA D 465 -33.72 5.06 18.30
N PRO D 466 -34.55 6.03 18.66
CA PRO D 466 -35.03 6.13 20.04
C PRO D 466 -36.26 5.25 20.25
N THR D 467 -36.27 4.58 21.39
CA THR D 467 -37.43 3.83 21.84
C THR D 467 -37.42 3.85 23.35
N ARG D 468 -38.44 3.25 23.94
CA ARG D 468 -38.71 3.39 25.37
C ARG D 468 -38.16 2.19 26.09
N CYS D 469 -36.84 2.19 26.26
CA CYS D 469 -36.14 1.24 27.11
C CYS D 469 -34.85 1.88 27.56
N LYS D 470 -34.42 1.53 28.76
CA LYS D 470 -33.21 2.13 29.32
C LYS D 470 -32.33 1.02 29.86
N ARG D 471 -31.03 1.18 29.68
CA ARG D 471 -30.08 0.18 30.14
C ARG D 471 -30.03 0.14 31.65
N ARG D 472 -30.63 -0.89 32.25
CA ARG D 472 -30.72 -0.98 33.69
C ARG D 472 -29.37 -1.35 34.28
N VAL D 473 -29.12 -0.88 35.50
CA VAL D 473 -27.88 -1.19 36.18
C VAL D 473 -28.15 -2.06 37.39
N GLU E 1 -31.61 19.65 27.79
CA GLU E 1 -31.19 21.03 27.53
C GLU E 1 -30.41 21.56 28.73
N VAL E 2 -29.83 22.74 28.58
CA VAL E 2 -29.05 23.38 29.63
C VAL E 2 -29.98 24.11 30.60
N MET E 3 -29.86 23.78 31.88
CA MET E 3 -30.68 24.34 32.95
C MET E 3 -29.67 24.91 33.94
N LEU E 4 -29.87 26.16 34.35
CA LEU E 4 -29.12 26.80 35.42
C LEU E 4 -30.05 27.41 36.46
N VAL E 5 -29.97 26.96 37.70
CA VAL E 5 -30.92 27.36 38.74
C VAL E 5 -30.14 27.92 39.91
N GLU E 6 -30.25 29.23 40.13
CA GLU E 6 -29.52 29.93 41.18
C GLU E 6 -30.34 30.01 42.47
N SER E 7 -29.64 30.04 43.58
CA SER E 7 -30.25 30.21 44.89
C SER E 7 -29.30 31.02 45.77
N GLY E 8 -29.84 31.47 46.89
CA GLY E 8 -29.06 32.13 47.93
C GLY E 8 -29.27 33.62 48.06
N GLY E 9 -30.04 34.24 47.16
CA GLY E 9 -30.24 35.67 47.22
C GLY E 9 -30.96 36.11 48.48
N GLY E 10 -30.77 37.38 48.82
CA GLY E 10 -31.36 37.88 50.05
C GLY E 10 -31.04 39.34 50.26
N LEU E 11 -31.46 39.84 51.42
CA LEU E 11 -31.19 41.21 51.83
C LEU E 11 -30.01 41.17 52.79
N VAL E 12 -28.96 41.91 52.45
CA VAL E 12 -27.67 41.87 53.15
C VAL E 12 -27.33 43.30 53.53
N LYS E 13 -26.84 43.50 54.73
CA LYS E 13 -26.28 44.80 55.03
C LYS E 13 -24.90 44.96 54.36
N PRO E 14 -24.53 46.18 53.99
CA PRO E 14 -23.20 46.41 53.41
C PRO E 14 -22.08 46.00 54.35
N GLY E 15 -21.00 45.47 53.78
CA GLY E 15 -19.95 44.86 54.56
C GLY E 15 -20.18 43.40 54.89
N GLY E 16 -21.37 42.88 54.61
CA GLY E 16 -21.70 41.50 54.93
C GLY E 16 -21.25 40.54 53.86
N SER E 17 -21.57 39.28 54.07
CA SER E 17 -21.11 38.20 53.21
C SER E 17 -22.30 37.36 52.78
N LEU E 18 -22.18 36.76 51.60
CA LEU E 18 -23.27 35.94 51.09
C LEU E 18 -22.74 35.01 50.00
N LYS E 19 -23.15 33.75 50.05
CA LYS E 19 -22.76 32.78 49.06
C LYS E 19 -23.96 32.45 48.16
N LEU E 20 -23.82 32.72 46.88
CA LEU E 20 -24.80 32.33 45.88
C LEU E 20 -24.43 30.96 45.32
N SER E 21 -25.44 30.23 44.86
CA SER E 21 -25.25 28.92 44.27
C SER E 21 -25.97 28.86 42.93
N CYS E 22 -25.42 28.04 42.04
CA CYS E 22 -26.00 27.76 40.74
C CYS E 22 -25.90 26.27 40.44
N GLU E 23 -27.04 25.61 40.34
CA GLU E 23 -27.08 24.19 40.11
C GLU E 23 -27.36 24.01 38.63
N ALA E 24 -26.47 23.29 37.96
CA ALA E 24 -26.49 23.19 36.51
C ALA E 24 -26.82 21.77 36.07
N SER E 25 -27.44 21.66 34.91
CA SER E 25 -27.66 20.36 34.30
C SER E 25 -27.73 20.51 32.80
N GLY E 26 -27.58 19.39 32.10
CA GLY E 26 -27.73 19.34 30.67
C GLY E 26 -26.44 19.46 29.89
N PHE E 27 -25.29 19.50 30.56
CA PHE E 27 -24.00 19.61 29.89
C PHE E 27 -22.91 19.07 30.80
N SER E 28 -21.74 18.83 30.21
CA SER E 28 -20.56 18.37 30.94
C SER E 28 -20.03 19.56 31.71
N PHE E 29 -20.31 19.59 33.03
CA PHE E 29 -20.19 20.81 33.81
C PHE E 29 -18.75 21.32 33.86
N GLY E 30 -17.81 20.42 34.16
CA GLY E 30 -16.44 20.83 34.42
C GLY E 30 -15.70 21.41 33.23
N PHE E 31 -16.15 21.06 32.01
CA PHE E 31 -15.44 21.49 30.82
C PHE E 31 -15.71 22.95 30.48
N TYR E 32 -16.85 23.47 30.92
CA TYR E 32 -17.22 24.82 30.54
C TYR E 32 -16.79 25.82 31.59
N SER E 33 -16.42 26.99 31.11
CA SER E 33 -16.13 28.09 31.98
C SER E 33 -17.50 28.64 32.34
N LEU E 34 -17.64 29.10 33.57
CA LEU E 34 -18.93 29.58 34.03
C LEU E 34 -18.79 30.95 34.65
N SER E 35 -19.86 31.72 34.59
CA SER E 35 -19.75 33.08 35.09
C SER E 35 -20.99 33.45 35.88
N TRP E 36 -20.80 34.48 36.69
CA TRP E 36 -21.87 35.23 37.30
C TRP E 36 -21.87 36.61 36.66
N VAL E 37 -23.05 37.03 36.25
CA VAL E 37 -23.32 38.35 35.70
C VAL E 37 -24.51 38.92 36.46
N ARG E 38 -24.45 40.19 36.80
CA ARG E 38 -25.56 40.74 37.53
C ARG E 38 -26.25 41.80 36.68
N GLN E 39 -27.52 42.01 36.97
CA GLN E 39 -28.34 43.01 36.31
C GLN E 39 -28.85 43.96 37.37
N THR E 40 -28.49 45.20 37.24
CA THR E 40 -28.78 46.25 38.19
C THR E 40 -30.24 46.67 38.05
N PRO E 41 -30.82 47.31 39.08
CA PRO E 41 -32.21 47.80 38.97
C PRO E 41 -32.48 48.71 37.78
N GLU E 42 -31.47 49.37 37.22
CA GLU E 42 -31.63 50.15 35.99
C GLU E 42 -31.52 49.28 34.74
N LYS E 43 -31.43 47.95 34.92
CA LYS E 43 -31.38 46.91 33.88
C LYS E 43 -30.04 46.83 33.18
N ARG E 44 -28.99 47.39 33.78
CA ARG E 44 -27.67 47.31 33.18
C ARG E 44 -27.02 46.00 33.59
N LEU E 45 -26.28 45.39 32.67
CA LEU E 45 -25.58 44.13 32.93
C LEU E 45 -24.11 44.37 33.20
N GLU E 46 -23.64 43.84 34.31
CA GLU E 46 -22.27 44.01 34.74
C GLU E 46 -21.80 42.60 35.01
N TRP E 47 -20.75 42.19 34.31
CA TRP E 47 -20.12 40.92 34.58
C TRP E 47 -19.49 40.96 35.95
N VAL E 48 -19.60 39.86 36.69
CA VAL E 48 -19.25 39.82 38.10
C VAL E 48 -18.09 38.87 38.36
N ALA E 49 -18.12 37.69 37.74
CA ALA E 49 -17.04 36.75 37.99
C ALA E 49 -17.09 35.65 36.94
N THR E 50 -15.92 35.06 36.67
CA THR E 50 -15.82 33.89 35.81
C THR E 50 -14.85 32.93 36.45
N ILE E 51 -15.13 31.63 36.36
CA ILE E 51 -14.17 30.58 36.69
C ILE E 51 -14.05 29.67 35.47
N ALA E 52 -12.81 29.47 35.03
CA ALA E 52 -12.62 28.72 33.81
C ALA E 52 -12.89 27.24 34.04
N GLY E 53 -13.16 26.53 32.97
CA GLY E 53 -13.40 25.11 33.05
C GLY E 53 -12.13 24.31 33.18
N SER E 54 -12.31 23.00 33.37
CA SER E 54 -11.17 22.13 33.68
C SER E 54 -10.18 22.12 32.53
N GLY E 55 -10.68 22.16 31.30
CA GLY E 55 -9.84 22.19 30.13
C GLY E 55 -9.59 23.58 29.61
N VAL E 56 -9.97 24.59 30.39
CA VAL E 56 -9.78 25.99 30.04
C VAL E 56 -8.68 26.59 30.91
N GLY E 57 -8.30 25.93 32.00
CA GLY E 57 -7.27 26.37 32.90
C GLY E 57 -7.75 26.58 34.31
N GLY E 58 -9.05 26.71 34.50
CA GLY E 58 -9.64 26.72 35.83
C GLY E 58 -9.31 27.94 36.66
N GLN E 59 -8.87 29.02 36.02
CA GLN E 59 -8.55 30.22 36.76
C GLN E 59 -9.83 31.01 37.04
N THR E 60 -9.73 31.99 37.92
CA THR E 60 -10.84 32.88 38.20
C THR E 60 -10.51 34.26 37.65
N TYR E 61 -11.54 34.96 37.22
CA TYR E 61 -11.42 36.29 36.62
C TYR E 61 -12.52 37.17 37.18
N TYR E 62 -12.18 38.41 37.45
CA TYR E 62 -13.07 39.36 38.08
C TYR E 62 -12.79 40.71 37.42
N PRO E 63 -13.80 41.56 37.28
CA PRO E 63 -13.52 42.93 36.87
C PRO E 63 -12.94 43.72 38.03
N ASP E 64 -12.28 44.83 37.65
CA ASP E 64 -11.55 45.66 38.61
C ASP E 64 -12.44 46.17 39.72
N SER E 65 -13.72 46.40 39.44
CA SER E 65 -14.60 46.96 40.46
C SER E 65 -14.87 45.96 41.59
N VAL E 66 -14.58 44.68 41.37
CA VAL E 66 -14.83 43.65 42.36
C VAL E 66 -13.59 42.84 42.69
N LYS E 67 -12.49 43.02 41.94
CA LYS E 67 -11.29 42.22 42.13
C LYS E 67 -10.73 42.43 43.53
N GLY E 68 -10.33 41.33 44.17
CA GLY E 68 -9.95 41.38 45.57
C GLY E 68 -11.09 41.31 46.55
N ARG E 69 -12.34 41.35 46.08
CA ARG E 69 -13.54 41.35 46.89
C ARG E 69 -14.44 40.15 46.64
N PHE E 70 -14.53 39.69 45.41
CA PHE E 70 -15.48 38.66 45.03
C PHE E 70 -14.71 37.39 44.71
N THR E 71 -15.28 36.23 45.03
CA THR E 71 -14.62 34.97 44.71
C THR E 71 -15.59 33.98 44.11
N ILE E 72 -15.30 33.54 42.90
CA ILE E 72 -16.10 32.54 42.20
C ILE E 72 -15.42 31.19 42.32
N SER E 73 -16.19 30.15 42.62
CA SER E 73 -15.61 28.82 42.72
C SER E 73 -16.61 27.83 42.16
N ARG E 74 -16.13 26.61 41.89
CA ARG E 74 -17.02 25.58 41.42
C ARG E 74 -16.71 24.24 42.08
N ASP E 75 -17.73 23.40 42.22
CA ASP E 75 -17.57 22.01 42.65
C ASP E 75 -18.21 21.19 41.52
N ASN E 76 -17.30 20.77 40.62
CA ASN E 76 -17.63 20.10 39.38
C ASN E 76 -18.27 18.72 39.59
N ALA E 77 -17.89 18.01 40.67
CA ALA E 77 -18.47 16.69 40.93
C ALA E 77 -19.96 16.72 41.22
N LYS E 78 -20.51 17.83 41.69
CA LYS E 78 -21.94 17.94 41.96
C LYS E 78 -22.59 18.92 40.99
N ASN E 79 -21.81 19.43 40.03
CA ASN E 79 -22.25 20.36 39.00
C ASN E 79 -22.83 21.64 39.59
N THR E 80 -22.16 22.20 40.59
CA THR E 80 -22.66 23.40 41.24
C THR E 80 -21.59 24.48 41.18
N LEU E 81 -22.03 25.70 40.94
CA LEU E 81 -21.22 26.90 40.90
C LEU E 81 -21.52 27.78 42.11
N TYR E 82 -20.51 28.44 42.63
CA TYR E 82 -20.66 29.26 43.81
C TYR E 82 -20.11 30.65 43.51
N LEU E 83 -20.71 31.63 44.18
CA LEU E 83 -20.22 32.99 44.15
C LEU E 83 -20.17 33.45 45.62
N GLN E 84 -18.95 33.52 46.16
CA GLN E 84 -18.68 33.98 47.53
C GLN E 84 -18.45 35.48 47.60
N MET E 85 -19.32 36.16 48.33
CA MET E 85 -19.31 37.62 48.44
C MET E 85 -18.90 38.05 49.84
N SER E 86 -18.00 39.01 49.88
CA SER E 86 -17.50 39.60 51.12
C SER E 86 -17.39 41.09 50.85
N SER E 87 -17.28 41.87 51.93
CA SER E 87 -17.25 43.33 51.90
C SER E 87 -18.29 43.89 50.93
N LEU E 88 -19.54 43.45 51.11
CA LEU E 88 -20.60 43.83 50.19
C LEU E 88 -20.90 45.32 50.26
N ARG E 89 -21.29 45.85 49.10
CA ARG E 89 -21.64 47.25 48.96
C ARG E 89 -23.07 47.36 48.43
N SER E 90 -23.69 48.52 48.69
CA SER E 90 -25.03 48.80 48.21
C SER E 90 -25.11 48.73 46.69
N GLU E 91 -24.01 49.04 45.99
CA GLU E 91 -23.96 48.95 44.54
C GLU E 91 -24.03 47.51 44.04
N ASP E 92 -23.76 46.52 44.90
CA ASP E 92 -23.89 45.13 44.48
C ASP E 92 -25.34 44.69 44.29
N THR E 93 -26.32 45.49 44.76
CA THR E 93 -27.72 45.13 44.65
C THR E 93 -28.10 44.93 43.19
N ALA E 94 -28.57 43.73 42.86
CA ALA E 94 -28.89 43.35 41.49
C ALA E 94 -29.53 41.97 41.51
N VAL E 95 -30.07 41.58 40.36
CA VAL E 95 -30.38 40.18 40.11
C VAL E 95 -29.12 39.53 39.55
N PHE E 96 -28.67 38.45 40.16
CA PHE E 96 -27.47 37.76 39.72
C PHE E 96 -27.86 36.54 38.93
N TYR E 97 -27.34 36.44 37.71
CA TYR E 97 -27.57 35.31 36.83
C TYR E 97 -26.29 34.49 36.75
N CYS E 98 -26.48 33.18 36.80
CA CYS E 98 -25.48 32.20 36.42
C CYS E 98 -25.53 31.98 34.92
N ALA E 99 -24.36 31.86 34.31
CA ALA E 99 -24.33 31.67 32.87
C ALA E 99 -23.25 30.68 32.47
N ARG E 100 -23.58 29.89 31.45
CA ARG E 100 -22.70 28.91 30.86
C ARG E 100 -22.27 29.40 29.49
N HIS E 101 -20.99 29.21 29.22
CA HIS E 101 -20.38 29.57 27.96
C HIS E 101 -20.51 28.46 26.93
N GLY E 102 -19.98 28.73 25.74
CA GLY E 102 -20.00 27.78 24.65
C GLY E 102 -18.79 26.87 24.68
N GLU E 103 -18.42 26.37 23.49
CA GLU E 103 -17.35 25.40 23.34
C GLU E 103 -16.31 25.88 22.35
N GLY E 104 -15.04 25.55 22.62
CA GLY E 104 -14.00 25.85 21.67
C GLY E 104 -13.75 27.33 21.48
N LYS E 105 -13.19 27.64 20.31
CA LYS E 105 -12.77 29.00 19.97
C LYS E 105 -13.96 29.93 19.99
N TYR E 106 -15.09 29.47 19.47
CA TYR E 106 -16.29 30.27 19.48
C TYR E 106 -17.19 29.98 20.69
N GLY E 107 -16.61 30.04 21.88
CA GLY E 107 -17.40 29.74 23.04
C GLY E 107 -17.14 30.59 24.27
N SER E 108 -16.56 31.77 24.13
CA SER E 108 -16.35 32.60 25.31
C SER E 108 -17.57 33.44 25.63
N ASN E 109 -18.58 33.39 24.78
CA ASN E 109 -19.84 34.07 24.96
C ASN E 109 -20.63 33.40 26.06
N PHE E 110 -21.63 34.11 26.57
CA PHE E 110 -22.59 33.45 27.45
C PHE E 110 -23.57 32.71 26.56
N ALA E 111 -23.69 31.40 26.76
CA ALA E 111 -24.57 30.61 25.93
C ALA E 111 -25.92 30.37 26.57
N TYR E 112 -25.93 30.24 27.89
CA TYR E 112 -27.13 29.97 28.65
C TYR E 112 -27.09 30.77 29.94
N TRP E 113 -28.24 31.31 30.31
CA TRP E 113 -28.40 32.07 31.53
C TRP E 113 -29.40 31.38 32.44
N GLY E 114 -29.19 31.54 33.73
CA GLY E 114 -30.08 30.98 34.71
C GLY E 114 -31.26 31.90 34.92
N GLN E 115 -32.06 31.57 35.93
CA GLN E 115 -33.17 32.47 36.23
C GLN E 115 -32.74 33.64 37.09
N GLY E 116 -31.73 33.48 37.90
CA GLY E 116 -31.39 34.67 38.66
C GLY E 116 -31.83 34.55 40.11
N THR E 117 -31.05 35.16 40.98
CA THR E 117 -31.42 35.29 42.38
C THR E 117 -31.15 36.72 42.76
N THR E 118 -32.00 37.29 43.60
CA THR E 118 -31.95 38.72 43.87
C THR E 118 -31.13 38.99 45.12
N LEU E 119 -30.22 39.95 45.01
CA LEU E 119 -29.44 40.45 46.13
C LEU E 119 -29.80 41.91 46.31
N THR E 120 -30.22 42.28 47.51
CA THR E 120 -30.47 43.66 47.86
C THR E 120 -29.53 44.02 49.01
N VAL E 121 -28.68 45.01 48.79
CA VAL E 121 -27.78 45.51 49.81
C VAL E 121 -28.23 46.92 50.18
N SER E 122 -28.66 47.09 51.43
CA SER E 122 -29.08 48.39 51.93
C SER E 122 -28.97 48.46 53.44
N ASP F 1 -10.38 49.50 29.86
CA ASP F 1 -11.42 48.49 29.69
C ASP F 1 -12.20 48.76 28.41
N VAL F 2 -12.72 47.70 27.78
CA VAL F 2 -13.58 47.89 26.62
C VAL F 2 -14.93 48.39 27.10
N VAL F 3 -15.35 49.55 26.60
CA VAL F 3 -16.68 50.09 26.85
C VAL F 3 -17.60 49.72 25.69
N LEU F 4 -18.74 49.10 26.00
CA LEU F 4 -19.74 48.81 24.97
C LEU F 4 -20.92 49.77 25.10
N THR F 5 -21.19 50.49 24.01
CA THR F 5 -22.25 51.48 23.91
C THR F 5 -23.34 50.96 22.97
N GLN F 6 -24.52 50.65 23.51
CA GLN F 6 -25.63 50.16 22.71
C GLN F 6 -26.52 51.32 22.30
N SER F 7 -26.96 51.31 21.05
CA SER F 7 -27.75 52.37 20.46
C SER F 7 -28.81 51.78 19.54
N PRO F 8 -30.07 52.22 19.65
CA PRO F 8 -30.54 53.20 20.63
C PRO F 8 -30.81 52.56 21.98
N ALA F 9 -30.99 53.39 23.02
CA ALA F 9 -31.32 52.85 24.33
C ALA F 9 -32.72 52.28 24.33
N THR F 10 -33.65 52.97 23.67
CA THR F 10 -35.02 52.54 23.54
C THR F 10 -35.48 52.83 22.12
N LEU F 11 -36.35 51.98 21.60
CA LEU F 11 -36.87 52.13 20.25
C LEU F 11 -38.24 51.47 20.19
N SER F 12 -39.23 52.20 19.70
CA SER F 12 -40.56 51.63 19.50
C SER F 12 -40.73 51.35 18.02
N VAL F 13 -41.10 50.12 17.71
CA VAL F 13 -41.35 49.67 16.34
C VAL F 13 -42.61 48.81 16.36
N THR F 14 -43.29 48.82 15.26
CA THR F 14 -44.47 47.98 15.13
C THR F 14 -44.04 46.54 14.82
N PRO F 15 -44.65 45.55 15.48
CA PRO F 15 -44.41 44.15 15.13
C PRO F 15 -44.55 43.89 13.64
N GLY F 16 -43.61 43.12 13.09
CA GLY F 16 -43.50 42.89 11.67
C GLY F 16 -42.41 43.70 10.99
N ASP F 17 -41.99 44.82 11.57
CA ASP F 17 -40.90 45.61 11.04
C ASP F 17 -39.57 44.95 11.40
N SER F 18 -38.49 45.50 10.85
CA SER F 18 -37.15 45.00 11.08
C SER F 18 -36.31 46.10 11.69
N VAL F 19 -35.35 45.71 12.54
CA VAL F 19 -34.54 46.66 13.28
C VAL F 19 -33.08 46.26 13.21
N SER F 20 -32.22 47.25 13.40
CA SER F 20 -30.78 47.07 13.46
C SER F 20 -30.30 47.78 14.73
N LEU F 21 -29.75 47.00 15.65
CA LEU F 21 -29.28 47.51 16.93
C LEU F 21 -27.76 47.60 16.89
N SER F 22 -27.21 48.72 17.36
CA SER F 22 -25.79 49.00 17.27
C SER F 22 -25.16 48.78 18.63
N CYS F 23 -23.96 48.22 18.62
CA CYS F 23 -23.14 48.15 19.82
C CYS F 23 -21.74 48.51 19.37
N ARG F 24 -21.15 49.49 20.04
CA ARG F 24 -19.83 49.99 19.68
C ARG F 24 -18.90 49.82 20.85
N ALA F 25 -17.73 49.25 20.57
CA ALA F 25 -16.71 48.93 21.55
C ALA F 25 -15.63 50.00 21.56
N SER F 26 -15.07 50.27 22.73
CA SER F 26 -14.03 51.29 22.83
C SER F 26 -12.72 50.81 22.23
N GLN F 27 -12.57 49.50 22.02
CA GLN F 27 -11.40 48.94 21.34
C GLN F 27 -11.88 47.85 20.40
N THR F 28 -10.99 47.46 19.49
CA THR F 28 -11.29 46.39 18.55
C THR F 28 -11.38 45.04 19.25
N ILE F 29 -12.41 44.26 18.91
CA ILE F 29 -12.56 42.98 19.59
C ILE F 29 -12.72 41.91 18.52
N SER F 30 -12.19 42.22 17.33
CA SER F 30 -12.12 41.46 16.09
C SER F 30 -13.46 40.91 15.58
N ASP F 31 -14.20 40.23 16.47
CA ASP F 31 -15.55 39.73 16.26
C ASP F 31 -16.16 39.26 17.58
N ASN F 32 -15.58 39.66 18.71
CA ASN F 32 -15.99 39.10 20.00
C ASN F 32 -17.23 39.78 20.58
N LEU F 33 -18.33 39.76 19.85
CA LEU F 33 -19.48 40.53 20.32
C LEU F 33 -20.72 39.67 20.18
N HIS F 34 -21.45 39.53 21.28
CA HIS F 34 -22.60 38.66 21.34
C HIS F 34 -23.83 39.47 21.74
N TRP F 35 -24.99 38.94 21.35
CA TRP F 35 -26.29 39.57 21.55
C TRP F 35 -27.20 38.65 22.32
N TYR F 36 -27.94 39.25 23.25
CA TYR F 36 -28.88 38.57 24.12
C TYR F 36 -30.21 39.30 24.14
N LEU F 37 -31.30 38.53 24.25
CA LEU F 37 -32.64 39.05 24.48
C LEU F 37 -33.11 38.65 25.87
N GLN F 38 -33.58 39.64 26.62
CA GLN F 38 -34.20 39.45 27.92
C GLN F 38 -35.62 39.97 27.83
N LYS F 39 -36.61 39.09 27.92
CA LYS F 39 -37.95 39.62 27.89
C LYS F 39 -38.36 40.05 29.29
N SER F 40 -39.45 40.82 29.34
CA SER F 40 -39.88 41.38 30.62
C SER F 40 -40.29 40.26 31.57
N HIS F 41 -39.79 40.35 32.80
CA HIS F 41 -40.00 39.41 33.90
C HIS F 41 -39.21 38.12 33.66
N GLU F 42 -38.28 38.13 32.71
CA GLU F 42 -37.55 36.94 32.31
C GLU F 42 -36.06 37.20 32.40
N SER F 43 -35.32 36.11 32.33
CA SER F 43 -33.87 36.11 32.20
C SER F 43 -33.42 36.37 30.77
N PRO F 44 -32.18 36.83 30.59
CA PRO F 44 -31.64 37.01 29.24
C PRO F 44 -31.51 35.68 28.51
N ARG F 45 -31.52 35.77 27.18
CA ARG F 45 -31.42 34.59 26.33
C ARG F 45 -30.45 34.92 25.21
N LEU F 46 -29.47 34.05 24.98
CA LEU F 46 -28.50 34.28 23.92
C LEU F 46 -29.16 34.24 22.56
N LEU F 47 -28.95 35.29 21.77
CA LEU F 47 -29.45 35.36 20.41
C LEU F 47 -28.37 35.12 19.38
N ILE F 48 -27.24 35.81 19.51
CA ILE F 48 -26.20 35.80 18.48
C ILE F 48 -24.85 35.75 19.15
N LYS F 49 -23.99 34.89 18.64
CA LYS F 49 -22.66 34.65 19.15
C LYS F 49 -21.63 35.15 18.14
N TYR F 50 -20.52 35.69 18.64
CA TYR F 50 -19.35 36.15 17.87
C TYR F 50 -19.75 36.92 16.61
N SER F 51 -20.41 38.05 16.86
CA SER F 51 -20.93 39.01 15.88
C SER F 51 -22.08 38.42 15.06
N SER F 52 -21.92 37.20 14.54
CA SER F 52 -22.82 36.73 13.48
C SER F 52 -23.30 35.30 13.64
N GLN F 53 -22.78 34.52 14.59
CA GLN F 53 -23.06 33.09 14.63
C GLN F 53 -24.41 32.81 15.28
N SER F 54 -25.25 32.05 14.59
CA SER F 54 -26.60 31.78 15.05
C SER F 54 -26.58 30.71 16.15
N ILE F 55 -27.63 30.71 16.97
CA ILE F 55 -27.77 29.81 18.11
C ILE F 55 -28.94 28.87 17.88
N SER F 56 -28.67 27.56 17.99
CA SER F 56 -29.70 26.53 18.03
C SER F 56 -30.82 26.89 19.00
N GLY F 57 -32.04 26.95 18.47
CA GLY F 57 -33.23 27.22 19.25
C GLY F 57 -33.72 28.65 19.13
N ILE F 58 -32.88 29.54 18.62
CA ILE F 58 -33.21 30.94 18.39
C ILE F 58 -33.76 31.09 16.98
N PRO F 59 -34.84 31.85 16.79
CA PRO F 59 -35.45 31.97 15.46
C PRO F 59 -34.51 32.63 14.45
N SER F 60 -34.74 32.29 13.18
CA SER F 60 -33.90 32.76 12.08
C SER F 60 -34.02 34.27 11.85
N ARG F 61 -35.06 34.91 12.40
CA ARG F 61 -35.22 36.35 12.24
C ARG F 61 -34.11 37.14 12.95
N PHE F 62 -33.36 36.50 13.85
CA PHE F 62 -32.22 37.13 14.49
C PHE F 62 -30.98 36.88 13.63
N SER F 63 -30.29 37.96 13.28
CA SER F 63 -29.11 37.96 12.44
C SER F 63 -28.12 38.95 13.01
N GLY F 64 -26.83 38.65 12.90
CA GLY F 64 -25.81 39.56 13.38
C GLY F 64 -24.76 39.84 12.33
N SER F 65 -24.12 40.99 12.51
CA SER F 65 -23.11 41.50 11.58
C SER F 65 -22.21 42.45 12.35
N GLY F 66 -21.07 42.79 11.74
CA GLY F 66 -20.18 43.77 12.33
C GLY F 66 -18.81 43.22 12.63
N SER F 67 -17.80 44.10 12.65
CA SER F 67 -16.43 43.64 12.83
C SER F 67 -15.57 44.75 13.42
N GLY F 68 -14.79 44.43 14.45
CA GLY F 68 -13.86 45.41 14.96
C GLY F 68 -14.40 46.03 16.23
N THR F 69 -15.01 47.20 16.07
CA THR F 69 -15.63 47.90 17.18
C THR F 69 -17.12 48.10 16.97
N ASP F 70 -17.61 48.01 15.74
CA ASP F 70 -19.00 48.31 15.44
C ASP F 70 -19.69 47.02 15.04
N PHE F 71 -20.75 46.70 15.76
CA PHE F 71 -21.53 45.48 15.59
C PHE F 71 -23.00 45.83 15.54
N THR F 72 -23.76 44.99 14.84
CA THR F 72 -25.19 45.22 14.60
C THR F 72 -25.95 43.91 14.74
N LEU F 73 -27.07 43.98 15.46
CA LEU F 73 -28.04 42.90 15.55
C LEU F 73 -29.29 43.29 14.77
N ASN F 74 -29.58 42.52 13.74
CA ASN F 74 -30.77 42.67 12.93
C ASN F 74 -31.84 41.71 13.42
N ILE F 75 -33.06 42.22 13.50
CA ILE F 75 -34.25 41.40 13.73
C ILE F 75 -35.18 41.71 12.57
N ASN F 76 -35.42 40.71 11.73
CA ASN F 76 -35.84 40.96 10.36
C ASN F 76 -37.34 40.82 10.15
N SER F 77 -38.06 40.24 11.10
CA SER F 77 -39.48 40.54 11.24
C SER F 77 -39.82 40.37 12.72
N VAL F 78 -39.90 41.50 13.45
CA VAL F 78 -39.96 41.42 14.90
C VAL F 78 -41.31 40.82 15.31
N GLU F 79 -41.26 39.87 16.23
CA GLU F 79 -42.44 39.22 16.77
C GLU F 79 -42.71 39.76 18.17
N THR F 80 -43.93 39.55 18.67
CA THR F 80 -44.31 40.07 19.97
C THR F 80 -43.36 39.55 21.06
N GLU F 81 -42.91 38.30 20.95
CA GLU F 81 -42.05 37.72 21.96
C GLU F 81 -40.63 38.27 21.91
N ASP F 82 -40.29 39.06 20.88
CA ASP F 82 -38.94 39.57 20.71
C ASP F 82 -38.71 40.88 21.45
N PHE F 83 -39.76 41.47 22.02
CA PHE F 83 -39.64 42.79 22.61
C PHE F 83 -39.01 42.62 23.98
N GLY F 84 -38.09 43.52 24.32
CA GLY F 84 -37.34 43.26 25.54
C GLY F 84 -36.05 44.06 25.59
N MET F 85 -35.14 43.59 26.42
CA MET F 85 -33.88 44.25 26.68
C MET F 85 -32.81 43.51 25.87
N TYR F 86 -32.00 44.25 25.12
CA TYR F 86 -30.96 43.69 24.26
C TYR F 86 -29.54 44.02 24.69
N PHE F 87 -28.72 42.98 24.87
CA PHE F 87 -27.35 43.16 25.34
C PHE F 87 -26.30 42.68 24.35
N CYS F 88 -25.21 43.45 24.25
CA CYS F 88 -23.98 43.03 23.61
C CYS F 88 -22.93 42.69 24.67
N GLN F 89 -21.97 41.86 24.28
CA GLN F 89 -20.94 41.39 25.20
C GLN F 89 -19.63 41.15 24.47
N GLN F 90 -18.51 41.52 25.12
CA GLN F 90 -17.19 41.36 24.52
C GLN F 90 -16.32 40.38 25.27
N THR F 91 -15.54 39.60 24.52
CA THR F 91 -14.57 38.67 25.09
C THR F 91 -13.14 38.94 24.65
N ASN F 92 -12.84 40.12 24.09
CA ASN F 92 -11.47 40.40 23.67
C ASN F 92 -10.51 40.62 24.83
N SER F 93 -10.96 41.24 25.90
CA SER F 93 -10.04 41.53 26.99
C SER F 93 -10.77 41.59 28.31
N TRP F 94 -10.03 41.32 29.37
CA TRP F 94 -10.56 41.49 30.69
C TRP F 94 -10.54 42.97 31.07
N PRO F 95 -11.59 43.47 31.73
CA PRO F 95 -12.79 42.74 32.16
C PRO F 95 -13.87 42.56 31.11
N LEU F 96 -14.70 41.52 31.25
CA LEU F 96 -15.85 41.37 30.37
C LEU F 96 -16.80 42.52 30.66
N THR F 97 -17.35 43.12 29.61
CA THR F 97 -18.19 44.29 29.74
C THR F 97 -19.42 44.14 28.85
N PHE F 98 -20.49 44.83 29.23
CA PHE F 98 -21.73 44.80 28.49
C PHE F 98 -22.08 46.19 27.96
N GLY F 99 -22.91 46.17 26.93
CA GLY F 99 -23.57 47.40 26.52
C GLY F 99 -24.72 47.72 27.45
N ALA F 100 -25.24 48.94 27.32
CA ALA F 100 -26.28 49.40 28.21
C ALA F 100 -27.65 48.82 27.88
N GLY F 101 -27.79 48.12 26.75
CA GLY F 101 -29.06 47.53 26.40
C GLY F 101 -29.92 48.39 25.49
N THR F 102 -30.59 47.75 24.54
CA THR F 102 -31.64 48.38 23.76
C THR F 102 -33.00 47.87 24.23
N LYS F 103 -33.89 48.78 24.59
CA LYS F 103 -35.25 48.40 24.98
C LYS F 103 -36.14 48.45 23.74
N LEU F 104 -36.65 47.29 23.34
CA LEU F 104 -37.60 47.19 22.23
C LEU F 104 -38.99 47.11 22.83
N GLU F 105 -39.84 48.09 22.51
CA GLU F 105 -41.21 48.17 22.98
C GLU F 105 -42.20 48.12 21.83
N LEU F 106 -43.44 47.80 22.17
CA LEU F 106 -44.46 47.44 21.19
C LEU F 106 -45.21 48.69 20.74
N ALA G 1 -11.10 36.67 22.95
CA ALA G 1 -9.66 36.49 23.08
C ALA G 1 -9.29 36.11 24.51
N VAL G 2 -10.19 36.40 25.44
CA VAL G 2 -10.00 36.09 26.86
C VAL G 2 -9.86 34.60 27.13
N GLY G 3 -10.24 33.75 26.17
CA GLY G 3 -10.16 32.32 26.33
C GLY G 3 -11.05 31.74 27.41
N ILE G 4 -12.36 31.74 27.13
CA ILE G 4 -13.34 31.21 28.06
C ILE G 4 -14.09 30.03 27.43
N GLY G 5 -13.88 29.80 26.13
CA GLY G 5 -14.53 28.69 25.44
C GLY G 5 -14.18 27.36 26.08
N ALA G 6 -15.18 26.48 26.16
CA ALA G 6 -14.90 25.18 26.75
C ALA G 6 -13.96 24.43 25.81
N VAL G 7 -12.88 23.91 26.38
CA VAL G 7 -11.89 23.18 25.60
C VAL G 7 -11.66 21.85 26.30
N PHE G 8 -12.45 20.85 25.90
CA PHE G 8 -12.40 19.49 26.43
C PHE G 8 -10.96 18.98 26.43
N LEU G 9 -10.58 18.20 27.45
CA LEU G 9 -9.22 17.67 27.55
C LEU G 9 -8.89 16.79 26.35
N GLY G 10 -8.03 17.31 25.46
CA GLY G 10 -7.61 16.59 24.26
C GLY G 10 -6.92 15.24 24.42
N PHE G 11 -6.24 14.82 23.37
CA PHE G 11 -5.54 13.55 23.38
C PHE G 11 -4.31 13.62 24.28
N LEU G 12 -4.04 12.54 25.01
CA LEU G 12 -2.89 12.43 25.91
C LEU G 12 -2.88 13.55 26.96
N GLY G 13 -4.06 13.95 27.43
CA GLY G 13 -4.14 15.17 28.22
C GLY G 13 -3.52 15.01 29.60
N ALA G 14 -3.81 13.91 30.27
CA ALA G 14 -3.29 13.68 31.62
C ALA G 14 -2.05 12.80 31.59
N ALA G 15 -1.24 12.91 30.55
CA ALA G 15 -0.13 11.98 30.37
C ALA G 15 1.01 12.20 31.36
N GLY G 16 1.02 13.30 32.10
CA GLY G 16 2.02 13.50 33.12
C GLY G 16 1.34 13.47 34.46
N SER G 17 0.02 13.54 34.40
CA SER G 17 -0.82 13.59 35.59
C SER G 17 -0.82 12.25 36.31
N THR G 18 -1.35 12.29 37.53
CA THR G 18 -1.45 11.11 38.35
C THR G 18 -2.53 10.16 37.81
N MET G 19 -2.50 8.96 38.35
CA MET G 19 -3.36 7.88 37.92
C MET G 19 -4.81 8.17 38.23
N GLY G 20 -5.06 8.85 39.35
CA GLY G 20 -6.41 9.21 39.69
C GLY G 20 -7.01 10.26 38.77
N ALA G 21 -6.16 10.97 38.01
CA ALA G 21 -6.62 11.89 36.98
C ALA G 21 -6.40 11.38 35.58
N ALA G 22 -5.58 10.34 35.41
CA ALA G 22 -5.41 9.77 34.09
C ALA G 22 -6.52 8.77 33.78
N SER G 23 -7.00 8.08 34.80
CA SER G 23 -8.12 7.16 34.69
C SER G 23 -9.45 7.86 34.58
N MET G 24 -9.50 9.18 34.67
CA MET G 24 -10.73 9.90 34.38
C MET G 24 -11.11 9.78 32.91
N THR G 25 -10.16 9.97 32.01
CA THR G 25 -10.40 9.85 30.58
C THR G 25 -9.42 8.82 30.04
N LEU G 26 -9.89 7.58 29.92
CA LEU G 26 -9.08 6.57 29.26
C LEU G 26 -9.54 6.31 27.84
N THR G 27 -10.75 6.75 27.49
CA THR G 27 -11.30 6.45 26.18
C THR G 27 -10.61 7.25 25.09
N VAL G 28 -9.99 8.36 25.47
CA VAL G 28 -9.39 9.23 24.47
C VAL G 28 -8.11 8.62 23.93
N GLN G 29 -7.37 7.89 24.75
CA GLN G 29 -6.26 7.15 24.19
C GLN G 29 -6.71 5.86 23.53
N ALA G 30 -7.93 5.44 23.81
CA ALA G 30 -8.43 4.20 23.26
C ALA G 30 -8.90 4.38 21.83
N ARG G 31 -9.64 5.46 21.60
CA ARG G 31 -10.33 5.66 20.34
C ARG G 31 -9.43 6.16 19.23
N ASN G 32 -8.32 6.81 19.55
CA ASN G 32 -7.37 7.18 18.50
C ASN G 32 -6.32 6.11 18.32
N LEU G 33 -6.77 4.87 18.13
CA LEU G 33 -5.87 3.77 17.94
C LEU G 33 -6.15 2.99 16.67
N LEU G 34 -7.27 3.24 16.02
CA LEU G 34 -7.63 2.58 14.77
C LEU G 34 -7.83 3.59 13.65
N SER G 35 -8.60 4.64 13.92
CA SER G 35 -8.84 5.66 12.91
C SER G 35 -7.68 6.64 12.84
N GLY G 36 -7.40 7.33 13.94
CA GLY G 36 -6.33 8.30 13.98
C GLY G 36 -6.06 8.81 15.38
N THR G 58 3.17 3.42 -7.19
CA THR G 58 2.62 2.16 -6.71
C THR G 58 3.52 1.54 -5.64
N VAL G 59 4.50 2.31 -5.19
CA VAL G 59 5.34 1.91 -4.07
C VAL G 59 5.04 2.73 -2.83
N TRP G 60 4.52 3.94 -2.95
CA TRP G 60 4.08 4.68 -1.79
C TRP G 60 2.65 4.33 -1.40
N GLY G 61 2.03 3.38 -2.09
CA GLY G 61 0.88 2.69 -1.56
C GLY G 61 1.21 1.50 -0.68
N ILE G 62 2.38 0.87 -0.86
CA ILE G 62 2.69 -0.22 0.05
C ILE G 62 3.26 0.31 1.35
N LYS G 63 3.70 1.57 1.39
CA LYS G 63 3.96 2.19 2.67
C LYS G 63 2.68 2.56 3.40
N GLN G 64 1.56 2.63 2.69
CA GLN G 64 0.27 2.79 3.35
C GLN G 64 -0.24 1.45 3.81
N LEU G 65 0.02 0.43 3.00
CA LEU G 65 -0.44 -0.91 3.28
C LEU G 65 0.29 -1.50 4.46
N GLN G 66 1.61 -1.34 4.50
CA GLN G 66 2.37 -1.92 5.59
C GLN G 66 2.33 -1.07 6.84
N ALA G 67 1.67 0.09 6.82
CA ALA G 67 1.36 0.80 8.05
C ALA G 67 -0.01 0.42 8.57
N ARG G 68 -0.88 0.04 7.66
CA ARG G 68 -2.22 -0.34 8.06
C ARG G 68 -2.17 -1.73 8.64
N VAL G 69 -1.46 -2.62 7.94
CA VAL G 69 -1.38 -3.99 8.41
C VAL G 69 -0.37 -4.16 9.54
N LEU G 70 0.31 -3.08 10.00
CA LEU G 70 0.96 -3.16 11.30
C LEU G 70 0.07 -2.65 12.41
N ALA G 71 -0.86 -1.77 12.03
CA ALA G 71 -1.78 -1.19 12.98
C ALA G 71 -2.85 -2.17 13.39
N VAL G 72 -3.37 -2.96 12.46
CA VAL G 72 -4.45 -3.83 12.88
C VAL G 72 -3.99 -5.06 13.66
N GLU G 73 -2.73 -5.48 13.57
CA GLU G 73 -2.37 -6.62 14.41
C GLU G 73 -2.07 -6.09 15.79
N ARG G 74 -1.35 -4.95 15.90
CA ARG G 74 -1.10 -4.59 17.28
C ARG G 74 -2.33 -3.98 17.93
N TYR G 75 -3.36 -3.66 17.17
CA TYR G 75 -4.64 -3.37 17.83
C TYR G 75 -5.34 -4.65 18.24
N LEU G 76 -5.32 -5.64 17.37
CA LEU G 76 -5.97 -6.89 17.74
C LEU G 76 -5.24 -7.64 18.84
N ARG G 77 -3.92 -7.50 18.94
CA ARG G 77 -3.21 -8.18 20.00
C ARG G 77 -3.55 -7.67 21.38
N ASP G 78 -3.71 -6.35 21.56
CA ASP G 78 -4.14 -5.95 22.88
C ASP G 78 -5.63 -6.19 23.04
N GLN G 79 -6.38 -6.28 21.93
CA GLN G 79 -7.78 -6.59 22.12
C GLN G 79 -8.00 -8.08 22.34
N GLN G 80 -6.98 -8.88 22.10
CA GLN G 80 -7.05 -10.30 22.37
C GLN G 80 -6.58 -10.58 23.77
N LEU G 81 -5.47 -9.96 24.19
CA LEU G 81 -5.05 -10.10 25.58
C LEU G 81 -6.10 -9.53 26.51
N LEU G 82 -6.84 -8.51 26.08
CA LEU G 82 -7.97 -8.10 26.87
C LEU G 82 -9.07 -9.14 26.76
N GLY G 83 -9.23 -9.71 25.57
CA GLY G 83 -10.34 -10.62 25.33
C GLY G 83 -10.18 -11.91 26.12
N ILE G 84 -8.95 -12.41 26.22
CA ILE G 84 -8.74 -13.68 26.90
C ILE G 84 -8.66 -13.57 28.42
N TRP G 85 -8.70 -12.37 28.97
CA TRP G 85 -9.00 -12.25 30.38
C TRP G 85 -10.51 -12.13 30.54
N GLY G 86 -10.95 -11.76 31.74
CA GLY G 86 -12.38 -11.66 31.95
C GLY G 86 -13.02 -10.41 31.42
N CYS G 87 -12.27 -9.59 30.70
CA CYS G 87 -12.65 -8.22 30.39
C CYS G 87 -12.79 -8.19 28.88
N SER G 88 -14.00 -8.41 28.38
CA SER G 88 -14.19 -8.46 26.94
C SER G 88 -14.02 -7.09 26.29
N GLY G 89 -14.87 -6.13 26.65
CA GLY G 89 -14.65 -4.79 26.13
C GLY G 89 -14.99 -3.74 27.15
N LYS G 90 -14.92 -4.12 28.41
CA LYS G 90 -15.40 -3.27 29.48
C LYS G 90 -14.41 -2.18 29.83
N LEU G 91 -13.14 -2.37 29.47
CA LEU G 91 -12.10 -1.35 29.46
C LEU G 91 -11.62 -0.94 30.86
N ILE G 92 -12.36 -1.35 31.89
CA ILE G 92 -11.93 -1.23 33.28
C ILE G 92 -12.57 -2.37 34.05
N CYS G 93 -11.75 -3.17 34.73
CA CYS G 93 -12.29 -4.36 35.36
C CYS G 93 -11.43 -4.82 36.53
N CYS G 94 -12.10 -5.20 37.61
CA CYS G 94 -11.43 -5.79 38.75
C CYS G 94 -11.11 -7.24 38.41
N THR G 95 -10.23 -7.84 39.19
CA THR G 95 -9.87 -9.23 38.98
C THR G 95 -9.79 -9.85 40.38
N ASN G 96 -9.25 -11.05 40.50
CA ASN G 96 -9.25 -11.77 41.75
C ASN G 96 -7.85 -12.02 42.32
N VAL G 97 -6.81 -11.79 41.55
CA VAL G 97 -5.46 -12.06 42.04
C VAL G 97 -5.05 -10.97 43.02
N PRO G 98 -4.46 -11.33 44.16
CA PRO G 98 -3.95 -10.34 45.09
C PRO G 98 -2.66 -9.72 44.58
N TRP G 99 -2.32 -8.59 45.19
CA TRP G 99 -1.15 -7.82 44.80
C TRP G 99 0.02 -8.15 45.72
N ASN G 100 0.90 -9.02 45.26
CA ASN G 100 2.10 -9.37 46.01
C ASN G 100 3.03 -8.17 46.08
N SER G 101 3.47 -7.85 47.29
CA SER G 101 4.29 -6.66 47.49
C SER G 101 5.71 -6.82 46.99
N SER G 102 6.07 -8.03 46.53
CA SER G 102 7.36 -8.18 45.87
C SER G 102 7.37 -7.51 44.52
N TRP G 103 6.18 -7.26 43.97
CA TRP G 103 6.08 -6.60 42.69
C TRP G 103 6.41 -5.12 42.81
N SER G 104 5.65 -4.42 43.65
CA SER G 104 5.73 -2.96 43.66
C SER G 104 6.21 -2.39 44.98
N ASN G 105 5.86 -3.01 46.11
CA ASN G 105 6.23 -2.63 47.49
C ASN G 105 5.88 -1.17 47.84
N ARG G 106 5.02 -0.54 47.07
CA ARG G 106 4.66 0.84 47.33
C ARG G 106 3.41 0.92 48.18
N ASN G 107 3.24 2.08 48.82
CA ASN G 107 2.02 2.32 49.58
C ASN G 107 0.85 2.52 48.63
N LEU G 108 -0.35 2.25 49.14
CA LEU G 108 -1.52 2.46 48.30
C LEU G 108 -1.89 3.93 48.23
N SER G 109 -1.75 4.64 49.35
CA SER G 109 -2.18 6.03 49.45
C SER G 109 -1.36 6.98 48.61
N GLU G 110 -0.21 6.53 48.10
CA GLU G 110 0.61 7.33 47.21
C GLU G 110 0.28 7.05 45.75
N ILE G 111 0.05 5.79 45.40
CA ILE G 111 0.13 5.35 44.02
C ILE G 111 -1.16 5.65 43.27
N TRP G 112 -2.02 6.46 43.87
CA TRP G 112 -3.10 7.06 43.10
C TRP G 112 -3.01 8.56 43.00
N ASP G 113 -2.10 9.20 43.73
CA ASP G 113 -1.89 10.63 43.58
C ASP G 113 -0.45 11.11 43.66
N ASN G 114 0.54 10.25 43.91
CA ASN G 114 1.91 10.73 43.90
C ASN G 114 2.64 10.50 42.58
N MET G 115 2.76 9.25 42.17
CA MET G 115 3.58 8.92 41.00
C MET G 115 2.76 9.16 39.72
N THR G 116 3.34 8.88 38.56
CA THR G 116 2.60 8.92 37.30
C THR G 116 2.79 7.65 36.48
N TRP G 117 2.00 7.55 35.41
CA TRP G 117 1.86 6.29 34.68
C TRP G 117 3.15 5.93 33.95
N LEU G 118 3.84 6.93 33.42
CA LEU G 118 5.11 6.64 32.77
C LEU G 118 6.13 6.19 33.79
N GLN G 119 6.02 6.72 35.01
CA GLN G 119 6.83 6.23 36.09
C GLN G 119 6.37 4.84 36.51
N TRP G 120 5.12 4.50 36.24
CA TRP G 120 4.65 3.17 36.60
C TRP G 120 5.21 2.13 35.65
N ASP G 121 5.29 2.44 34.35
CA ASP G 121 5.69 1.40 33.43
C ASP G 121 7.15 1.04 33.64
N LYS G 122 7.96 1.98 34.12
CA LYS G 122 9.30 1.62 34.54
C LYS G 122 9.23 0.90 35.88
N GLU G 123 8.26 1.27 36.72
CA GLU G 123 8.25 0.73 38.07
C GLU G 123 7.74 -0.70 38.13
N ILE G 124 7.28 -1.25 37.01
CA ILE G 124 6.64 -2.54 37.08
C ILE G 124 7.14 -3.52 36.00
N SER G 125 7.90 -3.01 35.03
CA SER G 125 8.16 -3.78 33.81
C SER G 125 8.90 -5.09 34.01
N ASN G 126 9.59 -5.27 35.14
CA ASN G 126 10.12 -6.60 35.43
C ASN G 126 9.02 -7.56 35.82
N TYR G 127 7.98 -7.05 36.45
CA TYR G 127 7.02 -7.89 37.14
C TYR G 127 5.87 -8.20 36.23
N THR G 128 5.87 -7.56 35.07
CA THR G 128 5.05 -7.97 33.96
C THR G 128 5.57 -9.28 33.40
N GLN G 129 4.68 -9.99 32.70
CA GLN G 129 4.79 -11.38 32.26
C GLN G 129 4.75 -12.37 33.40
N ILE G 130 4.72 -11.90 34.65
CA ILE G 130 4.23 -12.71 35.74
C ILE G 130 2.77 -12.45 35.97
N ILE G 131 2.39 -11.18 35.87
CA ILE G 131 0.99 -10.82 35.96
C ILE G 131 0.24 -11.28 34.72
N TYR G 132 0.86 -11.14 33.54
CA TYR G 132 0.18 -11.58 32.33
C TYR G 132 0.04 -13.08 32.29
N GLY G 133 0.98 -13.80 32.91
CA GLY G 133 0.82 -15.24 33.04
C GLY G 133 -0.16 -15.60 34.11
N LEU G 134 -0.31 -14.74 35.09
CA LEU G 134 -1.26 -14.97 36.17
C LEU G 134 -2.69 -14.77 35.70
N LEU G 135 -2.89 -13.90 34.72
CA LEU G 135 -4.26 -13.54 34.36
C LEU G 135 -4.96 -14.65 33.58
N GLU G 136 -4.25 -15.40 32.74
CA GLU G 136 -4.96 -16.43 31.98
C GLU G 136 -5.38 -17.56 32.90
N GLU G 137 -4.51 -17.98 33.81
CA GLU G 137 -4.90 -19.07 34.70
C GLU G 137 -5.93 -18.60 35.71
N SER G 138 -5.88 -17.33 36.12
CA SER G 138 -6.89 -16.87 37.06
C SER G 138 -8.21 -16.63 36.38
N GLN G 139 -8.20 -16.54 35.05
CA GLN G 139 -9.46 -16.44 34.33
C GLN G 139 -10.01 -17.82 33.98
N ASN G 140 -9.16 -18.71 33.47
CA ASN G 140 -9.65 -20.02 33.05
C ASN G 140 -10.05 -20.88 34.23
N GLN G 141 -9.42 -20.66 35.40
CA GLN G 141 -9.90 -21.32 36.60
C GLN G 141 -11.25 -20.78 37.02
N GLN G 142 -11.46 -19.49 36.85
CA GLN G 142 -12.77 -18.94 37.19
C GLN G 142 -13.78 -19.34 36.14
N GLU G 143 -13.29 -19.68 34.95
CA GLU G 143 -14.10 -20.01 33.79
C GLU G 143 -14.64 -21.41 33.97
N LYS G 144 -13.76 -22.32 34.34
CA LYS G 144 -14.21 -23.68 34.55
C LYS G 144 -15.03 -23.72 35.81
N ASN G 145 -14.80 -22.80 36.75
CA ASN G 145 -15.68 -22.82 37.91
C ASN G 145 -17.08 -22.32 37.57
N GLU G 146 -17.22 -21.42 36.57
CA GLU G 146 -18.58 -21.15 36.09
C GLU G 146 -19.13 -22.35 35.36
N GLN G 147 -18.28 -23.12 34.70
CA GLN G 147 -18.79 -24.29 33.99
C GLN G 147 -19.22 -25.36 34.98
N ASP G 148 -18.47 -25.52 36.06
CA ASP G 148 -18.86 -26.51 37.05
C ASP G 148 -20.11 -26.07 37.79
N LEU G 149 -20.32 -24.76 37.94
CA LEU G 149 -21.58 -24.29 38.47
C LEU G 149 -22.75 -24.47 37.51
N LEU G 150 -22.53 -24.27 36.21
CA LEU G 150 -23.59 -24.41 35.22
C LEU G 150 -23.89 -25.86 34.85
N ALA G 151 -22.96 -26.77 35.07
CA ALA G 151 -23.13 -28.15 34.64
C ALA G 151 -24.07 -28.89 35.58
N LEU G 152 -23.96 -28.62 36.88
CA LEU G 152 -24.80 -29.30 37.85
C LEU G 152 -26.27 -28.87 37.71
N ASP G 153 -26.51 -27.64 37.28
CA ASP G 153 -27.86 -27.24 36.91
C ASP G 153 -27.94 -26.91 35.42
N ALA H 1 -30.78 -34.17 32.74
CA ALA H 1 -30.34 -35.51 32.35
C ALA H 1 -30.08 -35.58 30.86
N GLU H 2 -31.08 -36.08 30.14
CA GLU H 2 -31.03 -36.26 28.70
C GLU H 2 -31.17 -34.96 27.94
N ASN H 3 -31.50 -33.85 28.61
CA ASN H 3 -31.58 -32.55 27.95
C ASN H 3 -30.18 -32.01 27.72
N LEU H 4 -29.52 -32.60 26.74
CA LEU H 4 -28.15 -32.21 26.41
C LEU H 4 -28.22 -30.96 25.56
N TRP H 5 -27.27 -30.08 25.75
CA TRP H 5 -27.24 -28.80 25.06
C TRP H 5 -25.92 -28.57 24.37
N VAL H 6 -25.98 -27.83 23.28
CA VAL H 6 -24.80 -27.50 22.52
C VAL H 6 -23.95 -26.52 23.31
N THR H 7 -22.66 -26.82 23.45
CA THR H 7 -21.68 -25.91 24.02
C THR H 7 -20.47 -25.82 23.11
N VAL H 8 -20.21 -24.63 22.60
CA VAL H 8 -19.08 -24.46 21.71
C VAL H 8 -17.81 -24.33 22.54
N TYR H 9 -16.68 -24.62 21.91
CA TYR H 9 -15.40 -24.64 22.61
C TYR H 9 -14.37 -23.94 21.74
N TYR H 10 -13.99 -22.74 22.15
CA TYR H 10 -12.99 -21.94 21.46
C TYR H 10 -11.58 -22.28 21.91
N GLY H 11 -10.66 -22.28 20.96
CA GLY H 11 -9.27 -22.58 21.24
C GLY H 11 -9.11 -24.07 21.49
N VAL H 12 -9.35 -24.90 20.50
CA VAL H 12 -9.37 -26.33 20.76
C VAL H 12 -8.47 -27.05 19.77
N PRO H 13 -7.63 -27.97 20.22
CA PRO H 13 -6.65 -28.55 19.30
C PRO H 13 -7.20 -29.59 18.35
N VAL H 14 -7.43 -29.17 17.10
CA VAL H 14 -7.64 -30.04 15.95
C VAL H 14 -7.06 -29.30 14.76
N TRP H 15 -6.69 -30.03 13.72
CA TRP H 15 -6.12 -29.43 12.53
C TRP H 15 -6.61 -30.19 11.31
N LYS H 16 -6.60 -29.51 10.17
CA LYS H 16 -6.80 -30.16 8.88
C LYS H 16 -5.62 -29.85 7.97
N ASP H 17 -5.49 -30.69 6.95
CA ASP H 17 -4.42 -30.47 5.99
C ASP H 17 -4.80 -29.31 5.08
N ALA H 18 -3.81 -28.48 4.78
CA ALA H 18 -4.00 -27.32 3.93
C ALA H 18 -2.68 -26.98 3.27
N GLU H 19 -2.64 -25.83 2.60
CA GLU H 19 -1.42 -25.34 1.96
C GLU H 19 -1.55 -23.84 1.81
N THR H 20 -0.61 -23.11 2.42
CA THR H 20 -0.53 -21.67 2.30
C THR H 20 0.92 -21.28 2.10
N THR H 21 1.12 -19.99 1.87
CA THR H 21 2.45 -19.48 1.54
C THR H 21 3.32 -19.45 2.79
N LEU H 22 4.45 -20.15 2.74
CA LEU H 22 5.40 -20.12 3.83
C LEU H 22 6.49 -19.10 3.52
N PHE H 23 7.28 -18.78 4.53
CA PHE H 23 8.33 -17.79 4.38
C PHE H 23 9.65 -18.32 4.93
N CYS H 24 10.71 -17.54 4.67
CA CYS H 24 12.04 -17.85 5.13
C CYS H 24 12.14 -17.76 6.64
N ALA H 25 13.30 -18.22 7.12
CA ALA H 25 13.91 -17.68 8.34
C ALA H 25 15.41 -17.89 8.13
N SER H 26 16.07 -16.87 7.60
CA SER H 26 17.51 -16.93 7.45
C SER H 26 18.17 -16.84 8.82
N ASP H 27 19.30 -17.52 8.96
CA ASP H 27 20.02 -17.47 10.21
C ASP H 27 20.66 -16.11 10.40
N ALA H 28 20.65 -15.62 11.63
CA ALA H 28 21.08 -14.25 11.88
C ALA H 28 22.59 -14.09 11.71
N LYS H 29 23.33 -15.19 11.85
CA LYS H 29 24.78 -15.13 11.69
C LYS H 29 25.16 -14.84 10.25
N ALA H 30 24.32 -15.24 9.30
CA ALA H 30 24.60 -14.93 7.92
C ALA H 30 24.15 -13.52 7.54
N TYR H 31 23.77 -12.71 8.54
CA TYR H 31 23.37 -11.33 8.26
C TYR H 31 24.55 -10.38 8.30
N GLU H 32 25.72 -10.84 8.76
CA GLU H 32 26.86 -9.93 8.84
C GLU H 32 27.43 -9.61 7.47
N THR H 33 27.30 -10.55 6.53
CA THR H 33 27.80 -10.33 5.19
C THR H 33 26.83 -9.41 4.46
N GLU H 34 27.34 -8.30 3.95
CA GLU H 34 26.49 -7.15 3.66
C GLU H 34 25.82 -7.29 2.29
N LYS H 35 24.51 -7.11 2.28
CA LYS H 35 23.72 -6.80 1.07
C LYS H 35 23.88 -7.88 0.00
N HIS H 36 23.45 -9.09 0.37
CA HIS H 36 23.25 -10.19 -0.56
C HIS H 36 24.53 -10.62 -1.30
N ASN H 37 25.53 -11.02 -0.53
CA ASN H 37 26.66 -11.70 -1.16
C ASN H 37 26.25 -13.09 -1.58
N VAL H 38 25.22 -13.63 -0.95
CA VAL H 38 24.51 -14.80 -1.45
C VAL H 38 23.08 -14.31 -1.60
N TRP H 39 22.32 -15.00 -2.44
CA TRP H 39 20.90 -14.69 -2.52
C TRP H 39 20.18 -15.00 -1.21
N ALA H 40 19.19 -14.16 -0.90
CA ALA H 40 18.25 -14.31 0.21
C ALA H 40 18.99 -14.37 1.55
N THR H 41 19.72 -13.30 1.87
CA THR H 41 20.25 -13.14 3.21
C THR H 41 19.86 -11.84 3.89
N HIS H 42 19.47 -10.81 3.14
CA HIS H 42 18.83 -9.62 3.69
C HIS H 42 17.35 -9.55 3.38
N ALA H 43 16.91 -10.24 2.33
CA ALA H 43 15.54 -10.09 1.85
C ALA H 43 14.52 -10.67 2.81
N CYS H 44 14.78 -11.84 3.36
CA CYS H 44 13.79 -12.50 4.20
C CYS H 44 14.36 -12.70 5.60
N VAL H 45 13.55 -13.30 6.46
CA VAL H 45 13.46 -12.99 7.88
C VAL H 45 14.64 -13.56 8.67
N PRO H 46 15.18 -12.81 9.62
CA PRO H 46 16.15 -13.40 10.56
C PRO H 46 15.45 -14.40 11.46
N THR H 47 16.17 -15.48 11.80
CA THR H 47 15.52 -16.61 12.45
C THR H 47 15.28 -16.32 13.92
N ASP H 48 14.83 -17.33 14.64
CA ASP H 48 14.64 -17.36 16.07
C ASP H 48 15.59 -18.38 16.67
N PRO H 49 15.97 -18.22 17.93
CA PRO H 49 16.63 -19.32 18.62
C PRO H 49 15.61 -20.35 19.08
N ASN H 50 16.13 -21.55 19.35
CA ASN H 50 15.48 -22.73 19.92
C ASN H 50 14.03 -22.96 19.49
N PRO H 51 13.80 -23.38 18.25
CA PRO H 51 12.42 -23.56 17.77
C PRO H 51 11.73 -24.66 18.55
N GLN H 52 10.47 -24.41 18.92
CA GLN H 52 9.78 -25.20 19.93
C GLN H 52 9.34 -26.55 19.35
N GLU H 53 10.32 -27.43 19.20
CA GLU H 53 10.04 -28.81 18.79
C GLU H 53 9.44 -29.54 19.97
N ILE H 54 8.13 -29.75 19.93
CA ILE H 54 7.40 -30.26 21.09
C ILE H 54 6.67 -31.53 20.69
N HIS H 55 6.78 -32.55 21.51
CA HIS H 55 6.23 -33.85 21.18
C HIS H 55 4.72 -33.82 21.24
N LEU H 56 4.10 -34.76 20.53
CA LEU H 56 2.66 -34.91 20.48
C LEU H 56 2.36 -36.36 20.82
N GLU H 57 2.22 -36.64 22.11
CA GLU H 57 2.02 -38.00 22.59
C GLU H 57 0.64 -38.48 22.22
N ASN H 58 0.53 -39.79 21.98
CA ASN H 58 -0.73 -40.45 21.63
C ASN H 58 -1.34 -39.86 20.36
N VAL H 59 -0.49 -39.51 19.41
CA VAL H 59 -0.91 -38.90 18.15
C VAL H 59 -0.38 -39.75 17.01
N THR H 60 -1.27 -40.18 16.12
CA THR H 60 -0.88 -40.77 14.85
C THR H 60 -1.34 -39.87 13.71
N GLU H 61 -0.57 -39.85 12.63
CA GLU H 61 -0.87 -38.93 11.55
C GLU H 61 -0.47 -39.51 10.20
N GLU H 62 -1.39 -39.43 9.24
CA GLU H 62 -1.19 -40.01 7.92
C GLU H 62 -0.34 -39.04 7.10
N PHE H 63 0.95 -39.32 7.03
CA PHE H 63 1.81 -38.47 6.24
C PHE H 63 1.77 -38.88 4.77
N ASN H 64 2.40 -38.04 3.95
CA ASN H 64 2.66 -38.32 2.56
C ASN H 64 3.75 -37.36 2.11
N MET H 65 4.59 -37.84 1.21
CA MET H 65 5.66 -37.02 0.68
C MET H 65 5.63 -36.94 -0.84
N TRP H 66 4.79 -37.71 -1.50
CA TRP H 66 4.67 -37.69 -2.95
C TRP H 66 3.54 -36.79 -3.41
N LYS H 67 2.39 -36.89 -2.78
CA LYS H 67 1.36 -35.89 -3.01
C LYS H 67 1.49 -34.71 -2.07
N ASN H 68 2.66 -34.53 -1.46
CA ASN H 68 2.86 -33.39 -0.59
C ASN H 68 2.94 -32.10 -1.39
N ASN H 69 2.41 -31.03 -0.80
CA ASN H 69 2.64 -29.67 -1.25
C ASN H 69 3.88 -29.13 -0.55
N MET H 70 4.10 -27.81 -0.67
CA MET H 70 5.17 -27.02 -0.03
C MET H 70 6.58 -27.40 -0.43
N VAL H 71 6.72 -28.46 -1.23
CA VAL H 71 7.94 -28.68 -1.98
C VAL H 71 7.81 -28.16 -3.40
N GLU H 72 6.61 -27.79 -3.81
CA GLU H 72 6.38 -27.08 -5.05
C GLU H 72 6.54 -25.58 -4.88
N GLN H 73 6.11 -25.04 -3.73
CA GLN H 73 6.31 -23.63 -3.47
C GLN H 73 7.77 -23.28 -3.26
N MET H 74 8.52 -24.17 -2.61
CA MET H 74 9.92 -23.86 -2.41
C MET H 74 10.68 -23.90 -3.74
N HIS H 75 10.26 -24.77 -4.66
CA HIS H 75 10.89 -24.76 -5.98
C HIS H 75 10.46 -23.54 -6.76
N THR H 76 9.28 -23.03 -6.47
CA THR H 76 8.76 -21.90 -7.21
C THR H 76 9.53 -20.65 -6.82
N ASP H 77 9.66 -20.42 -5.52
CA ASP H 77 10.29 -19.18 -5.12
C ASP H 77 11.80 -19.29 -5.28
N ILE H 78 12.38 -20.49 -5.22
CA ILE H 78 13.82 -20.54 -5.45
C ILE H 78 14.13 -20.24 -6.91
N ILE H 79 13.22 -20.63 -7.81
CA ILE H 79 13.28 -20.12 -9.19
C ILE H 79 13.17 -18.60 -9.21
N SER H 80 12.30 -18.06 -8.37
CA SER H 80 12.02 -16.64 -8.50
C SER H 80 13.15 -15.80 -7.95
N LEU H 81 13.71 -16.16 -6.81
CA LEU H 81 14.85 -15.39 -6.33
C LEU H 81 16.13 -15.73 -7.07
N TRP H 82 16.17 -16.83 -7.81
CA TRP H 82 17.26 -16.99 -8.73
C TRP H 82 17.15 -16.01 -9.87
N ASP H 83 15.94 -15.68 -10.29
CA ASP H 83 15.85 -14.64 -11.30
C ASP H 83 15.99 -13.26 -10.69
N GLN H 84 15.75 -13.16 -9.39
CA GLN H 84 15.92 -11.88 -8.72
C GLN H 84 17.38 -11.56 -8.57
N SER H 85 18.22 -12.58 -8.48
CA SER H 85 19.64 -12.30 -8.33
C SER H 85 20.33 -12.21 -9.68
N LEU H 86 19.55 -12.24 -10.76
CA LEU H 86 20.04 -12.09 -12.12
C LEU H 86 19.47 -10.88 -12.82
N LYS H 87 18.43 -10.28 -12.27
CA LYS H 87 17.92 -9.05 -12.85
C LYS H 87 18.86 -7.85 -12.71
N PRO H 88 19.60 -7.66 -11.62
CA PRO H 88 20.63 -6.61 -11.64
C PRO H 88 21.81 -6.90 -12.54
N CYS H 89 22.12 -8.17 -12.82
CA CYS H 89 23.36 -8.44 -13.50
C CYS H 89 23.29 -8.08 -14.99
N VAL H 90 24.47 -8.00 -15.60
CA VAL H 90 24.61 -7.42 -16.92
C VAL H 90 24.23 -8.43 -18.00
N LYS H 91 23.36 -8.00 -18.92
CA LYS H 91 23.05 -8.79 -20.09
C LYS H 91 24.24 -8.85 -21.02
N LEU H 92 24.46 -10.02 -21.62
CA LEU H 92 25.66 -10.30 -22.39
C LEU H 92 25.29 -10.49 -23.85
N THR H 93 24.43 -9.60 -24.34
CA THR H 93 24.04 -9.57 -25.75
C THR H 93 25.16 -9.28 -26.74
N PRO H 94 26.02 -8.24 -26.57
CA PRO H 94 26.92 -7.88 -27.67
C PRO H 94 28.11 -8.80 -27.85
N LEU H 95 28.05 -9.98 -27.25
CA LEU H 95 29.05 -11.02 -27.41
C LEU H 95 28.75 -11.94 -28.59
N CYS H 96 27.55 -11.89 -29.15
CA CYS H 96 27.23 -12.68 -30.33
C CYS H 96 27.91 -12.22 -31.62
N VAL H 97 29.22 -12.41 -31.68
CA VAL H 97 30.03 -12.05 -32.84
C VAL H 97 30.62 -13.34 -33.42
N THR H 98 30.83 -13.33 -34.74
CA THR H 98 31.44 -14.45 -35.45
C THR H 98 32.89 -14.64 -35.01
N LEU H 99 33.16 -15.71 -34.27
CA LEU H 99 34.48 -15.94 -33.72
C LEU H 99 35.46 -16.40 -34.79
N GLN H 100 36.74 -16.44 -34.40
CA GLN H 100 37.79 -17.08 -35.20
C GLN H 100 38.66 -17.85 -34.21
N CYS H 101 38.61 -19.17 -34.26
CA CYS H 101 39.17 -20.00 -33.19
C CYS H 101 40.21 -20.98 -33.68
N THR H 102 41.32 -21.07 -32.96
CA THR H 102 42.30 -22.11 -33.20
C THR H 102 42.39 -22.99 -31.95
N ASN H 103 43.26 -23.99 -32.02
CA ASN H 103 43.57 -24.85 -30.89
C ASN H 103 44.31 -24.06 -29.82
N VAL H 104 44.08 -24.41 -28.56
CA VAL H 104 44.91 -23.83 -27.50
C VAL H 104 46.31 -24.45 -27.51
N THR H 105 47.29 -23.67 -27.05
CA THR H 105 48.68 -24.10 -27.03
C THR H 105 48.86 -25.11 -25.90
N ASN H 106 49.11 -26.36 -26.24
CA ASN H 106 48.95 -27.43 -25.28
C ASN H 106 49.59 -28.68 -25.84
N ASN H 107 49.83 -29.64 -24.96
CA ASN H 107 50.42 -30.89 -25.40
C ASN H 107 49.27 -31.78 -25.89
N ILE H 108 49.03 -31.71 -27.20
CA ILE H 108 47.88 -32.37 -27.80
C ILE H 108 48.22 -33.85 -27.92
N THR H 109 47.60 -34.66 -27.07
CA THR H 109 47.69 -36.10 -27.23
C THR H 109 46.51 -36.52 -28.09
N ASP H 110 46.68 -37.61 -28.85
CA ASP H 110 45.59 -38.06 -29.70
C ASP H 110 44.43 -38.59 -28.85
N ASP H 111 44.76 -39.12 -27.67
CA ASP H 111 43.74 -39.65 -26.77
C ASP H 111 42.93 -38.51 -26.17
N MET H 112 43.60 -37.47 -25.69
CA MET H 112 42.90 -36.31 -25.18
C MET H 112 42.39 -35.51 -26.40
N ARG H 113 41.48 -34.57 -26.17
CA ARG H 113 41.05 -33.68 -27.23
C ARG H 113 41.20 -32.26 -26.75
N GLY H 114 41.24 -31.32 -27.70
CA GLY H 114 41.43 -29.95 -27.31
C GLY H 114 40.10 -29.56 -26.69
N GLU H 115 40.13 -29.30 -25.40
CA GLU H 115 38.92 -28.91 -24.70
C GLU H 115 38.67 -27.42 -24.86
N LEU H 116 39.74 -26.65 -25.00
CA LEU H 116 39.65 -25.21 -25.03
C LEU H 116 40.19 -24.68 -26.35
N LYS H 117 39.35 -23.87 -27.00
CA LYS H 117 39.64 -23.21 -28.24
C LYS H 117 39.98 -21.75 -27.97
N ASN H 118 40.71 -21.15 -28.90
CA ASN H 118 41.27 -19.83 -28.67
C ASN H 118 40.24 -18.72 -28.88
N CYS H 119 39.69 -18.62 -30.10
CA CYS H 119 38.53 -17.78 -30.40
C CYS H 119 38.85 -16.29 -30.17
N SER H 120 39.68 -15.76 -31.05
CA SER H 120 39.92 -14.33 -31.10
C SER H 120 38.92 -13.67 -32.02
N PHE H 121 38.23 -12.66 -31.52
CA PHE H 121 37.17 -12.00 -32.27
C PHE H 121 37.27 -10.49 -32.19
N ASN H 122 36.23 -9.82 -32.67
CA ASN H 122 36.08 -8.38 -32.58
C ASN H 122 34.92 -8.08 -31.64
N MET H 123 35.02 -7.01 -30.86
CA MET H 123 33.91 -6.65 -30.00
C MET H 123 34.07 -5.15 -29.78
N THR H 124 32.94 -4.43 -29.77
CA THR H 124 32.94 -2.99 -29.56
C THR H 124 33.49 -2.60 -28.19
N THR H 125 34.18 -1.49 -28.14
CA THR H 125 34.59 -0.99 -26.85
C THR H 125 33.49 -0.10 -26.29
N GLU H 126 33.81 0.67 -25.25
CA GLU H 126 32.81 1.58 -24.68
C GLU H 126 32.53 2.75 -25.60
N LEU H 127 33.48 3.15 -26.44
CA LEU H 127 33.20 4.10 -27.48
C LEU H 127 32.47 3.41 -28.61
N ARG H 128 31.51 4.11 -29.21
CA ARG H 128 30.71 3.50 -30.26
C ARG H 128 31.47 3.44 -31.56
N ASP H 129 32.54 4.22 -31.70
CA ASP H 129 33.26 4.20 -32.95
C ASP H 129 34.26 3.05 -32.98
N LYS H 130 35.07 2.94 -31.94
CA LYS H 130 36.13 1.94 -31.96
C LYS H 130 35.56 0.56 -31.70
N LYS H 131 36.28 -0.44 -32.19
CA LYS H 131 35.95 -1.85 -31.98
C LYS H 131 37.26 -2.55 -31.70
N GLN H 132 37.47 -2.98 -30.46
CA GLN H 132 38.70 -3.68 -30.20
C GLN H 132 38.63 -5.10 -30.74
N LYS H 133 39.81 -5.67 -30.96
CA LYS H 133 39.93 -7.06 -31.38
C LYS H 133 40.53 -7.79 -30.20
N VAL H 134 39.72 -8.57 -29.52
CA VAL H 134 40.15 -9.20 -28.28
C VAL H 134 40.12 -10.70 -28.49
N TYR H 135 40.82 -11.42 -27.63
CA TYR H 135 40.83 -12.86 -27.65
C TYR H 135 40.51 -13.37 -26.25
N SER H 136 40.21 -14.66 -26.19
CA SER H 136 39.73 -15.28 -24.97
C SER H 136 40.23 -16.72 -24.97
N LEU H 137 39.57 -17.55 -24.17
CA LEU H 137 39.63 -19.00 -24.30
C LEU H 137 38.23 -19.51 -24.05
N PHE H 138 37.88 -20.60 -24.73
CA PHE H 138 36.53 -21.11 -24.65
C PHE H 138 36.52 -22.62 -24.70
N TYR H 139 35.60 -23.23 -23.96
CA TYR H 139 35.47 -24.67 -23.98
C TYR H 139 34.78 -25.14 -25.25
N ARG H 140 34.98 -26.42 -25.55
CA ARG H 140 34.41 -27.01 -26.74
C ARG H 140 32.91 -27.18 -26.61
N LEU H 141 32.39 -27.23 -25.40
CA LEU H 141 30.96 -27.29 -25.18
C LEU H 141 30.28 -25.93 -25.21
N ASP H 142 30.92 -24.90 -25.77
CA ASP H 142 30.27 -23.61 -25.88
C ASP H 142 30.35 -22.99 -27.26
N VAL H 143 31.06 -23.59 -28.19
CA VAL H 143 31.18 -23.08 -29.55
C VAL H 143 30.76 -24.17 -30.52
N VAL H 144 30.11 -23.76 -31.60
CA VAL H 144 29.80 -24.67 -32.68
C VAL H 144 30.30 -24.05 -33.97
N GLN H 145 30.48 -24.88 -34.99
CA GLN H 145 31.17 -24.40 -36.17
C GLN H 145 30.16 -23.86 -37.17
N ILE H 146 30.42 -22.66 -37.65
CA ILE H 146 29.64 -22.07 -38.73
C ILE H 146 30.22 -22.52 -40.06
N ASN H 147 29.43 -23.26 -40.83
CA ASN H 147 29.95 -23.88 -42.04
C ASN H 147 29.06 -23.61 -43.25
N SER H 157 40.99 -24.93 -45.82
CA SER H 157 39.95 -23.92 -45.77
C SER H 157 40.12 -23.02 -44.54
N ASN H 158 39.11 -22.99 -43.69
CA ASN H 158 39.13 -22.17 -42.49
C ASN H 158 38.30 -22.87 -41.41
N LYS H 159 38.17 -22.21 -40.26
CA LYS H 159 37.48 -22.79 -39.12
C LYS H 159 36.88 -21.65 -38.31
N GLU H 160 35.57 -21.46 -38.40
CA GLU H 160 34.94 -20.36 -37.70
C GLU H 160 33.77 -20.84 -36.86
N TYR H 161 33.75 -20.41 -35.61
CA TYR H 161 32.76 -20.92 -34.69
C TYR H 161 31.74 -19.82 -34.40
N ARG H 162 30.86 -20.11 -33.46
CA ARG H 162 30.00 -19.12 -32.86
C ARG H 162 29.60 -19.69 -31.51
N LEU H 163 28.96 -18.86 -30.70
CA LEU H 163 28.49 -19.35 -29.41
C LEU H 163 27.30 -20.27 -29.61
N ILE H 164 27.14 -21.22 -28.70
CA ILE H 164 26.07 -22.19 -28.87
C ILE H 164 24.74 -21.56 -28.51
N ASN H 165 24.72 -20.70 -27.49
CA ASN H 165 23.50 -20.06 -27.08
C ASN H 165 23.17 -18.83 -27.89
N CYS H 166 24.01 -18.47 -28.87
CA CYS H 166 23.72 -17.31 -29.68
C CYS H 166 22.49 -17.55 -30.52
N ASN H 167 22.23 -18.81 -30.85
CA ASN H 167 20.92 -19.15 -31.33
C ASN H 167 19.96 -19.14 -30.15
N THR H 168 18.89 -18.37 -30.29
CA THR H 168 17.68 -18.41 -29.48
C THR H 168 17.76 -17.94 -28.03
N SER H 169 18.93 -17.63 -27.47
CA SER H 169 18.93 -17.20 -26.06
C SER H 169 20.17 -16.39 -25.70
N ALA H 170 20.06 -15.06 -25.81
CA ALA H 170 21.08 -14.18 -25.26
C ALA H 170 20.89 -14.08 -23.75
N CYS H 171 21.96 -14.31 -22.99
CA CYS H 171 21.81 -14.47 -21.56
C CYS H 171 22.93 -13.81 -20.80
N THR H 172 22.67 -13.52 -19.53
CA THR H 172 23.43 -12.56 -18.74
C THR H 172 24.74 -13.15 -18.23
N GLN H 173 25.61 -12.25 -17.81
CA GLN H 173 26.77 -12.59 -17.00
C GLN H 173 26.31 -12.72 -15.54
N ALA H 174 27.20 -13.14 -14.64
CA ALA H 174 26.91 -13.17 -13.22
C ALA H 174 27.81 -12.26 -12.40
N CYS H 175 27.19 -11.40 -11.60
CA CYS H 175 27.91 -10.40 -10.84
C CYS H 175 28.75 -11.09 -9.77
N PRO H 176 30.04 -10.78 -9.68
CA PRO H 176 30.91 -11.48 -8.70
C PRO H 176 30.63 -11.14 -7.26
N LYS H 177 29.75 -10.18 -6.96
CA LYS H 177 29.32 -9.98 -5.59
C LYS H 177 28.53 -11.17 -5.07
N VAL H 178 27.58 -11.68 -5.85
CA VAL H 178 26.80 -12.81 -5.38
C VAL H 178 27.62 -14.09 -5.43
N SER H 179 27.14 -15.08 -4.68
CA SER H 179 27.81 -16.37 -4.52
C SER H 179 26.76 -17.45 -4.61
N PHE H 180 27.13 -18.59 -5.20
CA PHE H 180 26.20 -19.66 -5.43
C PHE H 180 26.20 -20.71 -4.32
N GLU H 181 26.78 -20.38 -3.18
CA GLU H 181 26.78 -21.34 -2.09
C GLU H 181 25.39 -21.51 -1.50
N PRO H 182 25.08 -22.70 -1.01
CA PRO H 182 23.79 -22.92 -0.33
C PRO H 182 23.89 -22.42 1.10
N ILE H 183 22.91 -21.64 1.51
CA ILE H 183 22.78 -21.28 2.92
C ILE H 183 21.57 -22.01 3.50
N PRO H 184 21.55 -22.25 4.81
CA PRO H 184 20.39 -22.91 5.40
C PRO H 184 19.18 -22.00 5.33
N ILE H 185 18.02 -22.60 5.19
CA ILE H 185 16.76 -21.88 5.13
C ILE H 185 15.78 -22.53 6.09
N HIS H 186 15.31 -21.79 7.07
CA HIS H 186 14.33 -22.31 8.00
C HIS H 186 12.95 -21.87 7.56
N TYR H 187 12.18 -22.79 7.01
CA TYR H 187 10.79 -22.50 6.69
C TYR H 187 9.94 -22.44 7.96
N CYS H 188 9.13 -21.39 8.07
CA CYS H 188 8.29 -21.27 9.25
C CYS H 188 6.85 -21.09 8.82
N ALA H 189 5.95 -21.69 9.58
CA ALA H 189 4.52 -21.51 9.34
C ALA H 189 4.04 -20.16 9.89
N PRO H 190 3.02 -19.58 9.29
CA PRO H 190 2.42 -18.36 9.85
C PRO H 190 1.53 -18.72 11.03
N ALA H 191 0.87 -17.71 11.58
CA ALA H 191 0.01 -17.90 12.74
C ALA H 191 -1.24 -18.66 12.33
N GLY H 192 -1.60 -19.67 13.11
CA GLY H 192 -2.76 -20.48 12.80
C GLY H 192 -2.45 -21.75 12.04
N PHE H 193 -1.19 -22.00 11.75
CA PHE H 193 -0.77 -23.18 11.02
C PHE H 193 0.35 -23.84 11.79
N ALA H 194 0.29 -25.16 11.91
CA ALA H 194 1.37 -25.89 12.56
C ALA H 194 2.17 -26.65 11.52
N ILE H 195 3.37 -27.08 11.93
CA ILE H 195 4.22 -27.89 11.08
C ILE H 195 4.48 -29.19 11.80
N LEU H 196 3.88 -30.26 11.30
CA LEU H 196 4.07 -31.59 11.83
C LEU H 196 5.35 -32.19 11.29
N LYS H 197 6.14 -32.79 12.18
CA LYS H 197 7.41 -33.39 11.84
C LYS H 197 7.34 -34.85 12.25
N CYS H 198 7.58 -35.75 11.31
CA CYS H 198 7.49 -37.16 11.60
C CYS H 198 8.81 -37.60 12.22
N LYS H 199 8.76 -38.00 13.48
CA LYS H 199 9.98 -38.36 14.18
C LYS H 199 10.31 -39.85 14.09
N ASP H 200 9.67 -40.57 13.17
CA ASP H 200 9.86 -42.01 13.11
C ASP H 200 11.18 -42.33 12.44
N LYS H 201 11.97 -43.19 13.07
CA LYS H 201 13.25 -43.55 12.48
C LYS H 201 13.09 -44.63 11.42
N LYS H 202 11.89 -45.17 11.26
CA LYS H 202 11.56 -46.09 10.19
C LYS H 202 10.29 -45.58 9.55
N PHE H 203 10.43 -44.85 8.45
CA PHE H 203 9.31 -44.19 7.81
C PHE H 203 9.63 -44.08 6.33
N ASN H 204 8.93 -44.85 5.52
CA ASN H 204 8.98 -44.65 4.08
C ASN H 204 8.07 -43.51 3.68
N GLY H 205 7.74 -43.42 2.40
CA GLY H 205 6.96 -42.31 1.86
C GLY H 205 5.60 -42.05 2.49
N THR H 206 4.66 -42.94 2.28
CA THR H 206 3.30 -42.74 2.74
C THR H 206 3.21 -43.35 4.14
N GLY H 207 2.00 -43.52 4.67
CA GLY H 207 1.76 -44.29 5.87
C GLY H 207 1.63 -43.44 7.12
N PRO H 208 0.87 -43.93 8.10
CA PRO H 208 0.70 -43.19 9.35
C PRO H 208 2.00 -43.18 10.14
N CYS H 209 2.42 -41.99 10.53
CA CYS H 209 3.63 -41.85 11.33
C CYS H 209 3.25 -41.74 12.79
N PRO H 210 3.48 -42.76 13.61
CA PRO H 210 2.94 -42.77 14.97
C PRO H 210 3.79 -42.01 15.97
N SER H 211 4.71 -41.15 15.49
CA SER H 211 5.49 -40.34 16.41
C SER H 211 5.77 -39.01 15.72
N VAL H 212 4.91 -38.04 15.97
CA VAL H 212 5.01 -36.73 15.36
C VAL H 212 5.47 -35.73 16.41
N SER H 213 5.74 -34.52 15.95
CA SER H 213 6.13 -33.43 16.83
C SER H 213 5.85 -32.12 16.12
N THR H 214 5.45 -31.11 16.88
CA THR H 214 5.05 -29.85 16.29
C THR H 214 6.20 -28.87 16.41
N VAL H 215 6.57 -28.26 15.29
CA VAL H 215 7.54 -27.17 15.36
C VAL H 215 6.90 -25.90 14.86
N GLN H 216 7.67 -24.81 14.89
CA GLN H 216 7.28 -23.58 14.24
C GLN H 216 8.22 -23.18 13.13
N CYS H 217 9.46 -23.64 13.16
CA CYS H 217 10.40 -23.38 12.07
C CYS H 217 11.20 -24.63 11.79
N THR H 218 11.36 -24.96 10.51
CA THR H 218 12.11 -26.15 10.17
C THR H 218 13.59 -25.91 10.41
N HIS H 219 14.36 -26.99 10.44
CA HIS H 219 15.80 -26.83 10.54
C HIS H 219 16.33 -26.27 9.23
N GLY H 220 17.57 -25.80 9.27
CA GLY H 220 18.14 -25.09 8.13
C GLY H 220 18.35 -25.97 6.91
N ILE H 221 17.53 -25.82 5.87
CA ILE H 221 17.71 -26.61 4.66
C ILE H 221 18.63 -25.87 3.71
N LYS H 222 19.66 -26.55 3.21
CA LYS H 222 20.51 -26.00 2.17
C LYS H 222 19.99 -26.44 0.82
N PRO H 223 19.55 -25.53 -0.01
CA PRO H 223 19.16 -25.85 -1.39
C PRO H 223 20.36 -26.03 -2.29
N VAL H 224 20.66 -27.28 -2.63
CA VAL H 224 21.74 -27.60 -3.56
C VAL H 224 21.10 -28.09 -4.85
N VAL H 225 21.92 -28.20 -5.88
CA VAL H 225 21.48 -28.70 -7.18
C VAL H 225 22.45 -29.77 -7.69
N SER H 226 22.13 -31.02 -7.37
CA SER H 226 22.80 -32.16 -7.97
C SER H 226 21.76 -33.09 -8.55
N THR H 227 22.11 -33.73 -9.67
CA THR H 227 21.16 -34.59 -10.36
C THR H 227 21.28 -36.02 -9.84
N GLN H 228 22.43 -36.63 -10.03
CA GLN H 228 22.72 -37.83 -9.28
C GLN H 228 23.62 -37.45 -8.13
N LEU H 229 23.75 -38.37 -7.17
CA LEU H 229 24.60 -38.20 -5.99
C LEU H 229 24.21 -36.95 -5.19
N LEU H 230 23.04 -37.03 -4.53
CA LEU H 230 22.61 -35.95 -3.65
C LEU H 230 23.70 -35.61 -2.63
N LEU H 231 23.82 -34.33 -2.33
CA LEU H 231 24.95 -33.86 -1.55
C LEU H 231 24.53 -33.06 -0.33
N ASN H 232 25.34 -33.18 0.71
CA ASN H 232 25.45 -32.20 1.78
C ASN H 232 24.18 -32.05 2.59
N GLY H 233 23.37 -33.09 2.73
CA GLY H 233 22.14 -32.89 3.48
C GLY H 233 21.41 -34.11 3.99
N SER H 234 21.08 -34.10 5.29
CA SER H 234 20.03 -34.93 5.90
C SER H 234 20.32 -36.42 5.74
N LEU H 235 21.37 -36.84 6.45
CA LEU H 235 21.75 -38.24 6.50
C LEU H 235 20.71 -39.05 7.24
N ALA H 236 20.75 -40.35 7.05
CA ALA H 236 19.69 -41.17 7.63
C ALA H 236 20.06 -41.51 9.07
N GLU H 237 19.13 -42.17 9.76
CA GLU H 237 19.34 -42.37 11.19
C GLU H 237 20.21 -43.58 11.45
N GLU H 238 19.70 -44.77 11.10
CA GLU H 238 20.36 -46.00 11.48
C GLU H 238 20.83 -46.77 10.26
N GLU H 239 19.91 -47.14 9.39
CA GLU H 239 20.18 -47.96 8.23
C GLU H 239 20.27 -47.08 6.99
N VAL H 240 20.30 -47.73 5.84
CA VAL H 240 20.11 -47.06 4.56
C VAL H 240 18.66 -47.22 4.17
N MET H 241 17.92 -46.12 4.18
CA MET H 241 16.49 -46.17 3.94
C MET H 241 16.25 -45.92 2.45
N ILE H 242 15.51 -46.81 1.83
CA ILE H 242 15.02 -46.59 0.48
C ILE H 242 13.53 -46.31 0.52
N ARG H 243 13.09 -45.48 -0.41
CA ARG H 243 11.72 -45.00 -0.41
C ARG H 243 11.37 -44.56 -1.83
N SER H 244 10.16 -44.89 -2.26
CA SER H 244 9.72 -44.53 -3.60
C SER H 244 8.20 -44.37 -3.59
N GLU H 245 7.64 -44.25 -4.79
CA GLU H 245 6.27 -44.55 -5.11
C GLU H 245 6.12 -46.03 -5.38
N ASN H 246 5.15 -46.41 -6.21
CA ASN H 246 4.98 -47.81 -6.61
C ASN H 246 6.28 -48.47 -7.01
N ILE H 247 6.71 -49.44 -6.21
CA ILE H 247 8.02 -50.00 -6.47
C ILE H 247 7.93 -50.97 -7.62
N THR H 248 6.73 -51.36 -8.00
CA THR H 248 6.47 -52.07 -9.24
C THR H 248 6.16 -51.13 -10.37
N ASN H 249 6.57 -49.87 -10.27
CA ASN H 249 6.54 -48.93 -11.36
C ASN H 249 7.96 -48.66 -11.81
N ASN H 250 8.09 -48.24 -13.07
CA ASN H 250 9.39 -48.07 -13.68
C ASN H 250 9.64 -46.61 -13.98
N ALA H 251 8.64 -45.77 -13.74
CA ALA H 251 8.69 -44.34 -13.97
C ALA H 251 8.86 -43.56 -12.68
N LYS H 252 8.83 -44.24 -11.54
CA LYS H 252 8.96 -43.58 -10.25
C LYS H 252 10.36 -43.80 -9.70
N ASN H 253 11.06 -42.70 -9.39
CA ASN H 253 12.43 -42.79 -8.96
C ASN H 253 12.52 -43.40 -7.58
N ILE H 254 13.65 -43.99 -7.28
CA ILE H 254 13.91 -44.60 -5.99
C ILE H 254 14.86 -43.70 -5.24
N LEU H 255 14.32 -42.86 -4.36
CA LEU H 255 15.15 -41.90 -3.63
C LEU H 255 15.84 -42.66 -2.51
N VAL H 256 17.05 -43.14 -2.78
CA VAL H 256 17.85 -43.75 -1.75
C VAL H 256 18.42 -42.67 -0.85
N GLN H 257 18.35 -42.88 0.46
CA GLN H 257 18.99 -41.98 1.41
C GLN H 257 19.75 -42.81 2.42
N PHE H 258 21.07 -42.72 2.38
CA PHE H 258 21.90 -43.60 3.19
C PHE H 258 22.44 -42.87 4.41
N ASN H 259 23.01 -43.65 5.31
CA ASN H 259 23.19 -43.32 6.71
C ASN H 259 24.53 -42.66 7.01
N THR H 260 25.60 -43.16 6.43
CA THR H 260 26.94 -42.62 6.56
C THR H 260 27.36 -41.83 5.32
N PRO H 261 28.06 -40.72 5.48
CA PRO H 261 28.35 -39.87 4.33
C PRO H 261 29.49 -40.43 3.51
N VAL H 262 29.48 -40.10 2.23
CA VAL H 262 30.53 -40.54 1.33
C VAL H 262 31.31 -39.33 0.86
N GLN H 263 32.60 -39.28 1.15
CA GLN H 263 33.34 -38.05 0.93
C GLN H 263 33.82 -37.97 -0.51
N ILE H 264 33.48 -36.87 -1.17
CA ILE H 264 33.89 -36.60 -2.53
C ILE H 264 34.89 -35.46 -2.49
N ASN H 265 35.78 -35.45 -3.47
CA ASN H 265 36.97 -34.63 -3.42
C ASN H 265 37.19 -33.92 -4.73
N CYS H 266 36.15 -33.24 -5.21
CA CYS H 266 36.20 -32.68 -6.55
C CYS H 266 37.15 -31.49 -6.60
N THR H 267 37.86 -31.38 -7.72
CA THR H 267 38.87 -30.35 -7.89
C THR H 267 38.95 -29.93 -9.34
N ARG H 268 39.73 -28.89 -9.58
CA ARG H 268 40.06 -28.43 -10.91
C ARG H 268 41.46 -27.85 -10.87
N PRO H 269 42.46 -28.50 -11.47
CA PRO H 269 43.84 -28.14 -11.18
C PRO H 269 44.44 -27.10 -12.12
N ASN H 270 43.66 -26.56 -13.04
CA ASN H 270 44.11 -25.44 -13.83
C ASN H 270 44.09 -24.16 -13.01
N ASN H 271 45.04 -23.27 -13.28
CA ASN H 271 45.12 -22.02 -12.55
C ASN H 271 44.07 -21.02 -13.06
N ASN H 272 43.94 -20.89 -14.37
CA ASN H 272 42.80 -20.25 -15.02
C ASN H 272 42.69 -18.77 -14.62
N THR H 273 43.69 -18.01 -15.06
CA THR H 273 43.74 -16.59 -14.76
C THR H 273 42.63 -15.82 -15.48
N ARG H 274 41.98 -14.92 -14.74
CA ARG H 274 40.90 -14.11 -15.26
C ARG H 274 41.44 -12.82 -15.88
N LYS H 275 40.59 -12.17 -16.67
CA LYS H 275 40.85 -10.82 -17.14
C LYS H 275 39.52 -10.17 -17.48
N SER H 276 39.51 -8.84 -17.46
CA SER H 276 38.28 -8.08 -17.63
C SER H 276 38.36 -7.34 -18.95
N ILE H 277 37.47 -7.67 -19.85
CA ILE H 277 37.28 -6.96 -21.11
C ILE H 277 36.12 -6.00 -20.95
N ARG H 278 36.28 -4.77 -21.42
CA ARG H 278 35.22 -3.79 -21.25
C ARG H 278 34.30 -3.82 -22.47
N ILE H 279 33.05 -4.16 -22.22
CA ILE H 279 32.06 -4.22 -23.30
C ILE H 279 31.62 -2.82 -23.68
N GLY H 280 31.23 -2.04 -22.67
CA GLY H 280 30.76 -0.71 -22.91
C GLY H 280 30.89 0.17 -21.68
N PRO H 281 29.91 1.01 -21.45
CA PRO H 281 29.96 1.85 -20.25
C PRO H 281 29.64 1.04 -19.01
N GLY H 282 30.66 0.73 -18.21
CA GLY H 282 30.38 0.06 -16.96
C GLY H 282 29.93 -1.36 -17.13
N GLN H 283 30.17 -1.95 -18.29
CA GLN H 283 29.80 -3.33 -18.51
C GLN H 283 31.08 -4.14 -18.67
N ALA H 284 31.54 -4.73 -17.58
CA ALA H 284 32.71 -5.58 -17.65
C ALA H 284 32.30 -6.97 -18.11
N PHE H 285 33.26 -7.68 -18.71
CA PHE H 285 33.09 -9.06 -19.08
C PHE H 285 34.33 -9.84 -18.67
N TYR H 286 34.14 -10.88 -17.88
CA TYR H 286 35.26 -11.63 -17.32
C TYR H 286 35.54 -12.82 -18.24
N ALA H 287 36.72 -12.82 -18.83
CA ALA H 287 37.15 -13.91 -19.69
C ALA H 287 38.40 -14.55 -19.14
N THR H 288 38.52 -15.84 -19.35
CA THR H 288 39.71 -16.56 -18.91
C THR H 288 40.91 -16.21 -19.78
N GLY H 289 41.97 -15.74 -19.13
CA GLY H 289 43.15 -15.37 -19.87
C GLY H 289 44.05 -16.58 -19.97
N ASP H 290 45.28 -16.44 -19.48
CA ASP H 290 46.23 -17.54 -19.50
C ASP H 290 45.89 -18.58 -18.43
N ILE H 291 46.35 -19.80 -18.67
CA ILE H 291 46.28 -20.88 -17.70
C ILE H 291 47.71 -21.18 -17.27
N ILE H 292 47.97 -21.10 -15.97
CA ILE H 292 49.32 -21.25 -15.45
C ILE H 292 49.54 -22.68 -15.00
N GLY H 293 50.61 -23.29 -15.53
CA GLY H 293 50.98 -24.63 -15.16
C GLY H 293 50.73 -25.56 -16.33
N ASP H 294 49.93 -26.58 -16.11
CA ASP H 294 49.63 -27.57 -17.13
C ASP H 294 48.13 -27.64 -17.32
N ILE H 295 47.73 -28.13 -18.48
CA ILE H 295 46.32 -28.27 -18.81
C ILE H 295 45.92 -29.71 -18.49
N ARG H 296 45.30 -29.87 -17.33
CA ARG H 296 44.89 -31.16 -16.80
C ARG H 296 43.39 -31.17 -16.60
N GLN H 297 42.83 -32.36 -16.61
CA GLN H 297 41.39 -32.53 -16.51
C GLN H 297 40.92 -32.54 -15.07
N ALA H 298 39.80 -31.88 -14.83
CA ALA H 298 39.19 -31.82 -13.52
C ALA H 298 38.49 -33.14 -13.22
N HIS H 299 38.66 -33.63 -11.98
CA HIS H 299 38.17 -34.96 -11.63
C HIS H 299 37.57 -34.92 -10.24
N CYS H 300 37.06 -36.08 -9.81
CA CYS H 300 36.54 -36.24 -8.46
C CYS H 300 37.00 -37.60 -7.93
N ASN H 301 37.06 -37.73 -6.60
CA ASN H 301 37.49 -38.99 -6.01
C ASN H 301 36.47 -39.45 -4.98
N VAL H 302 36.24 -40.76 -4.95
CA VAL H 302 35.56 -41.44 -3.85
C VAL H 302 36.34 -42.66 -3.41
N SER H 303 36.17 -43.05 -2.14
CA SER H 303 36.88 -44.22 -1.65
C SER H 303 36.17 -45.48 -2.15
N LYS H 304 36.95 -46.36 -2.76
CA LYS H 304 36.39 -47.56 -3.38
C LYS H 304 35.87 -48.57 -2.36
N ALA H 305 36.48 -48.63 -1.18
CA ALA H 305 36.00 -49.53 -0.13
C ALA H 305 34.68 -49.05 0.45
N THR H 306 34.46 -47.74 0.44
CA THR H 306 33.25 -47.21 1.04
C THR H 306 32.14 -47.33 0.03
N TRP H 307 32.45 -47.06 -1.23
CA TRP H 307 31.41 -47.06 -2.24
C TRP H 307 30.95 -48.48 -2.48
N ASN H 308 31.90 -49.43 -2.52
CA ASN H 308 31.51 -50.81 -2.70
C ASN H 308 30.78 -51.34 -1.46
N GLU H 309 31.12 -50.82 -0.28
CA GLU H 309 30.38 -51.21 0.91
C GLU H 309 28.98 -50.62 0.92
N THR H 310 28.83 -49.43 0.37
CA THR H 310 27.52 -48.81 0.34
C THR H 310 26.62 -49.47 -0.68
N LEU H 311 27.18 -49.88 -1.81
CA LEU H 311 26.36 -50.67 -2.71
C LEU H 311 26.06 -52.05 -2.14
N GLY H 312 26.91 -52.55 -1.24
CA GLY H 312 26.57 -53.76 -0.53
C GLY H 312 25.47 -53.55 0.47
N LYS H 313 25.30 -52.33 0.93
CA LYS H 313 24.20 -52.01 1.84
C LYS H 313 22.90 -51.88 1.06
N VAL H 314 22.94 -51.09 -0.01
CA VAL H 314 21.71 -50.83 -0.74
C VAL H 314 21.24 -52.02 -1.55
N VAL H 315 22.08 -53.04 -1.75
CA VAL H 315 21.57 -54.21 -2.43
C VAL H 315 20.95 -55.15 -1.42
N LYS H 316 21.21 -54.89 -0.16
CA LYS H 316 20.58 -55.64 0.90
C LYS H 316 19.22 -55.03 1.16
N GLN H 317 19.16 -53.70 1.17
CA GLN H 317 17.86 -53.10 1.40
C GLN H 317 16.99 -53.24 0.16
N LEU H 318 17.59 -53.36 -1.03
CA LEU H 318 16.79 -53.62 -2.21
C LEU H 318 16.23 -55.04 -2.23
N ARG H 319 16.95 -55.98 -1.61
CA ARG H 319 16.37 -57.31 -1.55
C ARG H 319 15.21 -57.38 -0.57
N LYS H 320 15.02 -56.37 0.27
CA LYS H 320 13.86 -56.38 1.13
C LYS H 320 12.60 -56.14 0.32
N HIS H 321 12.72 -55.49 -0.83
CA HIS H 321 11.58 -55.25 -1.69
C HIS H 321 11.51 -56.21 -2.86
N PHE H 322 12.62 -56.81 -3.24
CA PHE H 322 12.62 -57.69 -4.40
C PHE H 322 12.96 -59.13 -4.04
N GLY H 323 12.86 -59.50 -2.78
CA GLY H 323 13.14 -60.85 -2.37
C GLY H 323 14.62 -61.17 -2.35
N ASN H 324 14.92 -62.36 -1.87
CA ASN H 324 16.29 -62.84 -1.88
C ASN H 324 16.53 -63.58 -3.19
N ASN H 325 17.74 -64.14 -3.32
CA ASN H 325 18.29 -64.74 -4.55
C ASN H 325 17.93 -63.93 -5.79
N THR H 326 18.10 -62.62 -5.68
CA THR H 326 17.81 -61.72 -6.79
C THR H 326 19.10 -61.04 -7.23
N ILE H 327 19.52 -61.32 -8.46
CA ILE H 327 20.84 -60.91 -8.89
C ILE H 327 20.77 -59.45 -9.29
N ILE H 328 21.00 -58.56 -8.35
CA ILE H 328 20.85 -57.14 -8.59
C ILE H 328 22.12 -56.61 -9.26
N ARG H 329 21.95 -55.91 -10.38
CA ARG H 329 23.06 -55.32 -11.08
C ARG H 329 22.76 -53.86 -11.37
N PHE H 330 23.80 -53.13 -11.74
CA PHE H 330 23.72 -51.71 -12.01
C PHE H 330 24.18 -51.39 -13.42
N ALA H 331 23.79 -50.22 -13.91
CA ALA H 331 24.19 -49.77 -15.24
C ALA H 331 24.35 -48.27 -15.19
N ASN H 332 24.55 -47.63 -16.34
CA ASN H 332 25.11 -46.28 -16.32
C ASN H 332 24.25 -45.30 -17.11
N SER H 333 22.94 -45.31 -16.86
CA SER H 333 22.00 -44.27 -17.31
C SER H 333 22.02 -44.15 -18.84
N SER H 334 21.44 -45.20 -19.46
CA SER H 334 21.57 -45.53 -20.88
C SER H 334 21.68 -44.35 -21.85
N GLY H 335 20.83 -43.35 -21.67
CA GLY H 335 20.86 -42.19 -22.54
C GLY H 335 20.29 -40.99 -21.84
N GLY H 336 20.27 -39.88 -22.58
CA GLY H 336 19.66 -38.65 -22.13
C GLY H 336 20.57 -37.49 -22.46
N ASP H 337 20.21 -36.31 -21.97
CA ASP H 337 21.03 -35.13 -22.19
C ASP H 337 22.27 -35.15 -21.31
N LEU H 338 23.09 -34.12 -21.46
CA LEU H 338 24.33 -34.07 -20.70
C LEU H 338 24.08 -33.77 -19.24
N GLU H 339 22.89 -33.29 -18.89
CA GLU H 339 22.59 -32.90 -17.53
C GLU H 339 21.72 -33.93 -16.84
N VAL H 340 21.50 -35.09 -17.46
CA VAL H 340 20.74 -36.12 -16.79
C VAL H 340 21.57 -37.40 -16.79
N THR H 341 22.40 -37.57 -17.81
CA THR H 341 23.34 -38.69 -17.80
C THR H 341 24.53 -38.47 -16.90
N THR H 342 24.66 -37.31 -16.29
CA THR H 342 25.87 -36.95 -15.58
C THR H 342 25.53 -36.50 -14.17
N HIS H 343 26.57 -36.45 -13.33
CA HIS H 343 26.40 -35.88 -12.01
C HIS H 343 26.73 -34.41 -12.15
N SER H 344 25.68 -33.63 -12.36
CA SER H 344 25.83 -32.23 -12.69
C SER H 344 25.71 -31.46 -11.38
N PHE H 345 26.73 -30.69 -11.04
CA PHE H 345 26.67 -29.99 -9.78
C PHE H 345 27.49 -28.73 -9.81
N ASN H 346 27.48 -28.04 -8.68
CA ASN H 346 28.17 -26.79 -8.43
C ASN H 346 29.23 -26.98 -7.36
N CYS H 347 30.32 -26.25 -7.52
CA CYS H 347 31.45 -26.33 -6.58
C CYS H 347 32.12 -24.97 -6.60
N GLY H 348 31.84 -24.18 -5.56
CA GLY H 348 32.51 -22.91 -5.41
C GLY H 348 32.10 -21.87 -6.41
N GLY H 349 31.08 -22.13 -7.20
CA GLY H 349 30.67 -21.19 -8.21
C GLY H 349 30.98 -21.68 -9.61
N GLU H 350 31.44 -22.91 -9.77
CA GLU H 350 31.68 -23.43 -11.11
C GLU H 350 31.05 -24.81 -11.25
N PHE H 351 30.70 -25.13 -12.48
CA PHE H 351 29.67 -26.13 -12.75
C PHE H 351 30.30 -27.38 -13.36
N PHE H 352 30.50 -28.39 -12.52
CA PHE H 352 31.11 -29.63 -12.96
C PHE H 352 30.07 -30.57 -13.53
N TYR H 353 30.43 -31.22 -14.64
CA TYR H 353 29.66 -32.32 -15.19
C TYR H 353 30.54 -33.56 -15.20
N CYS H 354 30.28 -34.48 -14.31
CA CYS H 354 31.18 -35.63 -14.16
C CYS H 354 30.65 -36.74 -15.06
N ASN H 355 31.12 -37.96 -14.85
CA ASN H 355 30.69 -39.10 -15.68
C ASN H 355 30.61 -40.31 -14.76
N THR H 356 29.44 -40.51 -14.16
CA THR H 356 29.22 -41.66 -13.29
C THR H 356 28.98 -42.87 -14.17
N SER H 357 30.07 -43.43 -14.68
CA SER H 357 29.99 -44.70 -15.38
C SER H 357 31.07 -45.66 -14.93
N GLY H 358 31.88 -45.27 -13.96
CA GLY H 358 32.82 -46.17 -13.31
C GLY H 358 32.26 -46.52 -11.96
N LEU H 359 31.18 -45.84 -11.60
CA LEU H 359 30.50 -46.03 -10.33
C LEU H 359 29.38 -47.04 -10.45
N PHE H 360 28.40 -46.74 -11.28
CA PHE H 360 27.17 -47.50 -11.37
C PHE H 360 27.35 -48.67 -12.33
N ASN H 361 28.25 -49.58 -11.93
CA ASN H 361 28.59 -50.69 -12.80
C ASN H 361 29.00 -51.88 -11.92
N SER H 362 28.03 -52.72 -11.59
CA SER H 362 28.27 -53.87 -10.71
C SER H 362 27.18 -54.90 -10.96
N THR H 363 27.28 -56.01 -10.23
CA THR H 363 26.23 -57.01 -10.14
C THR H 363 26.40 -57.78 -8.83
N TRP H 364 25.28 -58.08 -8.19
CA TRP H 364 25.35 -58.58 -6.83
C TRP H 364 24.46 -59.82 -6.71
N ILE H 365 25.04 -60.91 -6.21
CA ILE H 365 24.31 -62.15 -6.00
C ILE H 365 24.18 -62.39 -4.51
N SER H 366 23.12 -63.10 -4.12
CA SER H 366 22.65 -63.19 -2.75
C SER H 366 23.56 -64.02 -1.85
N ASN H 367 24.67 -64.53 -2.33
CA ASN H 367 25.58 -65.30 -1.50
C ASN H 367 26.35 -64.41 -0.54
N ASN H 379 41.58 -49.73 -0.60
CA ASN H 379 42.38 -48.56 -0.23
C ASN H 379 42.37 -47.52 -1.33
N ASP H 380 42.32 -48.00 -2.56
CA ASP H 380 42.38 -47.12 -3.71
C ASP H 380 41.08 -46.34 -3.85
N SER H 381 41.11 -45.34 -4.74
CA SER H 381 40.01 -44.43 -4.93
C SER H 381 39.52 -44.51 -6.36
N ILE H 382 38.23 -44.27 -6.54
CA ILE H 382 37.61 -44.19 -7.85
C ILE H 382 37.63 -42.74 -8.30
N THR H 383 38.26 -42.50 -9.45
CA THR H 383 38.39 -41.18 -10.05
C THR H 383 37.31 -41.01 -11.12
N LEU H 384 36.58 -39.91 -11.03
CA LEU H 384 35.52 -39.60 -11.99
C LEU H 384 35.95 -38.45 -12.87
N PRO H 385 36.14 -38.68 -14.17
CA PRO H 385 36.60 -37.61 -15.07
C PRO H 385 35.46 -36.64 -15.38
N CYS H 386 35.55 -35.44 -14.82
CA CYS H 386 34.51 -34.44 -14.99
C CYS H 386 34.82 -33.50 -16.15
N ARG H 387 33.90 -32.60 -16.43
CA ARG H 387 34.06 -31.59 -17.47
C ARG H 387 33.22 -30.38 -17.13
N ILE H 388 33.71 -29.21 -17.53
CA ILE H 388 33.17 -27.94 -17.07
C ILE H 388 32.51 -27.23 -18.25
N LYS H 389 31.36 -26.64 -17.99
CA LYS H 389 30.59 -25.88 -18.96
C LYS H 389 30.31 -24.51 -18.39
N GLN H 390 30.42 -23.47 -19.21
CA GLN H 390 30.33 -22.11 -18.69
C GLN H 390 28.93 -21.51 -18.80
N ILE H 391 28.27 -21.64 -19.95
CA ILE H 391 26.87 -21.25 -19.97
C ILE H 391 26.07 -22.34 -19.27
N ILE H 392 24.97 -21.95 -18.65
CA ILE H 392 24.26 -22.85 -17.74
C ILE H 392 22.77 -22.67 -17.93
N ASN H 393 22.05 -23.77 -18.11
CA ASN H 393 20.62 -23.67 -18.34
C ASN H 393 19.89 -24.50 -17.31
N MET H 394 20.23 -24.25 -16.05
CA MET H 394 19.61 -24.93 -14.92
C MET H 394 18.10 -24.68 -14.91
N TRP H 395 17.36 -25.76 -14.60
CA TRP H 395 15.91 -25.94 -14.58
C TRP H 395 15.34 -25.97 -15.99
N GLN H 396 16.19 -25.87 -17.02
CA GLN H 396 15.83 -26.11 -18.42
C GLN H 396 14.73 -25.18 -18.89
N ARG H 397 14.86 -23.91 -18.53
CA ARG H 397 13.91 -22.95 -19.05
C ARG H 397 14.21 -22.63 -20.50
N ILE H 398 13.22 -22.02 -21.15
CA ILE H 398 13.22 -21.90 -22.60
C ILE H 398 14.20 -20.86 -23.09
N GLY H 399 14.15 -19.67 -22.50
CA GLY H 399 14.92 -18.53 -22.99
C GLY H 399 15.94 -17.97 -22.03
N GLN H 400 16.62 -18.84 -21.32
CA GLN H 400 17.66 -18.45 -20.39
C GLN H 400 18.87 -19.32 -20.57
N CYS H 401 20.02 -18.73 -20.28
CA CYS H 401 21.25 -19.45 -19.98
C CYS H 401 22.02 -18.62 -18.99
N MET H 402 23.25 -19.01 -18.68
CA MET H 402 23.94 -18.28 -17.63
C MET H 402 25.45 -18.39 -17.81
N TYR H 403 26.06 -17.34 -18.33
CA TYR H 403 27.51 -17.32 -18.50
C TYR H 403 28.18 -17.19 -17.15
N ALA H 404 28.66 -18.28 -16.62
CA ALA H 404 29.41 -18.21 -15.38
C ALA H 404 30.79 -17.65 -15.65
N PRO H 405 31.27 -16.69 -14.87
CA PRO H 405 32.56 -16.09 -15.15
C PRO H 405 33.66 -17.05 -14.72
N PRO H 406 34.87 -16.90 -15.22
CA PRO H 406 35.97 -17.74 -14.73
C PRO H 406 36.36 -17.32 -13.32
N ILE H 407 37.10 -18.21 -12.66
CA ILE H 407 37.56 -17.94 -11.32
C ILE H 407 39.05 -18.25 -11.21
N GLN H 408 39.73 -17.48 -10.36
CA GLN H 408 41.17 -17.55 -10.25
C GLN H 408 41.62 -18.82 -9.54
N GLY H 409 42.81 -19.29 -9.90
CA GLY H 409 43.48 -20.30 -9.10
C GLY H 409 42.92 -21.70 -9.25
N VAL H 410 43.61 -22.63 -8.58
CA VAL H 410 43.14 -24.01 -8.50
C VAL H 410 41.88 -24.07 -7.66
N ILE H 411 40.89 -24.82 -8.13
CA ILE H 411 39.60 -24.93 -7.47
C ILE H 411 39.46 -26.33 -6.90
N ARG H 412 39.07 -26.43 -5.63
CA ARG H 412 38.98 -27.72 -4.96
C ARG H 412 37.87 -27.67 -3.92
N CYS H 413 37.00 -28.68 -3.88
CA CYS H 413 35.98 -28.76 -2.84
C CYS H 413 35.84 -30.20 -2.35
N VAL H 414 35.22 -30.32 -1.18
CA VAL H 414 34.99 -31.60 -0.51
C VAL H 414 33.54 -31.64 -0.06
N SER H 415 32.80 -32.66 -0.49
CA SER H 415 31.38 -32.72 -0.17
C SER H 415 30.98 -34.12 0.27
N ASN H 416 29.83 -34.23 0.94
CA ASN H 416 29.31 -35.53 1.34
C ASN H 416 28.17 -35.96 0.42
N ILE H 417 28.40 -37.04 -0.32
CA ILE H 417 27.32 -37.73 -0.98
C ILE H 417 26.46 -38.34 0.11
N THR H 418 25.19 -37.95 0.15
CA THR H 418 24.25 -38.39 1.17
C THR H 418 23.20 -39.35 0.65
N GLY H 419 22.64 -39.11 -0.54
CA GLY H 419 21.59 -39.95 -1.06
C GLY H 419 21.70 -40.12 -2.56
N LEU H 420 21.19 -41.23 -3.05
CA LEU H 420 21.10 -41.47 -4.48
C LEU H 420 19.69 -41.23 -5.00
N ILE H 421 19.56 -41.11 -6.31
CA ILE H 421 18.26 -41.11 -6.98
C ILE H 421 18.34 -42.21 -8.02
N LEU H 422 17.92 -43.42 -7.66
CA LEU H 422 17.98 -44.49 -8.62
C LEU H 422 16.72 -44.56 -9.47
N THR H 423 16.72 -45.51 -10.40
CA THR H 423 15.60 -45.78 -11.28
C THR H 423 15.81 -47.19 -11.81
N ARG H 424 14.79 -48.03 -11.64
CA ARG H 424 14.88 -49.42 -12.09
C ARG H 424 14.77 -49.42 -13.62
N ASP H 425 14.89 -50.59 -14.23
CA ASP H 425 14.90 -50.77 -15.67
C ASP H 425 13.67 -51.61 -15.97
N GLY H 426 12.80 -51.07 -16.80
CA GLY H 426 11.46 -51.59 -16.90
C GLY H 426 11.28 -52.89 -17.67
N GLY H 427 11.66 -53.98 -17.00
CA GLY H 427 11.52 -55.29 -17.60
C GLY H 427 10.06 -55.69 -17.71
N SER H 428 9.80 -56.68 -18.55
CA SER H 428 8.47 -57.26 -18.66
C SER H 428 8.53 -58.76 -18.79
N THR H 429 9.59 -59.37 -18.28
CA THR H 429 9.82 -60.79 -18.39
C THR H 429 10.00 -61.36 -16.99
N ASN H 430 10.05 -62.69 -16.94
CA ASN H 430 10.17 -63.41 -15.67
C ASN H 430 11.63 -63.63 -15.28
N SER H 431 12.38 -62.53 -15.30
CA SER H 431 13.79 -62.57 -14.95
C SER H 431 13.97 -62.36 -13.46
N THR H 432 15.21 -62.47 -13.01
CA THR H 432 15.59 -62.21 -11.64
C THR H 432 16.37 -60.93 -11.49
N THR H 433 17.20 -60.60 -12.48
CA THR H 433 18.04 -59.43 -12.35
C THR H 433 17.20 -58.16 -12.45
N GLU H 434 17.73 -57.09 -11.88
CA GLU H 434 17.09 -55.78 -11.91
C GLU H 434 18.18 -54.73 -12.14
N THR H 435 18.40 -54.36 -13.40
CA THR H 435 19.57 -53.54 -13.71
C THR H 435 19.19 -52.12 -13.32
N PHE H 436 19.58 -51.70 -12.14
CA PHE H 436 19.28 -50.34 -11.72
C PHE H 436 20.16 -49.33 -12.43
N ARG H 437 19.60 -48.14 -12.63
CA ARG H 437 20.24 -47.11 -13.40
C ARG H 437 20.01 -45.78 -12.69
N PRO H 438 21.04 -44.94 -12.63
CA PRO H 438 20.89 -43.64 -12.00
C PRO H 438 20.22 -42.65 -12.94
N GLY H 439 19.56 -41.67 -12.34
CA GLY H 439 18.94 -40.64 -13.14
C GLY H 439 18.43 -39.49 -12.29
N GLY H 440 18.82 -38.27 -12.64
CA GLY H 440 18.47 -37.13 -11.81
C GLY H 440 17.04 -36.67 -12.05
N GLY H 441 16.81 -36.18 -13.26
CA GLY H 441 15.49 -35.72 -13.64
C GLY H 441 15.10 -34.46 -12.90
N ASP H 442 13.92 -34.47 -12.30
CA ASP H 442 13.41 -33.27 -11.65
C ASP H 442 14.18 -32.96 -10.38
N MET H 443 14.48 -31.68 -10.18
CA MET H 443 15.24 -31.28 -9.01
C MET H 443 14.39 -31.24 -7.75
N ARG H 444 13.06 -31.39 -7.90
CA ARG H 444 12.19 -31.33 -6.74
C ARG H 444 12.40 -32.53 -5.85
N ASP H 445 12.81 -33.64 -6.43
CA ASP H 445 12.97 -34.85 -5.66
C ASP H 445 14.16 -34.72 -4.72
N ASN H 446 15.05 -33.77 -5.00
CA ASN H 446 16.11 -33.46 -4.05
C ASN H 446 15.48 -32.87 -2.80
N TRP H 447 14.55 -31.96 -3.00
CA TRP H 447 13.95 -31.32 -1.87
C TRP H 447 12.89 -32.22 -1.28
N ARG H 448 12.54 -33.30 -1.99
CA ARG H 448 11.70 -34.31 -1.36
C ARG H 448 12.51 -35.19 -0.45
N SER H 449 13.83 -35.07 -0.47
CA SER H 449 14.68 -35.73 0.48
C SER H 449 14.84 -34.91 1.74
N GLU H 450 14.27 -33.71 1.75
CA GLU H 450 14.34 -32.85 2.92
C GLU H 450 12.98 -32.57 3.51
N LEU H 451 11.92 -32.70 2.74
CA LEU H 451 10.60 -32.32 3.19
C LEU H 451 9.66 -33.52 3.17
N TYR H 452 10.19 -34.68 3.49
CA TYR H 452 9.32 -35.83 3.62
C TYR H 452 8.88 -36.05 5.05
N LYS H 453 9.64 -35.49 5.99
CA LYS H 453 9.29 -35.56 7.40
C LYS H 453 8.23 -34.55 7.78
N TYR H 454 8.12 -33.47 7.02
CA TYR H 454 7.35 -32.30 7.40
C TYR H 454 6.07 -32.22 6.59
N LYS H 455 4.94 -32.06 7.27
CA LYS H 455 3.72 -31.62 6.65
C LYS H 455 3.20 -30.37 7.35
N VAL H 456 2.36 -29.60 6.68
CA VAL H 456 1.86 -28.34 7.22
C VAL H 456 0.35 -28.44 7.40
N VAL H 457 -0.11 -28.24 8.62
CA VAL H 457 -1.52 -28.31 8.92
C VAL H 457 -2.06 -26.94 9.28
N LYS H 458 -3.38 -26.82 9.20
CA LYS H 458 -4.11 -25.60 9.51
C LYS H 458 -4.93 -25.84 10.77
N ILE H 459 -4.61 -25.09 11.81
CA ILE H 459 -5.34 -25.15 13.08
C ILE H 459 -6.75 -24.62 12.89
N GLU H 460 -7.75 -25.44 13.22
CA GLU H 460 -9.16 -25.09 13.04
C GLU H 460 -9.87 -25.22 14.37
N PRO H 461 -9.82 -24.19 15.21
CA PRO H 461 -10.50 -24.21 16.51
C PRO H 461 -12.02 -24.09 16.39
N LEU H 462 -12.66 -23.82 17.52
CA LEU H 462 -14.11 -23.71 17.66
C LEU H 462 -14.79 -25.04 17.41
N GLY H 463 -14.53 -26.02 18.26
CA GLY H 463 -15.27 -27.25 18.21
C GLY H 463 -16.57 -27.10 18.98
N VAL H 464 -17.27 -28.21 19.11
CA VAL H 464 -18.60 -28.16 19.70
C VAL H 464 -19.00 -29.49 20.33
N ALA H 465 -19.54 -29.44 21.55
CA ALA H 465 -19.88 -30.67 22.21
C ALA H 465 -21.11 -30.47 23.09
N PRO H 466 -21.97 -31.48 23.20
CA PRO H 466 -23.15 -31.35 24.05
C PRO H 466 -22.82 -31.70 25.49
N THR H 467 -23.35 -30.89 26.39
CA THR H 467 -23.29 -31.19 27.81
C THR H 467 -24.51 -30.58 28.47
N ARG H 468 -24.64 -30.80 29.77
CA ARG H 468 -25.86 -30.50 30.48
C ARG H 468 -25.71 -29.16 31.18
N CYS H 469 -25.82 -28.11 30.39
CA CYS H 469 -25.91 -26.76 30.90
C CYS H 469 -26.61 -25.94 29.84
N LYS H 470 -27.36 -24.94 30.29
CA LYS H 470 -28.14 -24.13 29.37
C LYS H 470 -27.91 -22.66 29.66
N ARG H 471 -27.87 -21.86 28.60
CA ARG H 471 -27.62 -20.44 28.73
C ARG H 471 -28.81 -19.79 29.40
N ARG H 472 -28.61 -19.41 30.66
CA ARG H 472 -29.65 -18.88 31.53
C ARG H 472 -30.02 -17.46 31.13
N VAL H 473 -31.29 -17.12 31.38
CA VAL H 473 -31.80 -15.79 31.10
C VAL H 473 -32.12 -15.08 32.40
C1 NAG I . 2.23 19.51 36.74
C2 NAG I . 0.96 18.66 36.96
C3 NAG I . -0.21 19.53 37.45
C4 NAG I . 0.20 20.35 38.68
C5 NAG I . 1.42 21.19 38.33
C6 NAG I . 1.94 21.96 39.51
C7 NAG I . 0.16 18.39 34.61
C8 NAG I . -0.20 17.37 33.56
N2 NAG I . 0.56 17.89 35.79
O3 NAG I . -1.33 18.70 37.72
O4 NAG I . -0.84 21.25 39.07
O5 NAG I . 2.48 20.33 37.89
O6 NAG I . 2.64 21.11 40.41
O7 NAG I . 0.11 19.59 34.37
C1 NAG I . -1.67 20.73 40.13
C2 NAG I . -1.61 21.56 41.41
C3 NAG I . -2.63 21.05 42.43
C4 NAG I . -4.02 20.98 41.82
C5 NAG I . -3.98 20.15 40.55
C6 NAG I . -5.30 20.13 39.81
C7 NAG I . 0.20 22.51 42.78
C8 NAG I . 1.60 22.32 43.28
N2 NAG I . -0.27 21.54 41.98
O3 NAG I . -2.65 21.90 43.57
O4 NAG I . -4.92 20.38 42.75
O5 NAG I . -3.01 20.70 39.64
O6 NAG I . -5.31 21.10 38.76
O7 NAG I . -0.47 23.48 43.08
C1 NAG J . 30.53 25.26 -32.93
C2 NAG J . 29.95 26.68 -33.11
C3 NAG J . 28.90 26.69 -34.23
C4 NAG J . 29.43 26.05 -35.50
C5 NAG J . 30.00 24.66 -35.20
C6 NAG J . 30.64 24.00 -36.38
C7 NAG J . 28.96 28.39 -31.61
C8 NAG J . 28.39 28.63 -30.26
N2 NAG J . 29.36 27.13 -31.86
O3 NAG J . 28.49 28.02 -34.53
O4 NAG J . 28.32 25.90 -36.38
O5 NAG J . 31.01 24.76 -34.19
O6 NAG J . 31.39 24.93 -37.15
O7 NAG J . 29.05 29.27 -32.45
C1 NAG J . 28.56 26.64 -37.58
C2 NAG J . 27.21 26.86 -38.24
C3 NAG J . 27.35 27.63 -39.54
C4 NAG J . 28.14 28.91 -39.32
C5 NAG J . 29.43 28.65 -38.55
C6 NAG J . 30.14 29.92 -38.13
C7 NAG J . 26.90 24.54 -39.15
C8 NAG J . 25.98 23.37 -39.18
N2 NAG J . 26.49 25.60 -38.43
O3 NAG J . 26.05 27.92 -40.04
O4 NAG J . 28.53 29.45 -40.59
O5 NAG J . 29.18 27.91 -37.34
O6 NAG J . 30.41 29.89 -36.74
O7 NAG J . 27.97 24.54 -39.77
C1 BMA J . 27.67 30.51 -41.02
C2 BMA J . 28.53 31.66 -41.59
C3 BMA J . 27.66 32.68 -42.33
C4 BMA J . 26.70 32.01 -43.31
C5 BMA J . 25.86 30.97 -42.55
C6 BMA J . 24.90 30.22 -43.46
O2 BMA J . 29.45 31.15 -42.55
O3 BMA J . 28.45 33.65 -43.02
O4 BMA J . 25.83 32.98 -43.86
O5 BMA J . 26.75 30.00 -41.99
O6 BMA J . 25.63 29.19 -44.12
C1 NAG K . 31.68 11.35 -38.71
C2 NAG K . 33.12 11.58 -38.27
C3 NAG K . 33.99 11.95 -39.46
C4 NAG K . 33.85 10.92 -40.57
C5 NAG K . 32.37 10.73 -40.91
C6 NAG K . 32.13 9.64 -41.92
C7 NAG K . 32.82 13.85 -37.27
C8 NAG K . 33.02 14.65 -36.03
N2 NAG K . 33.21 12.57 -37.20
O3 NAG K . 35.35 12.01 -39.04
O4 NAG K . 34.56 11.35 -41.73
O5 NAG K . 31.64 10.36 -39.73
O6 NAG K . 32.96 8.51 -41.68
O7 NAG K . 32.32 14.34 -38.28
C1 NAG K . 35.68 10.46 -41.97
C2 NAG K . 36.28 10.78 -43.35
C3 NAG K . 37.51 9.93 -43.60
C4 NAG K . 38.50 10.04 -42.44
C5 NAG K . 37.79 9.74 -41.13
C6 NAG K . 38.68 9.95 -39.92
C7 NAG K . 34.42 11.54 -44.76
C8 NAG K . 33.49 11.18 -45.88
N2 NAG K . 35.31 10.60 -44.41
O3 NAG K . 38.14 10.33 -44.81
O4 NAG K . 39.57 9.13 -42.63
O5 NAG K . 36.67 10.61 -40.96
O6 NAG K . 38.09 10.86 -39.01
O7 NAG K . 34.38 12.63 -44.20
C1 NAG L . 37.35 6.25 -16.24
C2 NAG L . 38.30 5.97 -15.09
C3 NAG L . 38.68 7.29 -14.39
C4 NAG L . 39.11 8.35 -15.38
C5 NAG L . 38.11 8.44 -16.55
C6 NAG L . 38.55 9.37 -17.64
C7 NAG L . 36.64 5.16 -13.41
C8 NAG L . 36.31 4.02 -12.50
N2 NAG L . 37.76 5.01 -14.13
O3 NAG L . 39.73 7.03 -13.45
O4 NAG L . 39.23 9.61 -14.74
O5 NAG L . 37.93 7.15 -17.13
O6 NAG L . 37.44 9.77 -18.43
O7 NAG L . 35.91 6.15 -13.49
C1 NAG L . 40.61 10.00 -14.51
C2 NAG L . 40.78 10.28 -13.03
C3 NAG L . 42.21 10.72 -12.73
C4 NAG L . 43.22 9.73 -13.31
C5 NAG L . 42.90 9.36 -14.76
C6 NAG L . 43.73 8.20 -15.26
C7 NAG L . 38.61 10.99 -12.11
C8 NAG L . 37.77 12.17 -11.71
N2 NAG L . 39.83 11.29 -12.58
O3 NAG L . 42.39 10.84 -11.33
O4 NAG L . 44.53 10.29 -13.25
O5 NAG L . 41.52 8.96 -14.90
O6 NAG L . 45.11 8.51 -15.24
O7 NAG L . 38.21 9.84 -12.04
C1 NAG M . 23.25 19.44 25.12
C2 NAG M . 24.70 19.08 25.34
C3 NAG M . 24.82 18.10 26.49
C4 NAG M . 24.15 18.67 27.74
C5 NAG M . 22.73 19.16 27.43
C6 NAG M . 22.12 19.93 28.58
C7 NAG M . 26.03 19.26 23.29
C8 NAG M . 26.57 18.54 22.10
N2 NAG M . 25.30 18.53 24.13
O3 NAG M . 26.20 17.85 26.74
O4 NAG M . 24.06 17.68 28.75
O5 NAG M . 22.73 20.04 26.30
O6 NAG M . 23.11 20.65 29.29
O7 NAG M . 26.22 20.46 23.47
C1 NAG M . 25.06 17.88 29.76
C2 NAG M . 25.93 16.60 29.80
C3 NAG M . 27.07 16.75 30.80
C4 NAG M . 27.86 18.03 30.53
C5 NAG M . 26.92 19.23 30.49
C6 NAG M . 27.62 20.51 30.11
C7 NAG M . 24.42 15.15 31.17
C8 NAG M . 23.70 13.83 31.18
N2 NAG M . 25.14 15.41 30.06
O3 NAG M . 27.93 15.63 30.71
O4 NAG M . 28.83 18.22 31.56
O5 NAG M . 25.90 19.01 29.51
O6 NAG M . 29.03 20.35 30.16
O7 NAG M . 24.35 15.93 32.11
C1 NAG N . 14.39 29.17 -2.07
C2 NAG N . 14.73 28.45 -3.38
C3 NAG N . 14.55 29.40 -4.56
C4 NAG N . 13.15 29.99 -4.56
C5 NAG N . 12.86 30.65 -3.21
C6 NAG N . 11.45 31.14 -3.08
C7 NAG N . 16.35 26.65 -3.65
C8 NAG N . 17.80 26.26 -3.56
N2 NAG N . 16.08 27.92 -3.35
O3 NAG N . 14.78 28.68 -5.77
O4 NAG N . 13.10 30.98 -5.58
O5 NAG N . 13.07 29.71 -2.15
O6 NAG N . 11.25 32.35 -3.79
O7 NAG N . 15.49 25.85 -3.97
C1 NAG N . 12.08 30.71 -6.57
C2 NAG N . 12.23 31.77 -7.67
C3 NAG N . 11.21 31.54 -8.80
C4 NAG N . 11.27 30.11 -9.29
C5 NAG N . 11.14 29.14 -8.13
C6 NAG N . 11.30 27.70 -8.55
C7 NAG N . 11.10 33.68 -6.54
C8 NAG N . 11.28 35.10 -6.10
N2 NAG N . 12.16 33.13 -7.16
O3 NAG N . 11.50 32.46 -9.85
O4 NAG N . 10.16 29.85 -10.15
O5 NAG N . 12.17 29.39 -7.16
O6 NAG N . 12.15 27.59 -9.68
O7 NAG N . 10.05 33.07 -6.33
C1 BMA N . 10.44 30.02 -11.55
C2 BMA N . 9.63 28.97 -12.35
C3 BMA N . 9.67 29.33 -13.84
C4 BMA N . 9.24 30.78 -14.07
C5 BMA N . 10.19 31.69 -13.29
C6 BMA N . 9.83 33.14 -13.43
O2 BMA N . 8.28 29.00 -11.96
O3 BMA N . 8.86 28.47 -14.63
O4 BMA N . 9.30 31.09 -15.45
O5 BMA N . 10.10 31.35 -11.91
O6 BMA N . 8.58 33.34 -12.79
C1 MAN N . 9.75 27.60 -15.37
C2 MAN N . 9.90 28.15 -16.82
C3 MAN N . 8.68 27.81 -17.67
C4 MAN N . 8.37 26.33 -17.57
C5 MAN N . 8.09 25.98 -16.12
C6 MAN N . 7.77 24.53 -15.93
O2 MAN N . 10.98 27.51 -17.50
O3 MAN N . 8.87 28.18 -19.02
O4 MAN N . 7.24 26.03 -18.36
O5 MAN N . 9.27 26.25 -15.34
O6 MAN N . 8.97 23.80 -16.22
C1 NAG O . 19.02 40.44 -4.20
C2 NAG O . 19.37 41.50 -3.15
C3 NAG O . 18.11 42.22 -2.68
C4 NAG O . 17.32 42.77 -3.85
C5 NAG O . 17.03 41.65 -4.84
C6 NAG O . 16.35 42.12 -6.10
C7 NAG O . 21.40 40.69 -2.03
C8 NAG O . 21.97 40.09 -0.79
N2 NAG O . 20.08 40.91 -2.03
O3 NAG O . 18.49 43.27 -1.79
O4 NAG O . 16.07 43.28 -3.41
O5 NAG O . 18.26 41.03 -5.26
O6 NAG O . 17.19 41.94 -7.23
O7 NAG O . 22.10 40.97 -3.00
C1 NAG O . 16.06 44.72 -3.37
C2 NAG O . 14.61 45.19 -3.49
C3 NAG O . 14.55 46.71 -3.36
C4 NAG O . 15.25 47.19 -2.10
C5 NAG O . 16.65 46.60 -2.00
C6 NAG O . 17.32 46.87 -0.68
C7 NAG O . 13.40 43.58 -4.89
C8 NAG O . 12.85 43.30 -6.25
N2 NAG O . 14.03 44.75 -4.74
O3 NAG O . 13.18 47.12 -3.34
O4 NAG O . 15.34 48.61 -2.11
O5 NAG O . 16.61 45.17 -2.14
O6 NAG O . 16.52 46.40 0.40
O7 NAG O . 13.29 42.79 -3.96
C1 NAG P . 17.50 35.50 -25.11
C2 NAG P . 17.01 36.93 -24.97
C3 NAG P . 15.56 37.04 -25.43
C4 NAG P . 15.38 36.44 -26.83
C5 NAG P . 16.03 35.05 -26.93
C6 NAG P . 16.08 34.53 -28.34
C7 NAG P . 17.96 38.38 -23.24
C8 NAG P . 17.97 38.73 -21.79
N2 NAG P . 17.15 37.39 -23.60
O3 NAG P . 15.19 38.42 -25.45
O4 NAG P . 13.99 36.33 -27.12
O5 NAG P . 17.37 35.09 -26.45
O6 NAG P . 16.25 35.58 -29.28
O7 NAG P . 18.65 38.98 -24.07
C1 NAG P . 13.64 37.24 -28.17
C2 NAG P . 12.29 36.81 -28.75
C3 NAG P . 11.82 37.80 -29.81
C4 NAG P . 11.84 39.22 -29.26
C5 NAG P . 13.20 39.54 -28.67
C6 NAG P . 13.26 40.88 -28.00
C7 NAG P . 12.07 34.38 -28.58
C8 NAG P . 12.20 33.07 -29.30
N2 NAG P . 12.36 35.47 -29.30
O3 NAG P . 10.51 37.45 -30.24
O4 NAG P . 11.53 40.14 -30.31
O5 NAG P . 13.55 38.57 -27.68
O6 NAG P . 14.18 40.88 -26.91
O7 NAG P . 11.73 34.44 -27.40
C1 NAG Q . 26.26 40.99 -7.33
C2 NAG Q . 25.22 41.28 -8.39
C3 NAG Q . 25.89 41.80 -9.65
C4 NAG Q . 26.77 43.00 -9.32
C5 NAG Q . 27.75 42.65 -8.20
C6 NAG Q . 28.55 43.83 -7.72
C7 NAG Q . 23.11 40.17 -8.88
C8 NAG Q . 22.43 38.88 -9.18
N2 NAG Q . 24.42 40.10 -8.68
O3 NAG Q . 24.88 42.16 -10.59
O4 NAG Q . 27.52 43.39 -10.48
O5 NAG Q . 27.02 42.16 -7.06
O6 NAG Q . 27.85 45.05 -7.95
O7 NAG Q . 22.49 41.23 -8.82
C1 NAG Q . 26.95 44.54 -11.10
C2 NAG Q . 28.02 45.25 -11.91
C3 NAG Q . 27.42 46.44 -12.66
C4 NAG Q . 26.24 45.98 -13.51
C5 NAG Q . 25.23 45.22 -12.65
C6 NAG Q . 24.12 44.60 -13.45
C7 NAG Q . 30.12 44.92 -10.68
C8 NAG Q . 31.15 45.53 -9.79
N2 NAG Q . 29.10 45.70 -11.05
O3 NAG Q . 28.41 47.02 -13.49
O4 NAG Q . 25.60 47.11 -14.11
O5 NAG Q . 25.89 44.14 -11.97
O6 NAG Q . 23.94 43.23 -13.12
O7 NAG Q . 30.20 43.75 -11.06
C1 NAG R . 41.58 27.45 -0.28
C2 NAG R . 41.54 27.10 -1.78
C3 NAG R . 42.95 26.98 -2.35
C4 NAG R . 43.77 28.23 -2.03
C5 NAG R . 43.74 28.48 -0.53
C6 NAG R . 44.43 29.76 -0.14
C7 NAG R . 40.08 25.64 -3.10
C8 NAG R . 39.39 24.31 -3.16
N2 NAG R . 40.80 25.86 -2.00
O3 NAG R . 42.87 26.81 -3.76
O4 NAG R . 45.12 27.98 -2.36
O5 NAG R . 42.38 28.61 -0.08
O6 NAG R . 44.97 29.67 1.18
O7 NAG R . 40.02 26.45 -4.01
C1 NAG R . 45.53 28.68 -3.54
C2 NAG R . 47.02 28.83 -3.45
C3 NAG R . 47.54 29.50 -4.72
C4 NAG R . 47.12 28.70 -5.94
C5 NAG R . 45.60 28.49 -5.92
C6 NAG R . 45.11 27.55 -7.00
C7 NAG R . 47.70 29.04 -1.11
C8 NAG R . 48.09 29.97 0.00
N2 NAG R . 47.40 29.60 -2.29
O3 NAG R . 48.97 29.57 -4.65
O4 NAG R . 47.51 29.35 -7.15
O5 NAG R . 45.20 27.90 -4.66
O6 NAG R . 43.69 27.49 -7.00
O7 NAG R . 47.64 27.82 -0.95
C1 BMA R . 48.61 28.65 -7.77
C2 BMA R . 49.42 29.71 -8.53
C3 BMA R . 50.65 29.08 -9.18
C4 BMA R . 51.47 28.29 -8.15
C5 BMA R . 50.57 27.26 -7.46
C6 BMA R . 51.29 26.49 -6.38
O2 BMA R . 49.91 30.67 -7.63
O3 BMA R . 51.48 30.08 -9.78
O4 BMA R . 52.55 27.63 -8.79
O5 BMA R . 49.44 27.95 -6.86
O6 BMA R . 50.37 25.62 -5.75
C1 NAG S . 38.24 29.95 -5.06
C2 NAG S . 39.24 29.12 -5.87
C3 NAG S . 40.67 29.36 -5.36
C4 NAG S . 40.99 30.84 -5.37
C5 NAG S . 39.95 31.56 -4.52
C6 NAG S . 40.10 33.06 -4.50
C7 NAG S . 38.04 27.12 -6.62
C8 NAG S . 37.82 25.65 -6.41
N2 NAG S . 38.91 27.70 -5.79
O3 NAG S . 41.58 28.66 -6.19
O4 NAG S . 42.31 31.05 -4.88
O5 NAG S . 38.64 31.32 -5.06
O6 NAG S . 40.32 33.57 -5.81
O7 NAG S . 37.46 27.75 -7.50
C1 NAG S . 43.07 31.74 -5.90
C2 NAG S . 44.24 32.42 -5.20
C3 NAG S . 45.07 33.20 -6.20
C4 NAG S . 45.49 32.30 -7.36
C5 NAG S . 44.28 31.59 -7.95
C6 NAG S . 44.62 30.60 -9.04
C7 NAG S . 44.23 33.30 -2.90
C8 NAG S . 45.34 32.31 -2.61
N2 NAG S . 43.75 33.30 -4.15
O3 NAG S . 46.20 33.74 -5.54
O4 NAG S . 46.10 33.08 -8.38
O5 NAG S . 43.57 30.87 -6.93
O6 NAG S . 45.96 30.14 -8.92
O7 NAG S . 43.81 34.06 -2.03
C1 BMA S . 47.54 32.97 -8.35
C2 BMA S . 48.08 33.10 -9.81
C3 BMA S . 49.62 33.19 -9.81
C4 BMA S . 50.14 34.23 -8.78
C5 BMA S . 49.55 33.92 -7.40
C6 BMA S . 49.99 34.91 -6.32
O2 BMA S . 47.60 34.29 -10.42
O3 BMA S . 50.12 33.51 -11.10
O4 BMA S . 51.55 34.17 -8.71
O5 BMA S . 48.10 33.97 -7.49
O6 BMA S . 49.82 36.22 -6.82
C1 NAG T . 41.54 36.29 2.83
C2 NAG T . 41.46 36.98 1.49
C3 NAG T . 42.75 37.70 1.19
C4 NAG T . 43.14 38.63 2.33
C5 NAG T . 43.08 37.91 3.68
C6 NAG T . 43.23 38.83 4.86
C7 NAG T . 40.09 36.20 -0.38
C8 NAG T . 39.89 35.13 -1.41
N2 NAG T . 41.13 36.03 0.44
O3 NAG T . 42.61 38.44 -0.02
O4 NAG T . 44.45 39.11 2.11
O5 NAG T . 41.81 37.24 3.84
O6 NAG T . 41.96 39.20 5.39
O7 NAG T . 39.34 37.16 -0.29
C1 NAG T . 44.43 40.52 1.81
C2 NAG T . 45.84 40.96 1.36
C3 NAG T . 45.88 42.40 0.86
C4 NAG T . 44.76 42.67 -0.15
C5 NAG T . 43.42 42.24 0.44
C6 NAG T . 42.28 42.40 -0.54
C7 NAG T . 47.53 39.64 2.57
C8 NAG T . 48.49 39.60 3.72
N2 NAG T . 46.81 40.76 2.43
O3 NAG T . 47.15 42.65 0.29
O4 NAG T . 44.66 44.07 -0.41
O5 NAG T . 43.46 40.85 0.78
O6 NAG T . 42.15 41.25 -1.36
O7 NAG T . 47.41 38.69 1.79
C1 BMA T . 45.39 44.57 -1.57
C2 BMA T . 45.28 43.63 -2.80
C3 BMA T . 46.03 44.27 -3.96
C4 BMA T . 45.52 45.70 -4.24
C5 BMA T . 45.60 46.55 -2.95
C6 BMA T . 44.99 47.92 -3.12
O2 BMA T . 43.94 43.50 -3.22
O3 BMA T . 45.94 43.49 -5.14
O4 BMA T . 46.29 46.31 -5.25
O5 BMA T . 44.88 45.87 -1.90
O6 BMA T . 43.58 47.77 -3.24
C1 NAG U . 13.34 34.18 3.61
C2 NAG U . 12.13 33.28 3.73
C3 NAG U . 10.85 34.11 3.77
C4 NAG U . 10.93 35.15 4.87
C5 NAG U . 12.21 35.98 4.72
C6 NAG U . 12.44 36.92 5.87
C7 NAG U . 12.03 32.47 1.37
C8 NAG U . 12.00 31.25 0.52
N2 NAG U . 12.09 32.26 2.70
O3 NAG U . 9.74 33.24 3.99
O4 NAG U . 9.79 36.00 4.80
O5 NAG U . 13.35 35.11 4.68
O6 NAG U . 12.10 36.31 7.10
O7 NAG U . 11.99 33.61 0.87
C1 NAG U . 9.00 35.78 5.99
C2 NAG U . 8.24 37.07 6.31
C3 NAG U . 7.34 36.87 7.53
C4 NAG U . 6.44 35.66 7.34
C5 NAG U . 7.26 34.43 6.97
C6 NAG U . 6.40 33.23 6.62
C7 NAG U . 9.59 38.95 5.50
C8 NAG U . 10.52 40.06 5.89
N2 NAG U . 9.14 38.19 6.51
O3 NAG U . 6.56 38.03 7.74
O4 NAG U . 5.72 35.41 8.54
O5 NAG U . 8.08 34.70 5.82
O6 NAG U . 5.12 33.64 6.19
O7 NAG U . 9.27 38.75 4.33
C1 NAG V . -43.85 -2.18 -0.29
C2 NAG V . -43.55 -2.67 1.14
C3 NAG V . -44.35 -3.93 1.49
C4 NAG V . -45.84 -3.70 1.24
C5 NAG V . -46.05 -3.28 -0.20
C6 NAG V . -47.49 -2.94 -0.51
C7 NAG V . -41.36 -3.86 0.80
C8 NAG V . -39.92 -3.86 1.22
N2 NAG V . -42.12 -2.90 1.37
O3 NAG V . -44.10 -4.28 2.84
O4 NAG V . -46.58 -4.90 1.47
O5 NAG V . -45.28 -2.10 -0.48
O6 NAG V . -48.11 -2.34 0.61
O7 NAG V . -41.78 -4.62 -0.06
C1 NAG V . -47.23 -4.84 2.75
C2 NAG V . -48.69 -5.29 2.64
C3 NAG V . -49.33 -5.36 4.02
C4 NAG V . -48.50 -6.22 4.97
C5 NAG V . -47.07 -5.70 5.00
C6 NAG V . -46.15 -6.59 5.81
C7 NAG V . -50.39 -4.85 0.93
C8 NAG V . -51.08 -3.80 0.11
N2 NAG V . -49.45 -4.41 1.76
O3 NAG V . -50.65 -5.91 3.90
O4 NAG V . -49.05 -6.16 6.27
O5 NAG V . -46.54 -5.68 3.67
O6 NAG V . -45.53 -7.56 4.99
O7 NAG V . -50.67 -6.03 0.84
C1 NAG W . 8.81 -8.63 -53.74
C2 NAG W . 8.14 -9.87 -54.32
C3 NAG W . 9.06 -11.09 -54.23
C4 NAG W . 10.42 -10.79 -54.81
C5 NAG W . 11.00 -9.53 -54.18
C6 NAG W . 12.30 -9.08 -54.79
C7 NAG W . 5.90 -10.88 -54.11
C8 NAG W . 4.70 -11.03 -53.23
N2 NAG W . 6.89 -10.12 -53.61
O3 NAG W . 8.48 -12.19 -54.92
O4 NAG W . 11.25 -11.89 -54.45
O5 NAG W . 10.08 -8.44 -54.36
O6 NAG W . 12.30 -9.26 -56.20
O7 NAG W . 5.98 -11.40 -55.20
C1 NAG W . 11.82 -12.49 -55.62
C2 NAG W . 12.14 -13.94 -55.30
C3 NAG W . 12.76 -14.64 -56.51
C4 NAG W . 11.88 -14.46 -57.75
C5 NAG W . 11.50 -12.99 -57.95
C6 NAG W . 10.48 -12.79 -59.03
C7 NAG W . 14.22 -13.58 -53.96
C8 NAG W . 14.86 -13.86 -52.63
N2 NAG W . 12.98 -14.08 -54.12
O3 NAG W . 12.91 -16.02 -56.21
O4 NAG W . 12.64 -14.84 -58.89
O5 NAG W . 10.94 -12.43 -56.75
O6 NAG W . 9.28 -12.25 -58.48
O7 NAG W . 14.79 -12.94 -54.84
C1 BMA W . 12.22 -16.12 -59.39
C2 BMA W . 12.57 -16.17 -60.89
C3 BMA W . 12.39 -17.59 -61.44
C4 BMA W . 13.08 -18.64 -60.55
C5 BMA W . 12.56 -18.50 -59.11
C6 BMA W . 13.22 -19.48 -58.15
O2 BMA W . 13.92 -15.81 -61.10
O3 BMA W . 12.88 -17.69 -62.78
O4 BMA W . 12.80 -19.94 -61.02
O5 BMA W . 12.85 -17.17 -58.65
O6 BMA W . 14.41 -18.87 -57.66
C1 NAG X . 21.57 -3.22 -48.24
C2 NAG X . 21.27 -1.87 -48.86
C3 NAG X . 21.87 -1.77 -50.25
C4 NAG X . 23.35 -2.09 -50.21
C5 NAG X . 23.59 -3.43 -49.51
C6 NAG X . 25.05 -3.74 -49.29
C7 NAG X . 18.87 -2.26 -49.47
C8 NAG X . 17.49 -1.73 -49.32
N2 NAG X . 19.84 -1.56 -48.86
O3 NAG X . 21.66 -0.47 -50.78
O4 NAG X . 23.87 -2.18 -51.53
O5 NAG X . 22.97 -3.42 -48.20
O6 NAG X . 25.77 -2.55 -48.99
O7 NAG X . 19.10 -3.29 -50.12
C1 NAG X . 24.74 -1.05 -51.80
C2 NAG X . 25.34 -1.21 -53.20
C3 NAG X . 26.17 0.02 -53.55
C4 NAG X . 25.39 1.30 -53.35
C5 NAG X . 24.81 1.34 -51.94
C6 NAG X . 23.91 2.53 -51.70
C7 NAG X . 25.60 -3.61 -53.59
C8 NAG X . 26.56 -4.76 -53.66
N2 NAG X . 26.13 -2.42 -53.30
O3 NAG X . 26.60 -0.09 -54.91
O4 NAG X . 26.23 2.43 -53.55
O5 NAG X . 24.02 0.17 -51.70
O6 NAG X . 22.59 2.10 -51.36
O7 NAG X . 24.39 -3.76 -53.78
C1 NAG Y . 6.71 12.11 -37.92
C2 NAG Y . 5.92 13.41 -37.79
C3 NAG Y . 4.56 13.29 -38.48
C4 NAG Y . 4.70 12.72 -39.89
C5 NAG Y . 5.58 11.47 -39.90
C6 NAG Y . 5.89 10.98 -41.29
C7 NAG Y . 5.14 13.18 -35.43
C8 NAG Y . 5.12 13.86 -34.09
N2 NAG Y . 5.77 13.85 -36.41
O3 NAG Y . 3.95 14.57 -38.53
O4 NAG Y . 3.41 12.39 -40.41
O5 NAG Y . 6.84 11.77 -39.28
O6 NAG Y . 7.26 11.18 -41.61
O7 NAG Y . 4.61 12.08 -35.60
C1 NAG Y . 2.94 13.32 -41.42
C2 NAG Y . 1.71 14.02 -40.86
C3 NAG Y . 1.14 14.98 -41.89
C4 NAG Y . 2.22 15.92 -42.41
C5 NAG Y . 3.50 15.18 -42.80
C6 NAG Y . 4.66 16.10 -43.08
C7 NAG Y . 0.55 12.64 -39.19
C8 NAG Y . -0.54 11.64 -38.94
N2 NAG Y . 0.70 13.05 -40.46
O3 NAG Y . 0.09 15.74 -41.31
O4 NAG Y . 1.73 16.64 -43.53
O5 NAG Y . 3.92 14.29 -41.75
O6 NAG Y . 4.49 16.77 -44.32
O7 NAG Y . 1.27 13.06 -38.28
C1 NAG Z . -34.63 10.40 -18.50
C2 NAG Z . -34.25 11.80 -18.94
C3 NAG Z . -34.38 12.75 -17.77
C4 NAG Z . -35.78 12.68 -17.19
C5 NAG Z . -36.15 11.23 -16.85
C6 NAG Z . -37.59 11.06 -16.43
C7 NAG Z . -32.63 12.31 -20.71
C8 NAG Z . -31.20 12.28 -21.12
N2 NAG Z . -32.91 11.83 -19.49
O3 NAG Z . -34.09 14.07 -18.25
O4 NAG Z . -35.89 13.50 -16.03
O5 NAG Z . -35.97 10.40 -18.01
O6 NAG Z . -38.45 11.90 -17.18
O7 NAG Z . -33.51 12.76 -21.43
C1 NAG Z . -36.74 14.63 -16.32
C2 NAG Z . -35.89 15.90 -16.35
C3 NAG Z . -36.72 17.11 -16.76
C4 NAG Z . -37.47 16.84 -18.06
C5 NAG Z . -38.27 15.54 -17.95
C6 NAG Z . -38.92 15.14 -19.25
C7 NAG Z . -35.75 16.33 -13.90
C8 NAG Z . -34.80 16.55 -12.76
N2 NAG Z . -35.18 16.13 -15.10
O3 NAG Z . -35.88 18.25 -16.91
O4 NAG Z . -38.35 17.92 -18.35
O5 NAG Z . -37.40 14.47 -17.58
O6 NAG Z . -38.41 13.89 -19.71
O7 NAG Z . -36.97 16.35 -13.72
C1 NAG AA . -18.68 -11.75 -32.09
C2 NAG AA . -17.20 -11.79 -32.42
C3 NAG AA . -16.90 -12.91 -33.41
C4 NAG AA . -17.42 -14.24 -32.87
C5 NAG AA . -18.90 -14.11 -32.52
C6 NAG AA . -19.45 -15.34 -31.84
C7 NAG AA . -16.11 -9.62 -32.20
C8 NAG AA . -15.73 -8.34 -32.90
N2 NAG AA . -16.75 -10.51 -32.96
O3 NAG AA . -15.50 -12.97 -33.64
O4 NAG AA . -17.22 -15.26 -33.84
O5 NAG AA . -19.09 -13.02 -31.60
O6 NAG AA . -20.49 -15.92 -32.61
O7 NAG AA . -15.85 -9.82 -31.03
C1 NAG AA . -16.20 -16.11 -33.28
C2 NAG AA . -16.31 -17.51 -33.93
C3 NAG AA . -15.18 -18.42 -33.43
C4 NAG AA . -13.82 -17.75 -33.59
C5 NAG AA . -13.84 -16.37 -32.94
C6 NAG AA . -12.56 -15.60 -33.16
C7 NAG AA . -18.17 -18.46 -32.56
C8 NAG AA . -19.52 -19.09 -32.63
N2 NAG AA . -17.62 -18.12 -33.74
O3 NAG AA . -15.23 -19.65 -34.15
O4 NAG AA . -12.84 -18.52 -32.92
O5 NAG AA . -14.90 -15.58 -33.51
O6 NAG AA . -12.82 -14.38 -33.84
O7 NAG AA . -17.61 -18.27 -31.48
C1 BMA AA . -12.08 -19.31 -33.85
C2 BMA AA . -10.74 -19.60 -33.20
C3 BMA AA . -9.94 -20.55 -34.09
C4 BMA AA . -10.76 -21.80 -34.43
C5 BMA AA . -12.11 -21.40 -35.04
C6 BMA AA . -13.03 -22.58 -35.25
O2 BMA AA . -10.92 -20.27 -31.97
O3 BMA AA . -8.73 -20.93 -33.48
O4 BMA AA . -10.05 -22.61 -35.35
O5 BMA AA . -12.77 -20.50 -34.13
O6 BMA AA . -13.64 -22.88 -34.00
C1 MAN AA . -7.88 -19.78 -33.33
C2 MAN AA . -6.69 -19.94 -34.29
C3 MAN AA . -5.85 -21.14 -33.88
C4 MAN AA . -5.46 -21.06 -32.38
C5 MAN AA . -6.73 -20.88 -31.53
C6 MAN AA . -6.42 -20.67 -30.07
O2 MAN AA . -5.83 -18.82 -34.22
O3 MAN AA . -4.67 -21.24 -34.67
O4 MAN AA . -4.80 -22.24 -32.00
O5 MAN AA . -7.43 -19.71 -31.99
O6 MAN AA . -5.66 -19.47 -29.97
C1 NAG BA . -23.70 -14.09 -43.24
C2 NAG BA . -25.05 -14.26 -43.94
C3 NAG BA . -25.86 -15.37 -43.28
C4 NAG BA . -25.05 -16.65 -43.18
C5 NAG BA . -23.73 -16.38 -42.48
C6 NAG BA . -22.81 -17.57 -42.43
C7 NAG BA . -25.61 -12.05 -44.84
C8 NAG BA . -26.47 -10.82 -44.68
N2 NAG BA . -25.80 -13.02 -43.94
O3 NAG BA . -27.04 -15.60 -44.04
O4 NAG BA . -25.76 -17.58 -42.39
O5 NAG BA . -23.02 -15.34 -43.17
O6 NAG BA . -21.92 -17.57 -43.53
O7 NAG BA . -24.78 -12.14 -45.73
C1 NAG BA . -26.20 -18.69 -43.19
C2 NAG BA . -26.71 -19.75 -42.22
C3 NAG BA . -27.28 -20.94 -43.00
C4 NAG BA . -28.31 -20.48 -44.03
C5 NAG BA . -27.76 -19.34 -44.88
C6 NAG BA . -28.80 -18.70 -45.76
C7 NAG BA . -25.34 -19.56 -40.19
C8 NAG BA . -24.23 -20.16 -39.38
N2 NAG BA . -25.65 -20.20 -41.33
O3 NAG BA . -27.88 -21.86 -42.09
O4 NAG BA . -28.69 -21.56 -44.87
O5 NAG BA . -27.24 -18.29 -44.04
O6 NAG BA . -29.00 -17.33 -45.43
O7 NAG BA . -25.92 -18.54 -39.84
C1 NAG CA . -4.00 -20.92 -48.57
C2 NAG CA . -5.12 -21.94 -48.48
C3 NAG CA . -4.61 -23.25 -47.86
C4 NAG CA . -3.36 -23.73 -48.59
C5 NAG CA . -2.33 -22.62 -48.77
C6 NAG CA . -1.20 -23.00 -49.68
C7 NAG CA . -7.48 -21.87 -47.78
C8 NAG CA . -8.48 -21.22 -46.88
N2 NAG CA . -6.23 -21.41 -47.69
O3 NAG CA . -5.61 -24.24 -47.92
O4 NAG CA . -2.77 -24.80 -47.86
O5 NAG CA . -2.95 -21.45 -49.34
O6 NAG CA . -1.66 -23.74 -50.80
O7 NAG CA . -7.78 -22.78 -48.55
C1 NAG CA . -2.88 -26.00 -48.67
C2 NAG CA . -1.72 -26.94 -48.35
C3 NAG CA . -1.85 -28.23 -49.14
C4 NAG CA . -3.22 -28.85 -48.92
C5 NAG CA . -4.32 -27.83 -49.20
C6 NAG CA . -5.70 -28.34 -48.87
C7 NAG CA . 0.20 -25.55 -47.72
C8 NAG CA . 1.52 -24.98 -48.16
N2 NAG CA . -0.43 -26.30 -48.62
O3 NAG CA . -0.83 -29.14 -48.74
O4 NAG CA . -3.39 -29.98 -49.78
O5 NAG CA . -4.12 -26.66 -48.41
O6 NAG CA . -6.40 -27.40 -48.06
O7 NAG CA . -0.25 -25.35 -46.60
C1 NAG DA . -20.93 -10.51 -49.23
C2 NAG DA . -20.29 -11.87 -49.43
C3 NAG DA . -19.61 -11.95 -50.79
C4 NAG DA . -20.60 -11.59 -51.90
C5 NAG DA . -21.26 -10.24 -51.59
C6 NAG DA . -22.35 -9.89 -52.56
C7 NAG DA . -19.67 -12.72 -47.21
C8 NAG DA . -18.55 -12.96 -46.25
N2 NAG DA . -19.32 -12.16 -48.38
O3 NAG DA . -19.11 -13.26 -50.99
O4 NAG DA . -19.92 -11.45 -53.14
O5 NAG DA . -21.86 -10.26 -50.29
O6 NAG DA . -22.93 -11.07 -53.12
O7 NAG DA . -20.83 -13.01 -46.95
C1 NAG DA . -20.13 -12.60 -53.95
C2 NAG DA . -19.99 -12.19 -55.41
C3 NAG DA . -20.11 -13.41 -56.32
C4 NAG DA . -19.12 -14.49 -55.90
C5 NAG DA . -19.28 -14.80 -54.41
C6 NAG DA . -18.22 -15.74 -53.89
C7 NAG DA . -20.70 -9.88 -55.72
C8 NAG DA . -21.82 -8.97 -56.12
N2 NAG DA . -20.96 -11.18 -55.76
O3 NAG DA . -19.85 -13.01 -57.66
O4 NAG DA . -19.35 -15.67 -56.65
O5 NAG DA . -19.17 -13.60 -53.64
O6 NAG DA . -17.46 -15.13 -52.86
O7 NAG DA . -19.61 -9.44 -55.36
C1 NAG EA . -18.44 11.28 -46.27
C2 NAG EA . -17.17 10.64 -46.87
C3 NAG EA . -16.47 11.62 -47.79
C4 NAG EA . -17.42 12.20 -48.82
C5 NAG EA . -18.62 12.81 -48.12
C6 NAG EA . -19.67 13.34 -49.06
C7 NAG EA . -15.70 8.99 -45.83
C8 NAG EA . -14.81 8.69 -44.67
N2 NAG EA . -16.28 10.19 -45.82
O3 NAG EA . -15.41 10.93 -48.45
O4 NAG EA . -16.78 13.25 -49.52
O5 NAG EA . -19.26 11.81 -47.30
O6 NAG EA . -20.82 12.49 -49.07
O7 NAG EA . -15.89 8.18 -46.74
C1 NAG EA . -16.50 12.84 -50.87
C2 NAG EA . -16.17 14.10 -51.61
C3 NAG EA . -15.78 13.77 -53.05
C4 NAG EA . -14.65 12.76 -53.07
C5 NAG EA . -15.01 11.54 -52.20
C6 NAG EA . -13.85 10.58 -52.00
C7 NAG EA . -17.33 16.05 -50.70
C8 NAG EA . -18.52 16.94 -50.80
N2 NAG EA . -17.26 15.05 -51.57
O3 NAG EA . -15.39 14.96 -53.72
O4 NAG EA . -14.33 12.36 -54.40
O5 NAG EA . -15.40 11.96 -50.89
O6 NAG EA . -14.03 9.82 -50.82
O7 NAG EA . -16.44 16.24 -49.87
C1 BMA EA . -13.03 12.91 -54.74
C2 BMA EA . -12.75 12.65 -56.24
C3 BMA EA . -11.45 13.35 -56.67
C4 BMA EA . -11.41 14.82 -56.23
C5 BMA EA . -11.69 14.93 -54.72
C6 BMA EA . -11.74 16.36 -54.23
O2 BMA EA . -13.80 13.19 -57.05
O3 BMA EA . -11.25 13.26 -58.08
O4 BMA EA . -10.16 15.38 -56.53
O5 BMA EA . -12.96 14.32 -54.45
O6 BMA EA . -12.48 16.38 -53.02
C1 NAG FA . -16.49 5.32 -48.26
C2 NAG FA . -15.28 5.87 -49.01
C3 NAG FA . -15.65 7.14 -49.77
C4 NAG FA . -16.87 6.91 -50.65
C5 NAG FA . -18.00 6.36 -49.79
C6 NAG FA . -19.26 6.02 -50.57
C7 NAG FA . -12.92 6.03 -48.42
C8 NAG FA . -11.92 6.33 -47.34
N2 NAG FA . -14.20 6.13 -48.08
O3 NAG FA . -14.55 7.56 -50.57
O4 NAG FA . -17.25 8.14 -51.27
O5 NAG FA . -17.57 5.14 -49.16
O6 NAG FA . -18.93 5.39 -51.80
O7 NAG FA . -12.57 5.71 -49.55
C1 NAG FA . -17.12 7.97 -52.69
C2 NAG FA . -18.16 8.89 -53.34
C3 NAG FA . -18.10 8.77 -54.85
C4 NAG FA . -16.67 9.02 -55.35
C5 NAG FA . -15.68 8.12 -54.60
C6 NAG FA . -14.24 8.41 -54.95
C7 NAG FA . -20.17 9.36 -52.00
C8 NAG FA . -19.47 10.60 -51.54
N2 NAG FA . -19.48 8.58 -52.86
O3 NAG FA . -18.99 9.70 -55.44
O4 NAG FA . -16.60 8.72 -56.75
O5 NAG FA . -15.82 8.30 -53.18
O6 NAG FA . -14.05 9.80 -55.20
O7 NAG FA . -21.29 9.06 -51.61
C1 BMA FA . -16.47 9.94 -57.50
C2 BMA FA . -15.24 9.80 -58.43
C3 BMA FA . -15.13 11.05 -59.32
C4 BMA FA . -16.45 11.35 -60.03
C5 BMA FA . -17.60 11.43 -59.02
C6 BMA FA . -18.94 11.59 -59.70
O2 BMA FA . -15.40 8.70 -59.29
O3 BMA FA . -14.08 10.91 -60.26
O4 BMA FA . -16.36 12.58 -60.73
O5 BMA FA . -17.64 10.20 -58.27
O6 BMA FA . -19.15 10.45 -60.52
C1 NAG GA . -26.62 7.40 -50.60
C2 NAG GA . -26.21 6.36 -51.60
C3 NAG GA . -26.36 6.90 -53.00
C4 NAG GA . -27.77 7.47 -53.21
C5 NAG GA . -28.22 8.36 -52.06
C6 NAG GA . -29.69 8.67 -52.10
C7 NAG GA . -24.55 4.62 -51.14
C8 NAG GA . -23.10 4.32 -50.92
N2 NAG GA . -24.86 5.90 -51.35
O3 NAG GA . -26.10 5.87 -53.93
O4 NAG GA . -27.73 8.30 -54.38
O5 NAG GA . -27.97 7.73 -50.78
O6 NAG GA . -30.33 8.25 -50.90
O7 NAG GA . -25.41 3.74 -51.12
C1 NAG GA . -28.28 7.70 -55.55
C2 NAG GA . -27.95 8.68 -56.69
C3 NAG GA . -28.31 8.10 -58.07
C4 NAG GA . -27.77 6.69 -58.25
C5 NAG GA . -28.22 5.82 -57.07
C6 NAG GA . -27.66 4.42 -57.14
C7 NAG GA . -27.98 10.97 -55.83
C8 NAG GA . -28.77 12.24 -55.71
N2 NAG GA . -28.57 9.97 -56.49
O3 NAG GA . -27.81 8.99 -59.08
O4 NAG GA . -28.24 6.09 -59.45
O5 NAG GA . -27.74 6.40 -55.86
O6 NAG GA . -26.25 4.43 -57.10
O7 NAG GA . -26.85 10.87 -55.37
C1 BMA GA . -27.31 6.23 -60.56
C2 BMA GA . -25.92 5.66 -60.21
C3 BMA GA . -25.00 5.81 -61.42
C4 BMA GA . -25.63 5.21 -62.69
C5 BMA GA . -27.03 5.80 -62.91
C6 BMA GA . -27.75 5.18 -64.09
O2 BMA GA . -26.00 4.27 -59.95
O3 BMA GA . -23.73 5.21 -61.19
O4 BMA GA . -24.81 5.49 -63.81
O5 BMA GA . -27.82 5.58 -61.73
O6 BMA GA . -27.96 3.81 -63.79
C1 NAG HA . -25.98 -12.99 -31.95
C2 NAG HA . -25.75 -13.40 -30.50
C3 NAG HA . -26.19 -14.83 -30.27
C4 NAG HA . -27.64 -15.03 -30.74
C5 NAG HA . -27.79 -14.53 -32.17
C6 NAG HA . -29.23 -14.56 -32.65
C7 NAG HA . -23.28 -13.76 -30.58
C8 NAG HA . -21.99 -13.37 -29.94
N2 NAG HA . -24.37 -13.18 -30.06
O3 NAG HA . -26.08 -15.15 -28.89
O4 NAG HA . -27.99 -16.40 -30.67
O5 NAG HA . -27.34 -13.17 -32.28
O6 NAG HA . -30.12 -14.24 -31.59
O7 NAG HA . -23.33 -14.57 -31.52
C1 NAG HA . -28.93 -16.59 -29.60
C2 NAG HA . -29.63 -17.93 -29.84
C3 NAG HA . -30.59 -18.24 -28.69
C4 NAG HA . -29.86 -18.16 -27.36
C5 NAG HA . -29.14 -16.82 -27.21
C6 NAG HA . -28.29 -16.74 -25.97
C7 NAG HA . -29.86 -18.54 -32.20
C8 NAG HA . -30.71 -18.44 -33.42
N2 NAG HA . -30.33 -17.92 -31.10
O3 NAG HA . -31.14 -19.53 -28.87
O4 NAG HA . -30.79 -18.31 -26.28
O5 NAG HA . -28.28 -16.61 -28.34
O6 NAG HA . -27.97 -18.04 -25.49
O7 NAG HA . -28.80 -19.13 -32.20
C1 NAG IA . -2.40 -41.75 25.37
C2 NAG IA . -3.07 -40.63 26.21
C3 NAG IA . -2.69 -40.75 27.69
C4 NAG IA . -2.97 -42.15 28.22
C5 NAG IA . -2.21 -43.16 27.36
C6 NAG IA . -2.51 -44.59 27.76
C7 NAG IA . -1.59 -38.68 25.69
C8 NAG IA . -1.58 -37.28 25.14
N2 NAG IA . -2.79 -39.29 25.71
O3 NAG IA . -3.41 -39.76 28.42
O4 NAG IA . -2.52 -42.29 29.56
O5 NAG IA . -2.61 -43.03 26.00
O6 NAG IA . -3.90 -44.87 27.68
O7 NAG IA . -0.55 -39.24 26.04
C1 NAG IA . -3.59 -42.13 30.50
C2 NAG IA . -3.69 -43.33 31.47
C3 NAG IA . -4.74 -43.06 32.54
C4 NAG IA . -4.46 -41.75 33.25
C5 NAG IA . -4.37 -40.62 32.22
C6 NAG IA . -3.98 -39.29 32.84
C7 NAG IA . -3.61 -45.76 31.15
C8 NAG IA . -4.02 -46.90 30.29
N2 NAG IA . -4.00 -44.54 30.74
O3 NAG IA . -4.73 -44.12 33.49
O4 NAG IA . -5.52 -41.45 34.16
O5 NAG IA . -3.36 -40.92 31.26
O6 NAG IA . -2.58 -39.26 33.13
O7 NAG IA . -2.96 -45.91 32.19
C1 NAG JA . 45.09 -17.36 -28.15
C2 NAG JA . 46.34 -17.62 -27.32
C3 NAG JA . 47.02 -16.29 -26.95
C4 NAG JA . 47.25 -15.43 -28.18
C5 NAG JA . 45.94 -15.27 -28.95
C6 NAG JA . 46.09 -14.53 -30.26
C7 NAG JA . 46.87 -19.01 -25.35
C8 NAG JA . 46.32 -19.70 -24.15
N2 NAG JA . 45.99 -18.35 -26.12
O3 NAG JA . 48.27 -16.53 -26.32
O4 NAG JA . 47.72 -14.17 -27.74
O5 NAG JA . 45.41 -16.56 -29.29
O6 NAG JA . 47.22 -14.99 -30.97
O7 NAG JA . 48.06 -19.03 -25.62
C1 NAG JA . 49.00 -13.99 -28.36
C2 NAG JA . 49.56 -12.65 -27.89
C3 NAG JA . 50.93 -12.39 -28.51
C4 NAG JA . 51.86 -13.57 -28.27
C5 NAG JA . 51.21 -14.90 -28.65
C6 NAG JA . 52.00 -16.11 -28.23
C7 NAG JA . 48.19 -11.15 -29.35
C8 NAG JA . 47.24 -9.99 -29.34
N2 NAG JA . 48.64 -11.54 -28.16
O3 NAG JA . 51.48 -11.21 -27.95
O4 NAG JA . 53.03 -13.42 -29.08
O5 NAG JA . 49.92 -15.02 -28.02
O6 NAG JA . 51.20 -16.99 -27.46
O7 NAG JA . 48.52 -11.70 -30.40
C1 BMA JA . 54.18 -13.09 -28.27
C2 BMA JA . 55.40 -13.04 -29.23
C3 BMA JA . 56.61 -12.46 -28.51
C4 BMA JA . 56.28 -11.14 -27.78
C5 BMA JA . 55.10 -11.39 -26.83
C6 BMA JA . 54.67 -10.15 -26.09
O2 BMA JA . 55.13 -12.18 -30.33
O3 BMA JA . 57.69 -12.24 -29.42
O4 BMA JA . 57.39 -10.71 -27.03
O5 BMA JA . 53.99 -11.84 -27.60
O6 BMA JA . 53.72 -9.47 -26.91
C1 NAG KA . 37.72 -7.87 -37.09
C2 NAG KA . 37.50 -9.06 -38.02
C3 NAG KA . 38.58 -9.09 -39.09
C4 NAG KA . 38.66 -7.76 -39.81
C5 NAG KA . 38.81 -6.62 -38.80
C6 NAG KA . 38.74 -5.25 -39.43
C7 NAG KA . 38.36 -10.88 -36.53
C8 NAG KA . 38.02 -12.19 -35.91
N2 NAG KA . 37.41 -10.33 -37.31
O3 NAG KA . 38.27 -10.12 -40.03
O4 NAG KA . 39.79 -7.74 -40.67
O5 NAG KA . 37.73 -6.68 -37.84
O6 NAG KA . 37.85 -5.24 -40.54
O7 NAG KA . 39.46 -10.34 -36.35
C1 NAG KA . 39.39 -7.76 -42.05
C2 NAG KA . 40.65 -7.89 -42.90
C3 NAG KA . 40.27 -7.99 -44.38
C4 NAG KA . 39.27 -9.12 -44.60
C5 NAG KA . 38.07 -8.94 -43.68
C6 NAG KA . 37.11 -10.10 -43.74
C7 NAG KA . 42.46 -6.76 -41.69
C8 NAG KA . 43.32 -5.53 -41.60
N2 NAG KA . 41.55 -6.78 -42.68
O3 NAG KA . 41.45 -8.23 -45.15
O4 NAG KA . 38.84 -9.11 -45.96
O5 NAG KA . 38.51 -8.85 -42.32
O6 NAG KA . 37.06 -10.78 -42.50
O7 NAG KA . 42.57 -7.70 -40.90
C1 NAG LA . 20.24 -23.14 -32.93
C2 NAG LA . 19.41 -24.33 -33.43
C3 NAG LA . 19.95 -25.64 -32.85
C4 NAG LA . 21.46 -25.74 -33.03
C5 NAG LA . 22.16 -24.46 -32.59
C6 NAG LA . 23.64 -24.44 -32.89
C7 NAG LA . 17.43 -24.04 -31.93
C8 NAG LA . 15.94 -23.89 -31.92
N2 NAG LA . 17.99 -24.17 -33.15
O3 NAG LA . 19.31 -26.73 -33.50
O4 NAG LA . 21.95 -26.88 -32.33
O5 NAG LA . 21.58 -23.34 -33.26
O6 NAG LA . 23.89 -23.85 -34.16
O7 NAG LA . 18.09 -24.06 -30.89
C1 NAG LA . 22.51 -27.87 -33.24
C2 NAG LA . 21.65 -29.13 -33.20
C3 NAG LA . 22.24 -30.19 -34.12
C4 NAG LA . 22.49 -29.63 -35.52
C5 NAG LA . 23.23 -28.29 -35.47
C6 NAG LA . 23.28 -27.60 -36.81
C7 NAG LA . 20.51 -30.38 -31.42
C8 NAG LA . 20.54 -30.82 -30.00
N2 NAG LA . 21.53 -29.63 -31.84
O3 NAG LA . 21.35 -31.30 -34.21
O4 NAG LA . 23.26 -30.56 -36.27
O5 NAG LA . 22.58 -27.37 -34.57
O6 NAG LA . 24.27 -28.19 -37.65
O7 NAG LA . 19.58 -30.69 -32.18
C1 NAG MA . 5.18 -47.41 2.87
C2 NAG MA . 4.70 -48.22 1.69
C3 NAG MA . 3.20 -48.41 1.79
C4 NAG MA . 2.83 -49.02 3.13
C5 NAG MA . 3.50 -48.27 4.29
C6 NAG MA . 3.36 -48.98 5.61
C7 NAG MA . 6.18 -47.87 -0.23
C8 NAG MA . 6.39 -47.14 -1.52
N2 NAG MA . 5.05 -47.58 0.43
O3 NAG MA . 2.78 -49.26 0.72
O4 NAG MA . 1.42 -48.91 3.32
O5 NAG MA . 4.91 -48.11 4.06
O6 NAG MA . 4.63 -49.15 6.24
O7 NAG MA . 7.00 -48.68 0.22
C1 NAG MA . 0.74 -50.17 3.07
C2 NAG MA . -0.24 -49.93 1.91
C3 NAG MA . -0.96 -51.21 1.53
C4 NAG MA . 0.02 -52.34 1.27
C5 NAG MA . 0.97 -52.49 2.47
C6 NAG MA . 2.04 -53.52 2.24
C7 NAG MA . -2.08 -48.81 3.19
C8 NAG MA . -2.91 -47.58 3.26
N2 NAG MA . -1.17 -48.85 2.19
O3 NAG MA . -1.74 -50.99 0.36
O4 NAG MA . -0.68 -53.57 1.07
O5 NAG MA . 1.63 -51.25 2.74
O6 NAG MA . 1.49 -54.77 1.85
O7 NAG MA . -2.21 -49.73 4.00
C1 NAG NA . 29.20 -29.19 0.61
C2 NAG NA . 29.44 -28.23 -0.53
C3 NAG NA . 30.93 -27.90 -0.66
C4 NAG NA . 31.46 -27.37 0.67
C5 NAG NA . 31.14 -28.36 1.79
C6 NAG NA . 31.50 -27.86 3.17
C7 NAG NA . 27.92 -28.23 -2.44
C8 NAG NA . 27.51 -28.92 -3.71
N2 NAG NA . 28.94 -28.78 -1.78
O3 NAG NA . 31.11 -26.93 -1.68
O4 NAG NA . 32.87 -27.25 0.50
O5 NAG NA . 29.73 -28.63 1.82
O6 NAG NA . 32.88 -28.03 3.43
O7 NAG NA . 27.36 -27.22 -2.04
C1 NAG NA . 33.39 -25.96 0.94
C2 NAG NA . 34.74 -25.76 0.24
C3 NAG NA . 35.36 -24.41 0.62
C4 NAG NA . 34.36 -23.27 0.40
C5 NAG NA . 33.05 -23.59 1.09
C6 NAG NA . 31.97 -22.56 0.83
C7 NAG NA . 36.14 -27.24 1.67
C8 NAG NA . 37.09 -28.40 1.65
N2 NAG NA . 35.68 -26.85 0.48
O3 NAG NA . 36.53 -24.23 -0.16
O4 NAG NA . 34.82 -22.07 1.02
O5 NAG NA . 32.52 -24.85 0.63
O6 NAG NA . 30.82 -23.18 0.26
O7 NAG NA . 35.84 -26.69 2.73
C1 BMA NA . 35.70 -21.23 0.24
C2 BMA NA . 35.12 -19.81 0.15
C3 BMA NA . 36.18 -18.87 -0.42
C4 BMA NA . 37.47 -18.96 0.40
C5 BMA NA . 37.99 -20.38 0.29
C6 BMA NA . 39.26 -20.57 1.08
O2 BMA NA . 34.81 -19.33 1.44
O3 BMA NA . 35.73 -17.53 -0.45
O4 BMA NA . 38.43 -18.06 -0.13
O5 BMA NA . 36.99 -21.26 0.85
O6 BMA NA . 38.97 -20.35 2.45
C1 MAN NA . 35.32 -17.27 -1.82
C2 MAN NA . 36.60 -16.94 -2.65
C3 MAN NA . 37.11 -15.56 -2.29
C4 MAN NA . 36.01 -14.53 -2.47
C5 MAN NA . 34.85 -14.89 -1.54
C6 MAN NA . 33.69 -13.95 -1.71
O2 MAN NA . 36.30 -16.87 -4.04
O3 MAN NA . 38.24 -15.19 -3.08
O4 MAN NA . 36.49 -13.23 -2.15
O5 MAN NA . 34.37 -16.21 -1.87
O6 MAN NA . 33.39 -13.88 -3.10
C1 NAG OA . 39.66 -36.26 0.22
C2 NAG OA . 39.88 -37.65 0.83
C3 NAG OA . 40.06 -37.54 2.34
C4 NAG OA . 41.17 -36.55 2.68
C5 NAG OA . 40.87 -35.22 2.03
C6 NAG OA . 41.98 -34.20 2.23
C7 NAG OA . 38.68 -39.21 -0.63
C8 NAG OA . 37.47 -40.08 -0.79
N2 NAG OA . 38.77 -38.53 0.51
O3 NAG OA . 40.40 -38.83 2.84
O4 NAG OA . 41.14 -36.34 4.08
O5 NAG OA . 40.72 -35.39 0.61
O6 NAG OA . 42.74 -34.07 1.04
O7 NAG OA . 39.53 -39.12 -1.51
C1 NAG OA . 42.27 -36.89 4.77
C2 NAG OA . 41.95 -36.78 6.26
C3 NAG OA . 43.07 -37.39 7.09
C4 NAG OA . 43.39 -38.81 6.62
C5 NAG OA . 43.60 -38.85 5.11
C6 NAG OA . 43.72 -40.26 4.57
C7 NAG OA . 40.52 -34.80 6.58
C8 NAG OA . 40.48 -33.37 7.02
N2 NAG OA . 41.73 -35.39 6.65
O3 NAG OA . 42.69 -37.41 8.47
O4 NAG OA . 44.55 -39.29 7.28
O5 NAG OA . 42.50 -38.24 4.43
O6 NAG OA . 43.04 -41.19 5.40
O7 NAG OA . 39.54 -35.39 6.18
C1 NAG PA . 48.20 -19.43 -10.00
C2 NAG PA . 49.13 -19.94 -8.92
C3 NAG PA . 49.46 -18.82 -7.93
C4 NAG PA . 49.93 -17.57 -8.64
C5 NAG PA . 49.01 -17.20 -9.81
C6 NAG PA . 49.57 -16.10 -10.67
C7 NAG PA . 49.30 -22.12 -7.81
C8 NAG PA . 48.56 -23.22 -7.12
N2 NAG PA . 48.57 -21.09 -8.24
O3 NAG PA . 50.44 -19.28 -7.01
O4 NAG PA . 49.99 -16.49 -7.72
O5 NAG PA . 48.79 -18.33 -10.66
O6 NAG PA . 50.99 -16.23 -10.81
O7 NAG PA . 50.51 -22.15 -7.97
C1 NAG PA . 51.36 -16.10 -7.51
C2 NAG PA . 51.41 -14.62 -7.13
C3 NAG PA . 52.84 -14.19 -6.83
C4 NAG PA . 53.46 -15.12 -5.78
C5 NAG PA . 53.34 -16.57 -6.24
C6 NAG PA . 53.83 -17.56 -5.22
C7 NAG PA . 49.55 -13.49 -8.29
C8 NAG PA . 49.15 -12.62 -9.43
N2 NAG PA . 50.85 -13.79 -8.19
O3 NAG PA . 52.84 -12.85 -6.35
O4 NAG PA . 54.83 -14.79 -5.61
O5 NAG PA . 51.96 -16.89 -6.48
O6 NAG PA . 53.02 -18.73 -5.20
O7 NAG PA . 48.74 -13.90 -7.47
C1 NAG QA . 42.25 -38.45 -6.78
C2 NAG QA . 43.21 -37.33 -6.46
C3 NAG QA . 44.35 -37.30 -7.48
C4 NAG QA . 45.01 -38.67 -7.56
C5 NAG QA . 43.96 -39.75 -7.83
C6 NAG QA . 44.53 -41.14 -7.78
C7 NAG QA . 42.09 -35.50 -5.28
C8 NAG QA . 41.45 -34.16 -5.39
N2 NAG QA . 42.55 -36.04 -6.41
O3 NAG QA . 45.29 -36.31 -7.09
O4 NAG QA . 45.96 -38.69 -8.62
O5 NAG QA . 42.95 -39.69 -6.81
O6 NAG QA . 45.61 -41.22 -6.86
O7 NAG QA . 42.18 -36.09 -4.20
C1 NAG QA . 47.30 -38.63 -8.09
C2 NAG QA . 48.26 -38.88 -9.24
C3 NAG QA . 49.71 -38.75 -8.75
C4 NAG QA . 49.91 -37.41 -8.07
C5 NAG QA . 48.87 -37.20 -6.97
C6 NAG QA . 48.91 -35.83 -6.38
C7 NAG QA . 48.28 -40.45 -11.12
C8 NAG QA . 47.99 -41.84 -11.58
N2 NAG QA . 48.04 -40.18 -9.84
O3 NAG QA . 50.59 -38.87 -9.86
O4 NAG QA . 51.22 -37.35 -7.49
O5 NAG QA . 47.55 -37.35 -7.52
O6 NAG QA . 47.70 -35.12 -6.64
O7 NAG QA . 48.72 -39.59 -11.89
C1 NAG RA . 27.30 -46.22 -20.52
C2 NAG RA . 27.86 -45.02 -21.30
C3 NAG RA . 27.82 -45.28 -22.80
C4 NAG RA . 28.49 -46.60 -23.14
C5 NAG RA . 27.87 -47.72 -22.31
C6 NAG RA . 28.54 -49.05 -22.52
C7 NAG RA . 27.70 -42.61 -20.93
C8 NAG RA . 26.81 -41.46 -20.57
N2 NAG RA . 27.12 -43.81 -20.97
O3 NAG RA . 28.48 -44.22 -23.46
O4 NAG RA . 28.26 -46.87 -24.52
O5 NAG RA . 27.98 -47.42 -20.92
O6 NAG RA . 28.28 -49.56 -23.82
O7 NAG RA . 28.88 -42.45 -21.19
C1 NAG RA . 29.50 -46.82 -25.25
C2 NAG RA . 29.23 -47.31 -26.66
C3 NAG RA . 30.52 -47.28 -27.47
C4 NAG RA . 31.14 -45.88 -27.44
C5 NAG RA . 31.29 -45.40 -26.00
C6 NAG RA . 31.69 -43.94 -25.91
C7 NAG RA . 27.37 -48.86 -26.96
C8 NAG RA . 26.92 -50.29 -26.92
N2 NAG RA . 28.65 -48.64 -26.66
O3 NAG RA . 30.24 -47.66 -28.81
O4 NAG RA . 32.44 -45.93 -28.02
O5 NAG RA . 30.03 -45.49 -25.31
O6 NAG RA . 31.15 -43.31 -24.76
O7 NAG RA . 26.60 -47.96 -27.26
C1 BMA RA . 32.45 -45.29 -29.32
C2 BMA RA . 33.92 -45.15 -29.77
C3 BMA RA . 33.99 -44.62 -31.20
C4 BMA RA . 33.07 -45.41 -32.15
C5 BMA RA . 31.64 -45.43 -31.59
C6 BMA RA . 30.68 -46.25 -32.44
O2 BMA RA . 34.56 -46.42 -29.79
O3 BMA RA . 35.32 -44.62 -31.70
O4 BMA RA . 33.05 -44.81 -33.43
O5 BMA RA . 31.69 -46.03 -30.28
O6 BMA RA . 29.36 -46.01 -31.98
C1 NAG SA . 31.90 -42.24 -19.25
C2 NAG SA . 32.04 -41.96 -20.75
C3 NAG SA . 32.04 -43.27 -21.53
C4 NAG SA . 33.05 -44.26 -20.98
C5 NAG SA . 32.80 -44.44 -19.48
C6 NAG SA . 33.84 -45.30 -18.81
C7 NAG SA . 31.02 -40.36 -22.30
C8 NAG SA . 29.80 -39.55 -22.61
N2 NAG SA . 30.96 -41.11 -21.19
O3 NAG SA . 32.37 -43.00 -22.89
O4 NAG SA . 32.92 -45.51 -21.66
O5 NAG SA . 32.88 -43.16 -18.85
O6 NAG SA . 35.14 -45.00 -19.29
O7 NAG SA . 32.00 -40.36 -23.03
C1 NAG SA . 34.15 -45.79 -22.36
C2 NAG SA . 34.39 -47.30 -22.29
C3 NAG SA . 35.70 -47.64 -23.00
C4 NAG SA . 35.70 -47.10 -24.42
C5 NAG SA . 35.32 -45.62 -24.44
C6 NAG SA . 35.11 -45.10 -25.85
C7 NAG SA . 33.66 -48.77 -20.46
C8 NAG SA . 32.74 -49.41 -21.45
N2 NAG SA . 34.42 -47.76 -20.92
O3 NAG SA . 35.88 -49.05 -23.01
O4 NAG SA . 37.00 -47.25 -24.98
O5 NAG SA . 34.10 -45.39 -23.74
O6 NAG SA . 34.48 -46.07 -26.66
O7 NAG SA . 33.72 -49.14 -19.28
C1 BMA SA . 36.99 -48.24 -26.03
C2 BMA SA . 37.91 -47.75 -27.16
C3 BMA SA . 38.00 -48.82 -28.25
C4 BMA SA . 38.37 -50.20 -27.66
C5 BMA SA . 37.39 -50.56 -26.53
C6 BMA SA . 37.74 -51.87 -25.84
O2 BMA SA . 39.23 -47.57 -26.68
O3 BMA SA . 38.93 -48.46 -29.26
O4 BMA SA . 38.30 -51.19 -28.68
O5 BMA SA . 37.42 -49.51 -25.53
O6 BMA SA . 38.92 -51.65 -25.07
C1 NAG TA . 32.47 -52.21 -15.33
C2 NAG TA . 33.83 -51.58 -15.55
C3 NAG TA . 34.62 -52.43 -16.52
C4 NAG TA . 34.68 -53.88 -16.05
C5 NAG TA . 33.30 -54.40 -15.64
C6 NAG TA . 33.37 -55.71 -14.90
C7 NAG TA . 34.49 -49.23 -15.63
C8 NAG TA . 34.23 -47.89 -16.25
N2 NAG TA . 33.70 -50.23 -16.05
O3 NAG TA . 35.95 -51.91 -16.62
O4 NAG TA . 35.14 -54.67 -17.14
O5 NAG TA . 32.63 -53.48 -14.76
O6 NAG TA . 34.58 -55.82 -14.15
O7 NAG TA . 35.36 -49.41 -14.79
C1 NAG TA . 36.42 -55.25 -16.86
C2 NAG TA . 36.75 -56.16 -18.07
C3 NAG TA . 38.17 -56.72 -17.99
C4 NAG TA . 39.19 -55.63 -17.69
C5 NAG TA . 38.77 -54.86 -16.45
C6 NAG TA . 39.69 -53.71 -16.12
C7 NAG TA . 34.66 -57.09 -18.94
C8 NAG TA . 33.77 -58.30 -18.98
N2 NAG TA . 35.78 -57.22 -18.21
O3 NAG TA . 38.45 -57.37 -19.22
O4 NAG TA . 40.48 -56.19 -17.42
O5 NAG TA . 37.47 -54.29 -16.67
O6 NAG TA . 40.58 -53.42 -17.19
O7 NAG TA . 34.39 -56.05 -19.52
C1 BMA TA . 41.37 -56.47 -18.54
C2 BMA TA . 41.21 -55.45 -19.71
C3 BMA TA . 42.13 -55.87 -20.84
C4 BMA TA . 43.59 -56.01 -20.34
C5 BMA TA . 43.66 -56.93 -19.10
C6 BMA TA . 45.05 -56.95 -18.47
O2 BMA TA . 41.64 -54.16 -19.32
O3 BMA TA . 42.07 -54.97 -21.93
O4 BMA TA . 44.40 -56.55 -21.37
O5 BMA TA . 42.74 -56.45 -18.10
O6 BMA TA . 45.38 -55.63 -18.08
C1 NAG UA . 30.07 -34.75 6.20
C2 NAG UA . 29.26 -33.61 6.82
C3 NAG UA . 29.89 -33.18 8.14
C4 NAG UA . 30.05 -34.38 9.06
C5 NAG UA . 30.81 -35.50 8.34
C6 NAG UA . 30.89 -36.77 9.15
C7 NAG UA . 30.08 -31.76 5.37
C8 NAG UA . 29.64 -30.65 4.46
N2 NAG UA . 29.10 -32.49 5.91
O3 NAG UA . 29.06 -32.20 8.75
O4 NAG UA . 30.76 -33.99 10.23
O5 NAG UA . 30.15 -35.82 7.11
O6 NAG UA . 29.67 -37.00 9.85
O7 NAG UA . 31.28 -31.96 5.59
C1 NAG UA . 29.87 -34.07 11.35
C2 NAG UA . 30.68 -34.20 12.63
C3 NAG UA . 29.77 -34.22 13.85
C4 NAG UA . 28.86 -33.00 13.85
C5 NAG UA . 28.12 -32.89 12.53
C6 NAG UA . 27.32 -31.62 12.40
C7 NAG UA . 32.70 -35.46 12.04
C8 NAG UA . 33.40 -36.80 12.09
N2 NAG UA . 31.49 -35.41 12.60
O3 NAG UA . 30.56 -34.23 15.03
O4 NAG UA . 27.92 -33.09 14.91
O5 NAG UA . 29.05 -32.89 11.43
O6 NAG UA . 26.75 -31.25 13.66
O7 NAG UA . 33.22 -34.49 11.50
C1 NAG VA . -29.12 19.41 8.26
C2 NAG VA . -30.59 19.38 7.82
C3 NAG VA . -30.74 20.00 6.44
C4 NAG VA . -30.12 21.39 6.39
C5 NAG VA . -28.67 21.34 6.88
C6 NAG VA . -28.02 22.69 6.99
C7 NAG VA . -31.63 17.45 8.92
C8 NAG VA . -32.11 16.04 8.76
N2 NAG VA . -31.11 18.02 7.83
O3 NAG VA . -32.12 20.07 6.11
O4 NAG VA . -30.15 21.91 5.08
O5 NAG VA . -28.62 20.75 8.19
O6 NAG VA . -26.75 22.62 7.59
O7 NAG VA . -31.69 18.03 9.99
C1 NAG WA . -21.24 -38.03 6.30
C2 NAG WA . -20.78 -39.29 7.05
C3 NAG WA . -19.86 -40.13 6.17
C4 NAG WA . -20.52 -40.44 4.83
C5 NAG WA . -20.97 -39.14 4.17
C6 NAG WA . -21.74 -39.37 2.90
C7 NAG WA . -20.79 -38.80 9.46
C8 NAG WA . -19.96 -38.43 10.65
N2 NAG WA . -20.12 -38.94 8.31
O3 NAG WA . -19.54 -41.35 6.84
O4 NAG WA . -19.60 -41.10 3.98
O5 NAG WA . -21.85 -38.41 5.05
O6 NAG WA . -22.91 -38.56 2.85
O7 NAG WA . -22.00 -38.94 9.53
C1 NAG XA . 41.01 26.30 -26.54
C2 NAG XA . 41.98 27.36 -26.04
C3 NAG XA . 43.38 26.77 -25.85
C4 NAG XA . 43.32 25.51 -24.98
C5 NAG XA . 42.28 24.54 -25.54
C6 NAG XA . 42.09 23.33 -24.65
C7 NAG XA . 42.38 28.56 -28.20
C8 NAG XA . 42.31 29.90 -28.86
N2 NAG XA . 42.02 28.54 -26.91
O3 NAG XA . 44.23 27.73 -25.23
O4 NAG XA . 44.59 24.88 -24.96
O5 NAG XA . 41.01 25.18 -25.64
O6 NAG XA . 41.99 23.72 -23.29
O7 NAG XA . 42.77 27.56 -28.81
C1 NAG YA . 32.16 42.97 11.75
C2 NAG YA . 32.47 44.45 11.48
C3 NAG YA . 33.31 45.05 12.62
C4 NAG YA . 32.67 44.76 13.97
C5 NAG YA . 32.32 43.28 14.12
C6 NAG YA . 31.53 42.98 15.37
C7 NAG YA . 34.12 44.43 9.49
C8 NAG YA . 35.14 43.53 10.17
N2 NAG YA . 32.99 44.78 10.14
O3 NAG YA . 33.43 46.45 12.42
O4 NAG YA . 33.56 45.13 15.02
O5 NAG YA . 31.52 42.84 13.00
O6 NAG YA . 31.84 43.91 16.40
O7 NAG YA . 34.33 44.84 8.34
C1 NAG ZA . 33.64 34.61 29.08
C2 NAG ZA . 33.44 34.25 30.55
C3 NAG ZA . 31.96 34.15 30.87
C4 NAG ZA . 31.25 35.44 30.47
C5 NAG ZA . 31.53 35.77 29.01
C6 NAG ZA . 30.96 37.10 28.58
C7 NAG ZA . 34.73 32.81 32.05
C8 NAG ZA . 35.38 31.48 32.24
N2 NAG ZA . 34.13 33.02 30.88
O3 NAG ZA . 31.80 33.92 32.26
O4 NAG ZA . 29.85 35.29 30.65
O5 NAG ZA . 32.94 35.83 28.78
O6 NAG ZA . 29.62 36.98 28.11
O7 NAG ZA . 34.74 33.68 32.92
C1 NAG AB . 31.46 12.41 23.77
C2 NAG AB . 32.62 11.85 24.57
C3 NAG AB . 32.17 10.58 25.29
C4 NAG AB . 30.94 10.88 26.15
C5 NAG AB . 29.85 11.57 25.32
C6 NAG AB . 28.70 12.06 26.15
C7 NAG AB . 34.71 12.46 23.45
C8 NAG AB . 35.83 12.01 22.57
N2 NAG AB . 33.77 11.57 23.72
O3 NAG AB . 33.24 10.08 26.09
O4 NAG AB . 30.41 9.66 26.65
O5 NAG AB . 30.40 12.72 24.64
O6 NAG AB . 28.29 13.37 25.77
O7 NAG AB . 34.65 13.61 23.87
C1 NAG BB . 2.89 1.95 -57.77
C2 NAG BB . 2.07 2.44 -58.99
C3 NAG BB . 2.14 3.97 -59.12
C4 NAG BB . 1.81 4.65 -57.80
C5 NAG BB . 2.69 4.09 -56.69
C6 NAG BB . 2.38 4.68 -55.33
C7 NAG BB . 3.68 1.91 -60.82
C8 NAG BB . 3.84 1.16 -62.11
N2 NAG BB . 2.48 1.80 -60.23
O3 NAG BB . 1.24 4.41 -60.13
O4 NAG BB . 2.04 6.06 -57.90
O5 NAG BB . 2.48 2.68 -56.59
O6 NAG BB . 1.75 5.94 -55.46
O7 NAG BB . 4.61 2.57 -60.34
C1 NAG CB . -37.12 0.63 -45.75
C2 NAG CB . -37.77 0.02 -47.00
C3 NAG CB . -38.80 0.98 -47.62
C4 NAG CB . -39.78 1.47 -46.55
C5 NAG CB . -39.05 1.98 -45.30
C6 NAG CB . -39.98 2.30 -44.17
C7 NAG CB . -35.87 -0.01 -48.77
C8 NAG CB . -35.60 1.48 -48.71
N2 NAG CB . -36.85 -0.55 -47.99
O3 NAG CB . -39.49 0.33 -48.68
O4 NAG CB . -40.58 2.51 -47.08
O5 NAG CB . -38.13 0.98 -44.83
O6 NAG CB . -41.24 2.76 -44.65
O7 NAG CB . -35.21 -0.73 -49.52
C1 NAG DB . -46.69 12.18 -32.87
C2 NAG DB . -47.84 12.83 -32.10
C3 NAG DB . -48.30 11.90 -30.98
C4 NAG DB . -48.67 10.54 -31.55
C5 NAG DB . -47.51 9.96 -32.35
C6 NAG DB . -47.85 8.67 -33.05
C7 NAG DB . -48.13 15.24 -31.79
C8 NAG DB . -47.57 16.48 -31.15
N2 NAG DB . -47.44 14.11 -31.56
O3 NAG DB . -49.43 12.48 -30.33
O4 NAG DB . -48.98 9.64 -30.49
O5 NAG DB . -47.11 10.90 -33.38
O6 NAG DB . -48.00 7.61 -32.13
O7 NAG DB . -49.15 15.26 -32.45
C1 NAG EB . -28.36 18.87 -19.16
C2 NAG EB . -28.79 20.34 -19.20
C3 NAG EB . -28.89 20.89 -17.79
C4 NAG EB . -29.84 20.03 -16.96
C5 NAG EB . -29.39 18.56 -17.00
C6 NAG EB . -30.37 17.64 -16.32
C7 NAG EB . -28.19 21.56 -21.24
C8 NAG EB . -27.14 22.39 -21.92
N2 NAG EB . -27.89 21.15 -20.00
O3 NAG EB . -29.37 22.22 -17.83
O4 NAG EB . -29.85 20.48 -15.61
O5 NAG EB . -29.27 18.12 -18.35
O6 NAG EB . -31.32 17.12 -17.26
O7 NAG EB . -29.25 21.29 -21.78
C1 NAG FB . 14.71 -5.36 36.34
C2 NAG FB . 15.10 -4.08 37.07
C3 NAG FB . 16.41 -3.52 36.51
C4 NAG FB . 17.49 -4.59 36.52
C5 NAG FB . 17.01 -5.84 35.79
C6 NAG FB . 18.00 -6.98 35.86
C7 NAG FB . 13.00 -3.08 37.83
C8 NAG FB . 12.00 -1.99 37.61
N2 NAG FB . 14.04 -3.08 37.00
O3 NAG FB . 16.81 -2.40 37.27
O4 NAG FB . 18.66 -4.09 35.86
O5 NAG FB . 15.80 -6.31 36.40
O6 NAG FB . 17.40 -8.14 36.43
O7 NAG FB . 12.85 -3.93 38.70
C1 NAG GB . 42.29 -28.45 -33.37
C2 NAG GB . 43.08 -29.69 -33.85
C3 NAG GB . 42.29 -30.50 -34.88
C4 NAG GB . 40.89 -30.81 -34.38
C5 NAG GB . 40.19 -29.51 -33.95
C6 NAG GB . 38.84 -29.76 -33.35
C7 NAG GB . 44.67 -28.63 -35.46
C8 NAG GB . 46.13 -28.43 -35.77
N2 NAG GB . 44.41 -29.35 -34.35
O3 NAG GB . 42.98 -31.71 -35.16
O4 NAG GB . 40.13 -31.43 -35.39
O5 NAG GB . 40.98 -28.85 -32.95
O6 NAG GB . 38.80 -31.01 -32.68
O7 NAG GB . 43.80 -28.11 -36.14
C1 NAG HB . 32.62 -55.29 -2.03
C2 NAG HB . 33.98 -55.93 -2.29
C3 NAG HB . 33.92 -57.45 -2.10
C4 NAG HB . 33.29 -57.80 -0.76
C5 NAG HB . 31.97 -57.05 -0.56
C6 NAG HB . 31.40 -57.23 0.83
C7 NAG HB . 34.34 -55.69 -4.85
C8 NAG HB . 33.08 -56.45 -5.24
N2 NAG HB . 34.65 -55.53 -3.54
O3 NAG HB . 35.23 -58.00 -2.19
O4 NAG HB . 33.04 -59.21 -0.70
O5 NAG HB . 32.17 -55.64 -0.75
O6 NAG HB . 31.80 -58.47 1.40
O7 NAG HB . 35.09 -55.24 -5.72
C1 NAG IB . 15.14 -63.16 2.76
C2 NAG IB . 13.68 -63.53 2.99
C3 NAG IB . 13.17 -62.86 4.27
C4 NAG IB . 14.08 -63.22 5.44
C5 NAG IB . 15.53 -62.87 5.11
C6 NAG IB . 16.49 -63.32 6.18
C7 NAG IB . 12.47 -64.01 0.91
C8 NAG IB . 11.62 -63.45 -0.19
N2 NAG IB . 12.85 -63.15 1.86
O3 NAG IB . 11.84 -63.30 4.52
O4 NAG IB . 13.67 -62.49 6.59
O5 NAG IB . 15.92 -63.53 3.89
O6 NAG IB . 16.40 -62.50 7.33
O7 NAG IB . 12.80 -65.20 0.95
C1 NAG JB . 0.55 -47.87 -6.79
C2 NAG JB . -0.29 -48.65 -7.78
C3 NAG JB . -1.75 -48.22 -7.67
C4 NAG JB . -2.24 -48.37 -6.24
C5 NAG JB . -1.28 -47.67 -5.26
C6 NAG JB . -1.60 -47.94 -3.82
C7 NAG JB . 0.42 -49.52 -9.97
C8 NAG JB . 0.91 -49.17 -11.34
N2 NAG JB . 0.18 -48.49 -9.15
O3 NAG JB . -2.54 -49.01 -8.56
O4 NAG JB . -3.52 -47.77 -6.12
O5 NAG JB . 0.07 -48.11 -5.48
O6 NAG JB . -0.50 -48.53 -3.13
O7 NAG JB . 0.24 -50.68 -9.61
#